data_435D
# 
_entry.id   435D 
# 
_audit_conform.dict_name       mmcif_pdbx.dic 
_audit_conform.dict_version    5.389 
_audit_conform.dict_location   http://mmcif.pdb.org/dictionaries/ascii/mmcif_pdbx.dic 
# 
loop_
_database_2.database_id 
_database_2.database_code 
_database_2.pdbx_database_accession 
_database_2.pdbx_DOI 
PDB   435D         pdb_0000435d 10.2210/pdb435d/pdb 
RCSB  AR0010       ?            ?                   
WWPDB D_1000179230 ?            ?                   
# 
loop_
_pdbx_audit_revision_history.ordinal 
_pdbx_audit_revision_history.data_content_type 
_pdbx_audit_revision_history.major_revision 
_pdbx_audit_revision_history.minor_revision 
_pdbx_audit_revision_history.revision_date 
1 'Structure model' 1 0 1999-06-14 
2 'Structure model' 1 1 2008-05-22 
3 'Structure model' 1 2 2011-07-13 
4 'Structure model' 1 3 2024-02-28 
5 'Structure model' 1 4 2024-04-03 
# 
_pdbx_audit_revision_details.ordinal             1 
_pdbx_audit_revision_details.revision_ordinal    1 
_pdbx_audit_revision_details.data_content_type   'Structure model' 
_pdbx_audit_revision_details.provider            repository 
_pdbx_audit_revision_details.type                'Initial release' 
_pdbx_audit_revision_details.description         ? 
_pdbx_audit_revision_details.details             ? 
# 
loop_
_pdbx_audit_revision_group.ordinal 
_pdbx_audit_revision_group.revision_ordinal 
_pdbx_audit_revision_group.data_content_type 
_pdbx_audit_revision_group.group 
1 2 'Structure model' 'Version format compliance' 
2 3 'Structure model' 'Version format compliance' 
3 4 'Structure model' 'Data collection'           
4 4 'Structure model' 'Database references'       
5 4 'Structure model' 'Derived calculations'      
6 5 'Structure model' 'Refinement description'    
# 
loop_
_pdbx_audit_revision_category.ordinal 
_pdbx_audit_revision_category.revision_ordinal 
_pdbx_audit_revision_category.data_content_type 
_pdbx_audit_revision_category.category 
1 4 'Structure model' chem_comp_atom                
2 4 'Structure model' chem_comp_bond                
3 4 'Structure model' database_2                    
4 4 'Structure model' diffrn_source                 
5 4 'Structure model' pdbx_struct_conn_angle        
6 4 'Structure model' struct_conn                   
7 4 'Structure model' struct_site                   
8 5 'Structure model' pdbx_initial_refinement_model 
# 
loop_
_pdbx_audit_revision_item.ordinal 
_pdbx_audit_revision_item.revision_ordinal 
_pdbx_audit_revision_item.data_content_type 
_pdbx_audit_revision_item.item 
1  4 'Structure model' '_database_2.pdbx_DOI'                        
2  4 'Structure model' '_database_2.pdbx_database_accession'         
3  4 'Structure model' '_diffrn_source.pdbx_synchrotron_site'        
4  4 'Structure model' '_pdbx_struct_conn_angle.ptnr1_auth_asym_id'  
5  4 'Structure model' '_pdbx_struct_conn_angle.ptnr1_auth_seq_id'   
6  4 'Structure model' '_pdbx_struct_conn_angle.ptnr1_label_asym_id' 
7  4 'Structure model' '_pdbx_struct_conn_angle.ptnr3_auth_asym_id'  
8  4 'Structure model' '_pdbx_struct_conn_angle.ptnr3_auth_seq_id'   
9  4 'Structure model' '_pdbx_struct_conn_angle.ptnr3_label_asym_id' 
10 4 'Structure model' '_pdbx_struct_conn_angle.value'               
11 4 'Structure model' '_struct_conn.pdbx_dist_value'                
12 4 'Structure model' '_struct_conn.ptnr1_auth_asym_id'             
13 4 'Structure model' '_struct_conn.ptnr1_auth_comp_id'             
14 4 'Structure model' '_struct_conn.ptnr1_auth_seq_id'              
15 4 'Structure model' '_struct_conn.ptnr1_label_asym_id'            
16 4 'Structure model' '_struct_conn.ptnr1_label_atom_id'            
17 4 'Structure model' '_struct_conn.ptnr1_label_comp_id'            
18 4 'Structure model' '_struct_conn.ptnr2_auth_asym_id'             
19 4 'Structure model' '_struct_conn.ptnr2_auth_comp_id'             
20 4 'Structure model' '_struct_conn.ptnr2_auth_seq_id'              
21 4 'Structure model' '_struct_conn.ptnr2_label_asym_id'            
22 4 'Structure model' '_struct_conn.ptnr2_label_atom_id'            
23 4 'Structure model' '_struct_conn.ptnr2_label_comp_id'            
24 4 'Structure model' '_struct_site.pdbx_auth_asym_id'              
25 4 'Structure model' '_struct_site.pdbx_auth_comp_id'              
26 4 'Structure model' '_struct_site.pdbx_auth_seq_id'               
# 
_pdbx_database_status.status_code                     REL 
_pdbx_database_status.entry_id                        435D 
_pdbx_database_status.recvd_initial_deposition_date   1998-10-23 
_pdbx_database_status.deposit_site                    NDB 
_pdbx_database_status.process_site                    NDB 
_pdbx_database_status.status_code_sf                  REL 
_pdbx_database_status.status_code_mr                  ? 
_pdbx_database_status.SG_entry                        ? 
_pdbx_database_status.pdb_format_compatible           Y 
_pdbx_database_status.status_code_cs                  ? 
_pdbx_database_status.status_code_nmr_data            ? 
_pdbx_database_status.methods_development_category    ? 
# 
loop_
_audit_author.name 
_audit_author.pdbx_ordinal 
'Mueller, U.'   1 
'Schuebel, H.'  2 
'Sprinzl, M.'   3 
'Heinemann, U.' 4 
# 
_citation.id                        primary 
_citation.title                     
'Crystal structure of acceptor stem of tRNA(Ala) from Escherichia coli shows unique G.U wobble base pair at 1.16 A resolution.' 
_citation.journal_abbrev            RNA 
_citation.journal_volume            5 
_citation.page_first                670 
_citation.page_last                 677 
_citation.year                      1999 
_citation.journal_id_ASTM           RNARFU 
_citation.country                   UK 
_citation.journal_id_ISSN           1355-8382 
_citation.journal_id_CSD            2122 
_citation.book_publisher            ? 
_citation.pdbx_database_id_PubMed   10334337 
_citation.pdbx_database_id_DOI      10.1017/S1355838299982304 
# 
loop_
_citation_author.citation_id 
_citation_author.name 
_citation_author.ordinal 
_citation_author.identifier_ORCID 
primary 'Mueller, U.'   1 ? 
primary 'Schubel, H.'   2 ? 
primary 'Sprinzl, M.'   3 ? 
primary 'Heinemann, U.' 4 ? 
# 
loop_
_entity.id 
_entity.type 
_entity.src_method 
_entity.pdbx_description 
_entity.formula_weight 
_entity.pdbx_number_of_molecules 
_entity.pdbx_ec 
_entity.pdbx_mutation 
_entity.pdbx_fragment 
_entity.details 
1 polymer     syn 
;RNA (5'-R(*UP*AP*GP*CP*CP*CP*C)-3')
;
2156.347 2   ? ? ? ? 
2 polymer     syn 
;RNA (5'-R(*GP*GP*GP*GP*CP*UP*A)-3')
;
2276.419 2   ? ? ? ? 
3 non-polymer syn 'SODIUM ION'                          22.990   2   ? ? ? ? 
4 water       nat water                                 18.015   133 ? ? ? ? 
# 
loop_
_entity_poly.entity_id 
_entity_poly.type 
_entity_poly.nstd_linkage 
_entity_poly.nstd_monomer 
_entity_poly.pdbx_seq_one_letter_code 
_entity_poly.pdbx_seq_one_letter_code_can 
_entity_poly.pdbx_strand_id 
_entity_poly.pdbx_target_identifier 
1 polyribonucleotide no no UAGCCCC UAGCCCC A,C ? 
2 polyribonucleotide no no GGGGCUA GGGGCUA B,D ? 
# 
loop_
_pdbx_entity_nonpoly.entity_id 
_pdbx_entity_nonpoly.name 
_pdbx_entity_nonpoly.comp_id 
3 'SODIUM ION' NA  
4 water        HOH 
# 
loop_
_entity_poly_seq.entity_id 
_entity_poly_seq.num 
_entity_poly_seq.mon_id 
_entity_poly_seq.hetero 
1 1 U n 
1 2 A n 
1 3 G n 
1 4 C n 
1 5 C n 
1 6 C n 
1 7 C n 
2 1 G n 
2 2 G n 
2 3 G n 
2 4 G n 
2 5 C n 
2 6 U n 
2 7 A n 
# 
loop_
_chem_comp.id 
_chem_comp.type 
_chem_comp.mon_nstd_flag 
_chem_comp.name 
_chem_comp.pdbx_synonyms 
_chem_comp.formula 
_chem_comp.formula_weight 
A   'RNA linking' y "ADENOSINE-5'-MONOPHOSPHATE" ? 'C10 H14 N5 O7 P' 347.221 
C   'RNA linking' y "CYTIDINE-5'-MONOPHOSPHATE"  ? 'C9 H14 N3 O8 P'  323.197 
G   'RNA linking' y "GUANOSINE-5'-MONOPHOSPHATE" ? 'C10 H14 N5 O8 P' 363.221 
HOH non-polymer   . WATER                        ? 'H2 O'            18.015  
NA  non-polymer   . 'SODIUM ION'                 ? 'Na 1'            22.990  
U   'RNA linking' y "URIDINE-5'-MONOPHOSPHATE"   ? 'C9 H13 N2 O9 P'  324.181 
# 
loop_
_pdbx_poly_seq_scheme.asym_id 
_pdbx_poly_seq_scheme.entity_id 
_pdbx_poly_seq_scheme.seq_id 
_pdbx_poly_seq_scheme.mon_id 
_pdbx_poly_seq_scheme.ndb_seq_num 
_pdbx_poly_seq_scheme.pdb_seq_num 
_pdbx_poly_seq_scheme.auth_seq_num 
_pdbx_poly_seq_scheme.pdb_mon_id 
_pdbx_poly_seq_scheme.auth_mon_id 
_pdbx_poly_seq_scheme.pdb_strand_id 
_pdbx_poly_seq_scheme.pdb_ins_code 
_pdbx_poly_seq_scheme.hetero 
A 1 1 U 1 1  1  U U A . n 
A 1 2 A 2 2  2  A A A . n 
A 1 3 G 3 3  3  G G A . n 
A 1 4 C 4 4  4  C C A . n 
A 1 5 C 5 5  5  C C A . n 
A 1 6 C 6 6  6  C C A . n 
A 1 7 C 7 7  7  C C A . n 
B 2 1 G 1 8  8  G G B . n 
B 2 2 G 2 9  9  G G B . n 
B 2 3 G 3 10 10 G G B . n 
B 2 4 G 4 11 11 G G B . n 
B 2 5 C 5 12 12 C C B . n 
B 2 6 U 6 13 13 U U B . n 
B 2 7 A 7 14 14 A A B . n 
C 1 1 U 1 1  1  U U C . n 
C 1 2 A 2 2  2  A A C . n 
C 1 3 G 3 3  3  G G C . n 
C 1 4 C 4 4  4  C C C . n 
C 1 5 C 5 5  5  C C C . n 
C 1 6 C 6 6  6  C C C . n 
C 1 7 C 7 7  7  C C C . n 
D 2 1 G 1 8  8  G G D . n 
D 2 2 G 2 9  9  G G D . n 
D 2 3 G 3 10 10 G G D . n 
D 2 4 G 4 11 11 G G D . n 
D 2 5 C 5 12 12 C C D . n 
D 2 6 U 6 13 13 U U D . n 
D 2 7 A 7 14 14 A A D . n 
# 
loop_
_pdbx_nonpoly_scheme.asym_id 
_pdbx_nonpoly_scheme.entity_id 
_pdbx_nonpoly_scheme.mon_id 
_pdbx_nonpoly_scheme.ndb_seq_num 
_pdbx_nonpoly_scheme.pdb_seq_num 
_pdbx_nonpoly_scheme.auth_seq_num 
_pdbx_nonpoly_scheme.pdb_mon_id 
_pdbx_nonpoly_scheme.auth_mon_id 
_pdbx_nonpoly_scheme.pdb_strand_id 
_pdbx_nonpoly_scheme.pdb_ins_code 
E 3 NA  1  8    2    NA  NA  A . 
F 3 NA  1  1    1    NA  NA  D . 
G 4 HOH 1  996  996  HOH HOH A . 
G 4 HOH 2  999  999  HOH HOH A . 
G 4 HOH 3  1000 1000 HOH HOH A . 
G 4 HOH 4  1001 1001 HOH HOH A . 
G 4 HOH 5  1004 1004 HOH HOH A . 
G 4 HOH 6  1012 1012 HOH HOH A . 
G 4 HOH 7  1014 1014 HOH HOH A . 
G 4 HOH 8  1019 1019 HOH HOH A . 
G 4 HOH 9  1021 1021 HOH HOH A . 
G 4 HOH 10 1023 1023 HOH HOH A . 
G 4 HOH 11 1024 1024 HOH HOH A . 
G 4 HOH 12 1028 1028 HOH HOH A . 
G 4 HOH 13 1029 1029 HOH HOH A . 
G 4 HOH 14 1032 1032 HOH HOH A . 
G 4 HOH 15 1033 1033 HOH HOH A . 
G 4 HOH 16 1047 1047 HOH HOH A . 
G 4 HOH 17 1051 1051 HOH HOH A . 
G 4 HOH 18 1052 1052 HOH HOH A . 
G 4 HOH 19 1057 1057 HOH HOH A . 
G 4 HOH 20 1064 1064 HOH HOH A . 
G 4 HOH 21 1075 1075 HOH HOH A . 
G 4 HOH 22 1090 1090 HOH HOH A . 
G 4 HOH 23 1091 1091 HOH HOH A . 
G 4 HOH 24 1096 1096 HOH HOH A . 
G 4 HOH 25 1103 1103 HOH HOH A . 
G 4 HOH 26 1104 1104 HOH HOH A . 
G 4 HOH 27 1113 1113 HOH HOH A . 
G 4 HOH 28 1119 1119 HOH HOH A . 
G 4 HOH 29 1120 1120 HOH HOH A . 
G 4 HOH 30 1130 1130 HOH HOH A . 
G 4 HOH 31 1132 1132 HOH HOH A . 
G 4 HOH 32 1136 1136 HOH HOH A . 
G 4 HOH 33 1137 1137 HOH HOH A . 
H 4 HOH 1  1002 1002 HOH HOH B . 
H 4 HOH 2  1006 1006 HOH HOH B . 
H 4 HOH 3  1013 1013 HOH HOH B . 
H 4 HOH 4  1016 1016 HOH HOH B . 
H 4 HOH 5  1018 1018 HOH HOH B . 
H 4 HOH 6  1025 1025 HOH HOH B . 
H 4 HOH 7  1030 1030 HOH HOH B . 
H 4 HOH 8  1034 1034 HOH HOH B . 
H 4 HOH 9  1037 1037 HOH HOH B . 
H 4 HOH 10 1049 1049 HOH HOH B . 
H 4 HOH 11 1054 1054 HOH HOH B . 
H 4 HOH 12 1061 1061 HOH HOH B . 
H 4 HOH 13 1065 1065 HOH HOH B . 
H 4 HOH 14 1066 1066 HOH HOH B . 
H 4 HOH 15 1070 1070 HOH HOH B . 
H 4 HOH 16 1072 1072 HOH HOH B . 
H 4 HOH 17 1077 1077 HOH HOH B . 
H 4 HOH 18 1078 1078 HOH HOH B . 
H 4 HOH 19 1082 1082 HOH HOH B . 
H 4 HOH 20 1088 1088 HOH HOH B . 
H 4 HOH 21 1093 1093 HOH HOH B . 
H 4 HOH 22 1098 1098 HOH HOH B . 
H 4 HOH 23 1099 1099 HOH HOH B . 
H 4 HOH 24 1111 1111 HOH HOH B . 
H 4 HOH 25 1114 1114 HOH HOH B . 
H 4 HOH 26 1125 1125 HOH HOH B . 
H 4 HOH 27 1127 1127 HOH HOH B . 
H 4 HOH 28 1128 1128 HOH HOH B . 
H 4 HOH 29 1133 1133 HOH HOH B . 
H 4 HOH 30 1138 1138 HOH HOH B . 
H 4 HOH 31 1139 1139 HOH HOH B . 
I 4 HOH 1  1005 1005 HOH HOH C . 
I 4 HOH 2  1008 1008 HOH HOH C . 
I 4 HOH 3  1010 1010 HOH HOH C . 
I 4 HOH 4  1020 1020 HOH HOH C . 
I 4 HOH 5  1026 1026 HOH HOH C . 
I 4 HOH 6  1031 1031 HOH HOH C . 
I 4 HOH 7  1035 1035 HOH HOH C . 
I 4 HOH 8  1038 1038 HOH HOH C . 
I 4 HOH 9  1039 1039 HOH HOH C . 
I 4 HOH 10 1042 1042 HOH HOH C . 
I 4 HOH 11 1055 1055 HOH HOH C . 
I 4 HOH 12 1056 1056 HOH HOH C . 
I 4 HOH 13 1063 1063 HOH HOH C . 
I 4 HOH 14 1069 1069 HOH HOH C . 
I 4 HOH 15 1076 1076 HOH HOH C . 
I 4 HOH 16 1081 1081 HOH HOH C . 
I 4 HOH 17 1084 1084 HOH HOH C . 
I 4 HOH 18 1085 1085 HOH HOH C . 
I 4 HOH 19 1086 1086 HOH HOH C . 
I 4 HOH 20 1087 1087 HOH HOH C . 
I 4 HOH 21 1089 1089 HOH HOH C . 
I 4 HOH 22 1094 1094 HOH HOH C . 
I 4 HOH 23 1097 1097 HOH HOH C . 
I 4 HOH 24 1100 1100 HOH HOH C . 
I 4 HOH 25 1101 1101 HOH HOH C . 
I 4 HOH 26 1106 1106 HOH HOH C . 
I 4 HOH 27 1109 1109 HOH HOH C . 
I 4 HOH 28 1116 1116 HOH HOH C . 
I 4 HOH 29 1117 1117 HOH HOH C . 
I 4 HOH 30 1126 1126 HOH HOH C . 
I 4 HOH 31 1129 1129 HOH HOH C . 
J 4 HOH 1  997  997  HOH HOH D . 
J 4 HOH 2  998  998  HOH HOH D . 
J 4 HOH 3  1003 1003 HOH HOH D . 
J 4 HOH 4  1007 1007 HOH HOH D . 
J 4 HOH 5  1009 1009 HOH HOH D . 
J 4 HOH 6  1015 1015 HOH HOH D . 
J 4 HOH 7  1017 1017 HOH HOH D . 
J 4 HOH 8  1036 1036 HOH HOH D . 
J 4 HOH 9  1040 1040 HOH HOH D . 
J 4 HOH 10 1041 1041 HOH HOH D . 
J 4 HOH 11 1043 1043 HOH HOH D . 
J 4 HOH 12 1045 1045 HOH HOH D . 
J 4 HOH 13 1046 1046 HOH HOH D . 
J 4 HOH 14 1048 1048 HOH HOH D . 
J 4 HOH 15 1050 1050 HOH HOH D . 
J 4 HOH 16 1053 1053 HOH HOH D . 
J 4 HOH 17 1058 1058 HOH HOH D . 
J 4 HOH 18 1059 1059 HOH HOH D . 
J 4 HOH 19 1060 1060 HOH HOH D . 
J 4 HOH 20 1062 1062 HOH HOH D . 
J 4 HOH 21 1067 1067 HOH HOH D . 
J 4 HOH 22 1071 1071 HOH HOH D . 
J 4 HOH 23 1074 1074 HOH HOH D . 
J 4 HOH 24 1079 1079 HOH HOH D . 
J 4 HOH 25 1080 1080 HOH HOH D . 
J 4 HOH 26 1083 1083 HOH HOH D . 
J 4 HOH 27 1092 1092 HOH HOH D . 
J 4 HOH 28 1095 1095 HOH HOH D . 
J 4 HOH 29 1105 1105 HOH HOH D . 
J 4 HOH 30 1107 1107 HOH HOH D . 
J 4 HOH 31 1108 1108 HOH HOH D . 
J 4 HOH 32 1110 1110 HOH HOH D . 
J 4 HOH 33 1115 1115 HOH HOH D . 
J 4 HOH 34 1118 1118 HOH HOH D . 
J 4 HOH 35 1121 1121 HOH HOH D . 
J 4 HOH 36 1131 1131 HOH HOH D . 
J 4 HOH 37 1134 1134 HOH HOH D . 
J 4 HOH 38 1135 1135 HOH HOH D . 
# 
loop_
_software.name 
_software.classification 
_software.version 
_software.citation_id 
_software.pdbx_ordinal 
AMoRE     phasing          . ? 1 
SHELXL-97 refinement       . ? 2 
DENZO     'data reduction' . ? 3 
SCALEPACK 'data scaling'   . ? 4 
# 
_cell.entry_id           435D 
_cell.length_a           26.680 
_cell.length_b           26.697 
_cell.length_c           30.459 
_cell.angle_alpha        104.29 
_cell.angle_beta         104.22 
_cell.angle_gamma        91.66 
_cell.Z_PDB              2 
_cell.pdbx_unique_axis   ? 
# 
_symmetry.entry_id                         435D 
_symmetry.space_group_name_H-M             'P 1' 
_symmetry.pdbx_full_space_group_name_H-M   ? 
_symmetry.cell_setting                     triclinic 
_symmetry.Int_Tables_number                1 
# 
_exptl.entry_id          435D 
_exptl.method            'X-RAY DIFFRACTION' 
_exptl.crystals_number   1 
# 
_exptl_crystal.id                    1 
_exptl_crystal.density_meas          ? 
_exptl_crystal.density_Matthews      2.54 
_exptl_crystal.density_percent_sol   51.12 
_exptl_crystal.description           ? 
# 
_exptl_crystal_grow.crystal_id      1 
_exptl_crystal_grow.method          'VAPOR DIFFUSION, HANGING DROP' 
_exptl_crystal_grow.temp            293.0 
_exptl_crystal_grow.temp_details    ? 
_exptl_crystal_grow.pH              6.0 
_exptl_crystal_grow.pdbx_details    'pH 6.0, VAPOR DIFFUSION, HANGING DROP, temperature 293.0K' 
_exptl_crystal_grow.pdbx_pH_range   ? 
# 
loop_
_exptl_crystal_grow_comp.crystal_id 
_exptl_crystal_grow_comp.id 
_exptl_crystal_grow_comp.sol_id 
_exptl_crystal_grow_comp.name 
_exptl_crystal_grow_comp.volume 
_exptl_crystal_grow_comp.conc 
_exptl_crystal_grow_comp.details 
1 1 1 SPERMINE ? ? ? 
1 2 1 KCL      ? ? ? 
1 3 1 MPD      ? ? ? 
1 4 2 MPD      ? ? ? 
# 
_diffrn.id                     1 
_diffrn.ambient_temp           100.0 
_diffrn.ambient_temp_details   ? 
_diffrn.crystal_id             1 
# 
_diffrn_detector.diffrn_id              1 
_diffrn_detector.detector               'IMAGE PLATE' 
_diffrn_detector.type                   MARRESEARCH 
_diffrn_detector.pdbx_collection_date   1997-11-28 
_diffrn_detector.details                ? 
# 
_diffrn_radiation.diffrn_id                        1 
_diffrn_radiation.wavelength_id                    1 
_diffrn_radiation.pdbx_monochromatic_or_laue_m_l   M 
_diffrn_radiation.monochromator                    ? 
_diffrn_radiation.pdbx_diffrn_protocol             'SINGLE WAVELENGTH' 
_diffrn_radiation.pdbx_scattering_type             x-ray 
# 
_diffrn_radiation_wavelength.id           1 
_diffrn_radiation_wavelength.wavelength   . 
_diffrn_radiation_wavelength.wt           1.0 
# 
_diffrn_source.diffrn_id                   1 
_diffrn_source.source                      SYNCHROTRON 
_diffrn_source.type                        'EMBL/DESY, HAMBURG BEAMLINE BW7A' 
_diffrn_source.pdbx_synchrotron_site       'EMBL/DESY, HAMBURG' 
_diffrn_source.pdbx_synchrotron_beamline   BW7A 
_diffrn_source.pdbx_wavelength             ? 
_diffrn_source.pdbx_wavelength_list        ? 
# 
_reflns.entry_id                     435D 
_reflns.observed_criterion_sigma_I   0.0 
_reflns.observed_criterion_sigma_F   0.0 
_reflns.d_resolution_low             15.0 
_reflns.d_resolution_high            1.4 
_reflns.number_obs                   13834 
_reflns.number_all                   13834 
_reflns.percent_possible_obs         88.7 
_reflns.pdbx_Rmerge_I_obs            0.0570000 
_reflns.pdbx_Rsym_value              ? 
_reflns.pdbx_netI_over_sigmaI        ? 
_reflns.B_iso_Wilson_estimate        ? 
_reflns.pdbx_redundancy              1.6 
_reflns.pdbx_diffrn_id               1 
_reflns.pdbx_ordinal                 1 
# 
_reflns_shell.d_res_high             1.40 
_reflns_shell.d_res_low              1.45 
_reflns_shell.percent_possible_all   80.7 
_reflns_shell.Rmerge_I_obs           0.2880000 
_reflns_shell.pdbx_Rsym_value        ? 
_reflns_shell.meanI_over_sigI_obs    ? 
_reflns_shell.pdbx_redundancy        ? 
_reflns_shell.pdbx_diffrn_id         ? 
_reflns_shell.pdbx_ordinal           1 
# 
_refine.entry_id                                 435D 
_refine.ls_number_reflns_obs                     ? 
_refine.ls_number_reflns_all                     13695 
_refine.pdbx_ls_sigma_I                          ? 
_refine.pdbx_ls_sigma_F                          0.0 
_refine.pdbx_data_cutoff_high_absF               ? 
_refine.pdbx_data_cutoff_low_absF                ? 
_refine.pdbx_data_cutoff_high_rms_absF           ? 
_refine.ls_d_res_low                             15.00 
_refine.ls_d_res_high                            1.40 
_refine.ls_percent_reflns_obs                    88.7 
_refine.ls_R_factor_obs                          ? 
_refine.ls_R_factor_all                          0.1609000 
_refine.ls_R_factor_R_work                       0.1587000 
_refine.ls_R_factor_R_free                       0.2175000 
_refine.ls_R_factor_R_free_error                 ? 
_refine.ls_R_factor_R_free_error_details         ? 
_refine.ls_percent_reflns_R_free                 4.6 
_refine.ls_number_reflns_R_free                  627 
_refine.ls_number_parameters                     6493 
_refine.ls_number_restraints                     20551 
_refine.occupancy_min                            ? 
_refine.occupancy_max                            ? 
_refine.B_iso_mean                               ? 
_refine.aniso_B[1][1]                            ? 
_refine.aniso_B[2][2]                            ? 
_refine.aniso_B[3][3]                            ? 
_refine.aniso_B[1][2]                            ? 
_refine.aniso_B[1][3]                            ? 
_refine.aniso_B[2][3]                            ? 
_refine.solvent_model_details                    'MOEWS & KRETSINGER,J.MOL.BIOL.91(1973)201-228' 
_refine.solvent_model_param_ksol                 ? 
_refine.solvent_model_param_bsol                 ? 
_refine.pdbx_ls_cross_valid_method               'FREE R' 
_refine.details                                  ? 
_refine.pdbx_starting_model                      'CANONICAL A-FORM RNA DUPLEX' 
_refine.pdbx_method_to_determine_struct          'MOLECULAR REPLACEMENT' 
_refine.pdbx_isotropic_thermal_model             ? 
_refine.pdbx_stereochemistry_target_values       'PARKINSON, G. ET AL.' 
_refine.pdbx_stereochem_target_val_spec_case     ? 
_refine.pdbx_R_Free_selection_details            'THIN SHELL' 
_refine.pdbx_overall_ESU_R                       ? 
_refine.pdbx_overall_ESU_R_Free                  ? 
_refine.overall_SU_ML                            ? 
_refine.overall_SU_B                             ? 
_refine.pdbx_refine_id                           'X-RAY DIFFRACTION' 
_refine.pdbx_diffrn_id                           1 
_refine.pdbx_TLS_residual_ADP_flag               ? 
_refine.correlation_coeff_Fo_to_Fc               ? 
_refine.correlation_coeff_Fo_to_Fc_free          ? 
_refine.pdbx_solvent_vdw_probe_radii             ? 
_refine.pdbx_solvent_ion_probe_radii             ? 
_refine.pdbx_solvent_shrinkage_radii             ? 
_refine.pdbx_overall_phase_error                 ? 
_refine.overall_SU_R_Cruickshank_DPI             ? 
_refine.pdbx_overall_SU_R_free_Cruickshank_DPI   ? 
_refine.pdbx_overall_SU_R_Blow_DPI               ? 
_refine.pdbx_overall_SU_R_free_Blow_DPI          ? 
# 
_refine_analyze.entry_id                        435D 
_refine_analyze.Luzzati_coordinate_error_obs    ? 
_refine_analyze.Luzzati_sigma_a_obs             ? 
_refine_analyze.Luzzati_d_res_low_obs           ? 
_refine_analyze.Luzzati_coordinate_error_free   ? 
_refine_analyze.Luzzati_sigma_a_free            ? 
_refine_analyze.Luzzati_d_res_low_free          ? 
_refine_analyze.number_disordered_residues      ? 
_refine_analyze.occupancy_sum_hydrogen          0. 
_refine_analyze.occupancy_sum_non_hydrogen      721. 
_refine_analyze.pdbx_refine_id                  'X-RAY DIFFRACTION' 
# 
_refine_hist.pdbx_refine_id                   'X-RAY DIFFRACTION' 
_refine_hist.cycle_id                         LAST 
_refine_hist.pdbx_number_atoms_protein        0 
_refine_hist.pdbx_number_atoms_nucleic_acid   586 
_refine_hist.pdbx_number_atoms_ligand         2 
_refine_hist.number_atoms_solvent             133 
_refine_hist.number_atoms_total               721 
_refine_hist.d_res_high                       1.40 
_refine_hist.d_res_low                        15.00 
# 
loop_
_refine_ls_restr.type 
_refine_ls_restr.dev_ideal 
_refine_ls_restr.dev_ideal_target 
_refine_ls_restr.weight 
_refine_ls_restr.number 
_refine_ls_restr.pdbx_refine_id 
_refine_ls_restr.pdbx_restraint_function 
s_bond_d               0.028 ? ? ? 'X-RAY DIFFRACTION' ? 
s_angle_d              0.010 ? ? ? 'X-RAY DIFFRACTION' ? 
s_similar_dist         0.034 ? ? ? 'X-RAY DIFFRACTION' ? 
s_from_restr_planes    0.021 ? ? ? 'X-RAY DIFFRACTION' ? 
s_zero_chiral_vol      ?     ? ? ? 'X-RAY DIFFRACTION' ? 
s_non_zero_chiral_vol  0.009 ? ? ? 'X-RAY DIFFRACTION' ? 
s_anti_bump_dis_restr  0.004 ? ? ? 'X-RAY DIFFRACTION' ? 
s_rigid_bond_adp_cmpnt 0.025 ? ? ? 'X-RAY DIFFRACTION' ? 
s_similar_adp_cmpnt    0.018 ? ? ? 'X-RAY DIFFRACTION' ? 
s_approx_iso_adps      0.043 ? ? ? 'X-RAY DIFFRACTION' ? 
# 
_pdbx_refine.entry_id                                    435D 
_pdbx_refine.R_factor_all_no_cutoff                      0.1600000 
_pdbx_refine.R_factor_obs_no_cutoff                      0.1580000 
_pdbx_refine.free_R_factor_no_cutoff                     0.2170000 
_pdbx_refine.free_R_val_test_set_size_perc_no_cutoff     4.6 
_pdbx_refine.free_R_val_test_set_ct_no_cutoff            627 
_pdbx_refine.R_factor_all_4sig_cutoff                    0.1381000 
_pdbx_refine.R_factor_obs_4sig_cutoff                    0.1357000 
_pdbx_refine.free_R_factor_4sig_cutoff                   0.1950000 
_pdbx_refine.free_R_val_test_set_size_perc_4sig_cutoff   4.7 
_pdbx_refine.free_R_val_test_set_ct_4sig_cutoff          497 
_pdbx_refine.number_reflns_obs_4sig_cutoff               10683 
_pdbx_refine.pdbx_refine_id                              'X-RAY DIFFRACTION' 
_pdbx_refine.free_R_error_no_cutoff                      ? 
# 
_struct.entry_id                  435D 
_struct.title                     
;5'-R(*UP*AP*GP*CP*CP*CP*C)-3', 5'-R(*GP*GP*GP*GP*CP*UP*A)-3'
;
_struct.pdbx_model_details        ? 
_struct.pdbx_CASP_flag            ? 
_struct.pdbx_model_type_details   ? 
# 
_struct_keywords.entry_id        435D 
_struct_keywords.pdbx_keywords   RNA 
_struct_keywords.text            '7 BASE-PAIR TRNA ALA ACCEPTOR STEM C70 MUTANT, DOUBLE HELIX, RNA' 
# 
loop_
_struct_asym.id 
_struct_asym.pdbx_blank_PDB_chainid_flag 
_struct_asym.pdbx_modified 
_struct_asym.entity_id 
_struct_asym.details 
A N N 1 ? 
B N N 2 ? 
C N N 1 ? 
D N N 2 ? 
E N N 3 ? 
F N N 3 ? 
G N N 4 ? 
H N N 4 ? 
I N N 4 ? 
J N N 4 ? 
# 
loop_
_struct_ref.id 
_struct_ref.entity_id 
_struct_ref.db_name 
_struct_ref.db_code 
_struct_ref.pdbx_db_accession 
_struct_ref.pdbx_db_isoform 
_struct_ref.pdbx_seq_one_letter_code 
_struct_ref.pdbx_align_begin 
1 1 PDB 435D 435D ? ? ? 
2 2 PDB 435D 435D ? ? ? 
# 
loop_
_struct_ref_seq.align_id 
_struct_ref_seq.ref_id 
_struct_ref_seq.pdbx_PDB_id_code 
_struct_ref_seq.pdbx_strand_id 
_struct_ref_seq.seq_align_beg 
_struct_ref_seq.pdbx_seq_align_beg_ins_code 
_struct_ref_seq.seq_align_end 
_struct_ref_seq.pdbx_seq_align_end_ins_code 
_struct_ref_seq.pdbx_db_accession 
_struct_ref_seq.db_align_beg 
_struct_ref_seq.pdbx_db_align_beg_ins_code 
_struct_ref_seq.db_align_end 
_struct_ref_seq.pdbx_db_align_end_ins_code 
_struct_ref_seq.pdbx_auth_seq_align_beg 
_struct_ref_seq.pdbx_auth_seq_align_end 
1 1 435D A 1 ? 7 ? 435D 1 ? 7  ? 1 7  
2 2 435D B 1 ? 7 ? 435D 8 ? 14 ? 8 14 
3 1 435D C 1 ? 7 ? 435D 1 ? 7  ? 1 7  
4 2 435D D 1 ? 7 ? 435D 8 ? 14 ? 8 14 
# 
loop_
_pdbx_struct_assembly.id 
_pdbx_struct_assembly.details 
_pdbx_struct_assembly.method_details 
_pdbx_struct_assembly.oligomeric_details 
_pdbx_struct_assembly.oligomeric_count 
1 author_defined_assembly ? dimeric 2 
2 author_defined_assembly ? dimeric 2 
# 
loop_
_pdbx_struct_assembly_gen.assembly_id 
_pdbx_struct_assembly_gen.oper_expression 
_pdbx_struct_assembly_gen.asym_id_list 
1 1 A,B,E,G,H 
2 1 C,D,F,I,J 
# 
_pdbx_struct_oper_list.id                   1 
_pdbx_struct_oper_list.type                 'identity operation' 
_pdbx_struct_oper_list.name                 1_555 
_pdbx_struct_oper_list.symmetry_operation   x,y,z 
_pdbx_struct_oper_list.matrix[1][1]         1.0000000000 
_pdbx_struct_oper_list.matrix[1][2]         0.0000000000 
_pdbx_struct_oper_list.matrix[1][3]         0.0000000000 
_pdbx_struct_oper_list.vector[1]            0.0000000000 
_pdbx_struct_oper_list.matrix[2][1]         0.0000000000 
_pdbx_struct_oper_list.matrix[2][2]         1.0000000000 
_pdbx_struct_oper_list.matrix[2][3]         0.0000000000 
_pdbx_struct_oper_list.vector[2]            0.0000000000 
_pdbx_struct_oper_list.matrix[3][1]         0.0000000000 
_pdbx_struct_oper_list.matrix[3][2]         0.0000000000 
_pdbx_struct_oper_list.matrix[3][3]         1.0000000000 
_pdbx_struct_oper_list.vector[3]            0.0000000000 
# 
loop_
_struct_biol.id 
1 
2 
# 
loop_
_struct_conn.id 
_struct_conn.conn_type_id 
_struct_conn.pdbx_leaving_atom_flag 
_struct_conn.pdbx_PDB_id 
_struct_conn.ptnr1_label_asym_id 
_struct_conn.ptnr1_label_comp_id 
_struct_conn.ptnr1_label_seq_id 
_struct_conn.ptnr1_label_atom_id 
_struct_conn.pdbx_ptnr1_label_alt_id 
_struct_conn.pdbx_ptnr1_PDB_ins_code 
_struct_conn.pdbx_ptnr1_standard_comp_id 
_struct_conn.ptnr1_symmetry 
_struct_conn.ptnr2_label_asym_id 
_struct_conn.ptnr2_label_comp_id 
_struct_conn.ptnr2_label_seq_id 
_struct_conn.ptnr2_label_atom_id 
_struct_conn.pdbx_ptnr2_label_alt_id 
_struct_conn.pdbx_ptnr2_PDB_ins_code 
_struct_conn.ptnr1_auth_asym_id 
_struct_conn.ptnr1_auth_comp_id 
_struct_conn.ptnr1_auth_seq_id 
_struct_conn.ptnr2_auth_asym_id 
_struct_conn.ptnr2_auth_comp_id 
_struct_conn.ptnr2_auth_seq_id 
_struct_conn.ptnr2_symmetry 
_struct_conn.pdbx_ptnr3_label_atom_id 
_struct_conn.pdbx_ptnr3_label_seq_id 
_struct_conn.pdbx_ptnr3_label_comp_id 
_struct_conn.pdbx_ptnr3_label_asym_id 
_struct_conn.pdbx_ptnr3_label_alt_id 
_struct_conn.pdbx_ptnr3_PDB_ins_code 
_struct_conn.details 
_struct_conn.pdbx_dist_value 
_struct_conn.pdbx_value_order 
_struct_conn.pdbx_role 
metalc1  metalc ? ? E NA  . NA ? ? ? 1_555 G HOH . O  ? ? A NA  8    A HOH 1113 1_555 ? ? ? ? ? ? ?            2.221 ? ? 
metalc2  metalc ? ? E NA  . NA ? ? ? 1_555 G HOH . O  ? ? A NA  8    A HOH 1137 1_555 ? ? ? ? ? ? ?            2.110 ? ? 
metalc3  metalc ? ? I HOH . O  ? ? ? 1_555 F NA  . NA ? ? C HOH 1076 D NA  1    1_555 ? ? ? ? ? ? ?            2.414 ? ? 
metalc4  metalc ? ? F NA  . NA ? ? ? 1_555 J HOH . O  ? ? D NA  1    D HOH 1048 1_555 ? ? ? ? ? ? ?            2.240 ? ? 
metalc5  metalc ? ? F NA  . NA ? ? ? 1_555 J HOH . O  ? ? D NA  1    D HOH 1053 1_555 ? ? ? ? ? ? ?            2.103 ? ? 
metalc6  metalc ? ? F NA  . NA ? ? ? 1_555 J HOH . O  ? ? D NA  1    D HOH 1115 1_555 ? ? ? ? ? ? ?            2.408 ? ? 
hydrog1  hydrog ? ? A U   1 N3 ? ? ? 1_555 B A   7 N1 ? ? A U   1    B A   14   1_555 ? ? ? ? ? ? WATSON-CRICK ?     ? ? 
hydrog2  hydrog ? ? A U   1 O4 ? ? ? 1_555 B A   7 N6 ? ? A U   1    B A   14   1_555 ? ? ? ? ? ? WATSON-CRICK ?     ? ? 
hydrog3  hydrog ? ? A A   2 N1 ? ? ? 1_555 B U   6 N3 ? ? A A   2    B U   13   1_555 ? ? ? ? ? ? WATSON-CRICK ?     ? ? 
hydrog4  hydrog ? ? A A   2 N6 ? ? ? 1_555 B U   6 O4 ? ? A A   2    B U   13   1_555 ? ? ? ? ? ? WATSON-CRICK ?     ? ? 
hydrog5  hydrog ? ? A G   3 N1 ? ? ? 1_555 B C   5 N3 ? ? A G   3    B C   12   1_555 ? ? ? ? ? ? WATSON-CRICK ?     ? ? 
hydrog6  hydrog ? ? A G   3 N2 ? ? ? 1_555 B C   5 O2 ? ? A G   3    B C   12   1_555 ? ? ? ? ? ? WATSON-CRICK ?     ? ? 
hydrog7  hydrog ? ? A G   3 O6 ? ? ? 1_555 B C   5 N4 ? ? A G   3    B C   12   1_555 ? ? ? ? ? ? WATSON-CRICK ?     ? ? 
hydrog8  hydrog ? ? A C   4 N3 ? ? ? 1_555 B G   4 N1 ? ? A C   4    B G   11   1_555 ? ? ? ? ? ? WATSON-CRICK ?     ? ? 
hydrog9  hydrog ? ? A C   4 N4 ? ? ? 1_555 B G   4 O6 ? ? A C   4    B G   11   1_555 ? ? ? ? ? ? WATSON-CRICK ?     ? ? 
hydrog10 hydrog ? ? A C   4 O2 ? ? ? 1_555 B G   4 N2 ? ? A C   4    B G   11   1_555 ? ? ? ? ? ? WATSON-CRICK ?     ? ? 
hydrog11 hydrog ? ? A C   5 N3 ? ? ? 1_555 B G   3 N1 ? ? A C   5    B G   10   1_555 ? ? ? ? ? ? WATSON-CRICK ?     ? ? 
hydrog12 hydrog ? ? A C   5 N4 ? ? ? 1_555 B G   3 O6 ? ? A C   5    B G   10   1_555 ? ? ? ? ? ? WATSON-CRICK ?     ? ? 
hydrog13 hydrog ? ? A C   5 O2 ? ? ? 1_555 B G   3 N2 ? ? A C   5    B G   10   1_555 ? ? ? ? ? ? WATSON-CRICK ?     ? ? 
hydrog14 hydrog ? ? A C   6 N3 ? ? ? 1_555 B G   2 N1 ? ? A C   6    B G   9    1_555 ? ? ? ? ? ? WATSON-CRICK ?     ? ? 
hydrog15 hydrog ? ? A C   6 N4 ? ? ? 1_555 B G   2 O6 ? ? A C   6    B G   9    1_555 ? ? ? ? ? ? WATSON-CRICK ?     ? ? 
hydrog16 hydrog ? ? A C   6 O2 ? ? ? 1_555 B G   2 N2 ? ? A C   6    B G   9    1_555 ? ? ? ? ? ? WATSON-CRICK ?     ? ? 
hydrog17 hydrog ? ? A C   7 N3 ? ? ? 1_555 B G   1 N1 ? ? A C   7    B G   8    1_555 ? ? ? ? ? ? WATSON-CRICK ?     ? ? 
hydrog18 hydrog ? ? A C   7 N4 ? ? ? 1_555 B G   1 O6 ? ? A C   7    B G   8    1_555 ? ? ? ? ? ? WATSON-CRICK ?     ? ? 
hydrog19 hydrog ? ? A C   7 O2 ? ? ? 1_555 B G   1 N2 ? ? A C   7    B G   8    1_555 ? ? ? ? ? ? WATSON-CRICK ?     ? ? 
hydrog20 hydrog ? ? C U   1 N3 ? ? ? 1_555 D A   7 N1 ? ? C U   1    D A   14   1_555 ? ? ? ? ? ? WATSON-CRICK ?     ? ? 
hydrog21 hydrog ? ? C U   1 O4 ? ? ? 1_555 D A   7 N6 ? ? C U   1    D A   14   1_555 ? ? ? ? ? ? WATSON-CRICK ?     ? ? 
hydrog22 hydrog ? ? C A   2 N1 ? ? ? 1_555 D U   6 N3 ? ? C A   2    D U   13   1_555 ? ? ? ? ? ? WATSON-CRICK ?     ? ? 
hydrog23 hydrog ? ? C A   2 N6 ? ? ? 1_555 D U   6 O4 ? ? C A   2    D U   13   1_555 ? ? ? ? ? ? WATSON-CRICK ?     ? ? 
hydrog24 hydrog ? ? C G   3 N1 ? ? ? 1_555 D C   5 N3 ? ? C G   3    D C   12   1_555 ? ? ? ? ? ? WATSON-CRICK ?     ? ? 
hydrog25 hydrog ? ? C G   3 N2 ? ? ? 1_555 D C   5 O2 ? ? C G   3    D C   12   1_555 ? ? ? ? ? ? WATSON-CRICK ?     ? ? 
hydrog26 hydrog ? ? C G   3 O6 ? ? ? 1_555 D C   5 N4 ? ? C G   3    D C   12   1_555 ? ? ? ? ? ? WATSON-CRICK ?     ? ? 
hydrog27 hydrog ? ? C C   4 N3 ? ? ? 1_555 D G   4 N1 ? ? C C   4    D G   11   1_555 ? ? ? ? ? ? WATSON-CRICK ?     ? ? 
hydrog28 hydrog ? ? C C   4 N4 ? ? ? 1_555 D G   4 O6 ? ? C C   4    D G   11   1_555 ? ? ? ? ? ? WATSON-CRICK ?     ? ? 
hydrog29 hydrog ? ? C C   4 O2 ? ? ? 1_555 D G   4 N2 ? ? C C   4    D G   11   1_555 ? ? ? ? ? ? WATSON-CRICK ?     ? ? 
hydrog30 hydrog ? ? C C   5 N3 ? ? ? 1_555 D G   3 N1 ? ? C C   5    D G   10   1_555 ? ? ? ? ? ? WATSON-CRICK ?     ? ? 
hydrog31 hydrog ? ? C C   5 N4 ? ? ? 1_555 D G   3 O6 ? ? C C   5    D G   10   1_555 ? ? ? ? ? ? WATSON-CRICK ?     ? ? 
hydrog32 hydrog ? ? C C   5 O2 ? ? ? 1_555 D G   3 N2 ? ? C C   5    D G   10   1_555 ? ? ? ? ? ? WATSON-CRICK ?     ? ? 
hydrog33 hydrog ? ? C C   6 N3 ? ? ? 1_555 D G   2 N1 ? ? C C   6    D G   9    1_555 ? ? ? ? ? ? WATSON-CRICK ?     ? ? 
hydrog34 hydrog ? ? C C   6 N4 ? ? ? 1_555 D G   2 O6 ? ? C C   6    D G   9    1_555 ? ? ? ? ? ? WATSON-CRICK ?     ? ? 
hydrog35 hydrog ? ? C C   6 O2 ? ? ? 1_555 D G   2 N2 ? ? C C   6    D G   9    1_555 ? ? ? ? ? ? WATSON-CRICK ?     ? ? 
hydrog36 hydrog ? ? C C   7 N3 ? ? ? 1_555 D G   1 N1 ? ? C C   7    D G   8    1_555 ? ? ? ? ? ? WATSON-CRICK ?     ? ? 
hydrog37 hydrog ? ? C C   7 N4 ? ? ? 1_555 D G   1 O6 ? ? C C   7    D G   8    1_555 ? ? ? ? ? ? WATSON-CRICK ?     ? ? 
hydrog38 hydrog ? ? C C   7 O2 ? ? ? 1_555 D G   1 N2 ? ? C C   7    D G   8    1_555 ? ? ? ? ? ? WATSON-CRICK ?     ? ? 
# 
loop_
_struct_conn_type.id 
_struct_conn_type.criteria 
_struct_conn_type.reference 
metalc ? ? 
hydrog ? ? 
# 
loop_
_pdbx_struct_conn_angle.id 
_pdbx_struct_conn_angle.ptnr1_label_atom_id 
_pdbx_struct_conn_angle.ptnr1_label_alt_id 
_pdbx_struct_conn_angle.ptnr1_label_asym_id 
_pdbx_struct_conn_angle.ptnr1_label_comp_id 
_pdbx_struct_conn_angle.ptnr1_label_seq_id 
_pdbx_struct_conn_angle.ptnr1_auth_atom_id 
_pdbx_struct_conn_angle.ptnr1_auth_asym_id 
_pdbx_struct_conn_angle.ptnr1_auth_comp_id 
_pdbx_struct_conn_angle.ptnr1_auth_seq_id 
_pdbx_struct_conn_angle.ptnr1_PDB_ins_code 
_pdbx_struct_conn_angle.ptnr1_symmetry 
_pdbx_struct_conn_angle.ptnr2_label_atom_id 
_pdbx_struct_conn_angle.ptnr2_label_alt_id 
_pdbx_struct_conn_angle.ptnr2_label_asym_id 
_pdbx_struct_conn_angle.ptnr2_label_comp_id 
_pdbx_struct_conn_angle.ptnr2_label_seq_id 
_pdbx_struct_conn_angle.ptnr2_auth_atom_id 
_pdbx_struct_conn_angle.ptnr2_auth_asym_id 
_pdbx_struct_conn_angle.ptnr2_auth_comp_id 
_pdbx_struct_conn_angle.ptnr2_auth_seq_id 
_pdbx_struct_conn_angle.ptnr2_PDB_ins_code 
_pdbx_struct_conn_angle.ptnr2_symmetry 
_pdbx_struct_conn_angle.ptnr3_label_atom_id 
_pdbx_struct_conn_angle.ptnr3_label_alt_id 
_pdbx_struct_conn_angle.ptnr3_label_asym_id 
_pdbx_struct_conn_angle.ptnr3_label_comp_id 
_pdbx_struct_conn_angle.ptnr3_label_seq_id 
_pdbx_struct_conn_angle.ptnr3_auth_atom_id 
_pdbx_struct_conn_angle.ptnr3_auth_asym_id 
_pdbx_struct_conn_angle.ptnr3_auth_comp_id 
_pdbx_struct_conn_angle.ptnr3_auth_seq_id 
_pdbx_struct_conn_angle.ptnr3_PDB_ins_code 
_pdbx_struct_conn_angle.ptnr3_symmetry 
_pdbx_struct_conn_angle.value 
_pdbx_struct_conn_angle.value_esd 
1 O ? G HOH . ? A HOH 1113 ? 1_555 NA ? E NA . ? A NA 8 ? 1_555 O ? G HOH . ? A HOH 1137 ? 1_555 64.0  ? 
2 O ? I HOH . ? C HOH 1076 ? 1_555 NA ? F NA . ? D NA 1 ? 1_555 O ? J HOH . ? D HOH 1048 ? 1_555 100.3 ? 
3 O ? I HOH . ? C HOH 1076 ? 1_555 NA ? F NA . ? D NA 1 ? 1_555 O ? J HOH . ? D HOH 1053 ? 1_555 73.5  ? 
4 O ? J HOH . ? D HOH 1048 ? 1_555 NA ? F NA . ? D NA 1 ? 1_555 O ? J HOH . ? D HOH 1053 ? 1_555 79.5  ? 
5 O ? I HOH . ? C HOH 1076 ? 1_555 NA ? F NA . ? D NA 1 ? 1_555 O ? J HOH . ? D HOH 1115 ? 1_555 145.3 ? 
6 O ? J HOH . ? D HOH 1048 ? 1_555 NA ? F NA . ? D NA 1 ? 1_555 O ? J HOH . ? D HOH 1115 ? 1_555 95.3  ? 
7 O ? J HOH . ? D HOH 1053 ? 1_555 NA ? F NA . ? D NA 1 ? 1_555 O ? J HOH . ? D HOH 1115 ? 1_555 79.1  ? 
# 
loop_
_struct_site.id 
_struct_site.pdbx_evidence_code 
_struct_site.pdbx_auth_asym_id 
_struct_site.pdbx_auth_comp_id 
_struct_site.pdbx_auth_seq_id 
_struct_site.pdbx_auth_ins_code 
_struct_site.pdbx_num_residues 
_struct_site.details 
AC1 Software D NA 1 ? 4 'BINDING SITE FOR RESIDUE NA D 1' 
AC2 Software A NA 8 ? 2 'BINDING SITE FOR RESIDUE NA A 8' 
# 
loop_
_struct_site_gen.id 
_struct_site_gen.site_id 
_struct_site_gen.pdbx_num_res 
_struct_site_gen.label_comp_id 
_struct_site_gen.label_asym_id 
_struct_site_gen.label_seq_id 
_struct_site_gen.pdbx_auth_ins_code 
_struct_site_gen.auth_comp_id 
_struct_site_gen.auth_asym_id 
_struct_site_gen.auth_seq_id 
_struct_site_gen.label_atom_id 
_struct_site_gen.label_alt_id 
_struct_site_gen.symmetry 
_struct_site_gen.details 
1 AC1 4 HOH I . ? HOH C 1076 . ? 1_555 ? 
2 AC1 4 HOH J . ? HOH D 1048 . ? 1_555 ? 
3 AC1 4 HOH J . ? HOH D 1053 . ? 1_555 ? 
4 AC1 4 HOH J . ? HOH D 1115 . ? 1_555 ? 
5 AC2 2 HOH G . ? HOH A 1113 . ? 1_555 ? 
6 AC2 2 HOH G . ? HOH A 1137 . ? 1_555 ? 
# 
loop_
_pdbx_validate_rmsd_bond.id 
_pdbx_validate_rmsd_bond.PDB_model_num 
_pdbx_validate_rmsd_bond.auth_atom_id_1 
_pdbx_validate_rmsd_bond.auth_asym_id_1 
_pdbx_validate_rmsd_bond.auth_comp_id_1 
_pdbx_validate_rmsd_bond.auth_seq_id_1 
_pdbx_validate_rmsd_bond.PDB_ins_code_1 
_pdbx_validate_rmsd_bond.label_alt_id_1 
_pdbx_validate_rmsd_bond.auth_atom_id_2 
_pdbx_validate_rmsd_bond.auth_asym_id_2 
_pdbx_validate_rmsd_bond.auth_comp_id_2 
_pdbx_validate_rmsd_bond.auth_seq_id_2 
_pdbx_validate_rmsd_bond.PDB_ins_code_2 
_pdbx_validate_rmsd_bond.label_alt_id_2 
_pdbx_validate_rmsd_bond.bond_value 
_pdbx_validate_rmsd_bond.bond_target_value 
_pdbx_validate_rmsd_bond.bond_deviation 
_pdbx_validate_rmsd_bond.bond_standard_deviation 
_pdbx_validate_rmsd_bond.linker_flag 
1  1 "C3'" A U 1  ? ? "C2'" A U 1  ? ? 1.436 1.523 -0.087 0.011 N 
2  1 "C3'" A A 2  ? ? "C2'" A A 2  ? ? 1.450 1.523 -0.073 0.011 N 
3  1 "C3'" A G 3  ? ? "C2'" A G 3  ? ? 1.452 1.523 -0.071 0.011 N 
4  1 "C3'" A C 4  ? ? "C2'" A C 4  ? ? 1.450 1.523 -0.073 0.011 N 
5  1 "C3'" A C 7  ? ? "C2'" A C 7  ? ? 1.455 1.523 -0.068 0.011 N 
6  1 "C3'" B G 9  ? ? "C2'" B G 9  ? ? 1.446 1.523 -0.077 0.011 N 
7  1 "C3'" B G 11 ? ? "C2'" B G 11 ? ? 1.456 1.523 -0.067 0.011 N 
8  1 "C3'" B C 12 ? ? "C2'" B C 12 ? ? 1.446 1.523 -0.077 0.011 N 
9  1 "C3'" B U 13 ? ? "C2'" B U 13 ? ? 1.442 1.523 -0.081 0.011 N 
10 1 "C3'" C U 1  ? ? "C2'" C U 1  ? ? 1.441 1.523 -0.082 0.011 N 
11 1 "C3'" C A 2  ? ? "C2'" C A 2  ? ? 1.455 1.523 -0.068 0.011 N 
12 1 "C3'" C C 4  ? ? "C2'" C C 4  ? ? 1.454 1.523 -0.069 0.011 N 
13 1 "C3'" C C 5  ? ? "C2'" C C 5  ? ? 1.442 1.523 -0.081 0.011 N 
14 1 "C3'" D G 8  ? ? "C2'" D G 8  ? ? 1.433 1.523 -0.090 0.011 N 
15 1 "C3'" D G 9  ? ? "C2'" D G 9  ? ? 1.452 1.523 -0.071 0.011 N 
16 1 "C3'" D G 10 ? ? "C2'" D G 10 ? ? 1.453 1.523 -0.070 0.011 N 
17 1 "C3'" D G 11 ? ? "C2'" D G 11 ? ? 1.451 1.523 -0.072 0.011 N 
18 1 "C3'" D C 12 ? ? "C2'" D C 12 ? ? 1.439 1.523 -0.084 0.011 N 
19 1 "C3'" D U 13 ? ? "C2'" D U 13 ? ? 1.452 1.523 -0.071 0.011 N 
20 1 "C3'" D A 14 ? ? "C2'" D A 14 ? ? 1.449 1.523 -0.074 0.011 N 
# 
loop_
_pdbx_validate_rmsd_angle.id 
_pdbx_validate_rmsd_angle.PDB_model_num 
_pdbx_validate_rmsd_angle.auth_atom_id_1 
_pdbx_validate_rmsd_angle.auth_asym_id_1 
_pdbx_validate_rmsd_angle.auth_comp_id_1 
_pdbx_validate_rmsd_angle.auth_seq_id_1 
_pdbx_validate_rmsd_angle.PDB_ins_code_1 
_pdbx_validate_rmsd_angle.label_alt_id_1 
_pdbx_validate_rmsd_angle.auth_atom_id_2 
_pdbx_validate_rmsd_angle.auth_asym_id_2 
_pdbx_validate_rmsd_angle.auth_comp_id_2 
_pdbx_validate_rmsd_angle.auth_seq_id_2 
_pdbx_validate_rmsd_angle.PDB_ins_code_2 
_pdbx_validate_rmsd_angle.label_alt_id_2 
_pdbx_validate_rmsd_angle.auth_atom_id_3 
_pdbx_validate_rmsd_angle.auth_asym_id_3 
_pdbx_validate_rmsd_angle.auth_comp_id_3 
_pdbx_validate_rmsd_angle.auth_seq_id_3 
_pdbx_validate_rmsd_angle.PDB_ins_code_3 
_pdbx_validate_rmsd_angle.label_alt_id_3 
_pdbx_validate_rmsd_angle.angle_value 
_pdbx_validate_rmsd_angle.angle_target_value 
_pdbx_validate_rmsd_angle.angle_deviation 
_pdbx_validate_rmsd_angle.angle_standard_deviation 
_pdbx_validate_rmsd_angle.linker_flag 
1  1 "C1'" A U 1  ? ? "O4'" A U 1  ? ? "C4'" A U 1  ? ? 105.04 109.70 -4.66  0.70 N 
2  1 "O5'" A A 2  ? ? "C5'" A A 2  ? ? "C4'" A A 2  ? ? 100.34 109.40 -9.06  0.80 N 
3  1 "C1'" A G 3  ? ? "O4'" A G 3  ? ? "C4'" A G 3  ? ? 104.79 109.70 -4.91  0.70 N 
4  1 "O5'" A C 4  ? ? "C5'" A C 4  ? ? "C4'" A C 4  ? ? 103.74 109.40 -5.66  0.80 N 
5  1 "C1'" A C 7  ? ? "O4'" A C 7  ? ? "C4'" A C 7  ? ? 104.93 109.70 -4.77  0.70 N 
6  1 "C3'" B G 8  ? ? "C2'" B G 8  ? ? "C1'" B G 8  ? ? 95.44  101.30 -5.86  0.70 N 
7  1 "C3'" B G 8  ? ? "O3'" B G 8  ? ? P     B G 9  ? ? 130.04 119.70 10.34  1.20 Y 
8  1 "C1'" B G 10 ? ? "O4'" B G 10 ? ? "C4'" B G 10 ? ? 104.76 109.70 -4.94  0.70 N 
9  1 "C3'" B G 10 ? ? "C2'" B G 10 ? ? "C1'" B G 10 ? ? 96.89  101.30 -4.41  0.70 N 
10 1 P     B G 11 ? ? "O5'" B G 11 ? ? "C5'" B G 11 ? ? 134.80 120.90 13.90  1.60 N 
11 1 "O5'" B U 13 ? ? "C5'" B U 13 ? ? "C4'" B U 13 ? ? 104.59 109.40 -4.81  0.80 N 
12 1 P     C A 2  ? ? "O5'" C A 2  ? ? "C5'" C A 2  ? ? 110.25 120.90 -10.65 1.60 N 
13 1 "O5'" C G 3  ? ? "C5'" C G 3  ? ? "C4'" C G 3  ? ? 104.16 109.40 -5.24  0.80 N 
14 1 "C1'" C G 3  ? ? "O4'" C G 3  ? ? "C4'" C G 3  ? ? 105.28 109.70 -4.42  0.70 N 
15 1 "C3'" C G 3  ? ? "C2'" C G 3  ? ? "C1'" C G 3  ? ? 96.50  101.30 -4.80  0.70 N 
16 1 "C1'" C C 6  ? ? "O4'" C C 6  ? ? "C4'" C C 6  ? ? 105.22 109.70 -4.48  0.70 N 
17 1 "O5'" D G 8  ? ? "C5'" D G 8  ? ? "C4'" D G 8  ? ? 102.75 109.40 -6.65  0.80 N 
18 1 "O5'" D G 9  ? ? "C5'" D G 9  ? ? "C4'" D G 9  ? ? 103.48 109.40 -5.92  0.80 N 
19 1 "C1'" D G 9  ? ? "O4'" D G 9  ? ? "C4'" D G 9  ? ? 105.24 109.70 -4.46  0.70 N 
20 1 "C3'" D G 9  ? ? "C2'" D G 9  ? ? "C1'" D G 9  ? ? 96.64  101.30 -4.66  0.70 N 
21 1 C5    D G 9  ? ? C6    D G 9  ? ? O6    D G 9  ? ? 124.89 128.60 -3.71  0.60 N 
22 1 "C1'" D G 10 ? ? "O4'" D G 10 ? ? "C4'" D G 10 ? ? 105.20 109.70 -4.50  0.70 N 
23 1 "C3'" D G 10 ? ? "C2'" D G 10 ? ? "C1'" D G 10 ? ? 96.97  101.30 -4.33  0.70 N 
24 1 "C1'" D G 11 ? ? "O4'" D G 11 ? ? "C4'" D G 11 ? ? 104.97 109.70 -4.73  0.70 N 
25 1 "C1'" D C 12 ? ? "O4'" D C 12 ? ? "C4'" D C 12 ? ? 105.07 109.70 -4.63  0.70 N 
# 
loop_
_chem_comp_atom.comp_id 
_chem_comp_atom.atom_id 
_chem_comp_atom.type_symbol 
_chem_comp_atom.pdbx_aromatic_flag 
_chem_comp_atom.pdbx_stereo_config 
_chem_comp_atom.pdbx_ordinal 
A   OP3    O  N N 1   
A   P      P  N N 2   
A   OP1    O  N N 3   
A   OP2    O  N N 4   
A   "O5'"  O  N N 5   
A   "C5'"  C  N N 6   
A   "C4'"  C  N R 7   
A   "O4'"  O  N N 8   
A   "C3'"  C  N S 9   
A   "O3'"  O  N N 10  
A   "C2'"  C  N R 11  
A   "O2'"  O  N N 12  
A   "C1'"  C  N R 13  
A   N9     N  Y N 14  
A   C8     C  Y N 15  
A   N7     N  Y N 16  
A   C5     C  Y N 17  
A   C6     C  Y N 18  
A   N6     N  N N 19  
A   N1     N  Y N 20  
A   C2     C  Y N 21  
A   N3     N  Y N 22  
A   C4     C  Y N 23  
A   HOP3   H  N N 24  
A   HOP2   H  N N 25  
A   "H5'"  H  N N 26  
A   "H5''" H  N N 27  
A   "H4'"  H  N N 28  
A   "H3'"  H  N N 29  
A   "HO3'" H  N N 30  
A   "H2'"  H  N N 31  
A   "HO2'" H  N N 32  
A   "H1'"  H  N N 33  
A   H8     H  N N 34  
A   H61    H  N N 35  
A   H62    H  N N 36  
A   H2     H  N N 37  
C   OP3    O  N N 38  
C   P      P  N N 39  
C   OP1    O  N N 40  
C   OP2    O  N N 41  
C   "O5'"  O  N N 42  
C   "C5'"  C  N N 43  
C   "C4'"  C  N R 44  
C   "O4'"  O  N N 45  
C   "C3'"  C  N S 46  
C   "O3'"  O  N N 47  
C   "C2'"  C  N R 48  
C   "O2'"  O  N N 49  
C   "C1'"  C  N R 50  
C   N1     N  N N 51  
C   C2     C  N N 52  
C   O2     O  N N 53  
C   N3     N  N N 54  
C   C4     C  N N 55  
C   N4     N  N N 56  
C   C5     C  N N 57  
C   C6     C  N N 58  
C   HOP3   H  N N 59  
C   HOP2   H  N N 60  
C   "H5'"  H  N N 61  
C   "H5''" H  N N 62  
C   "H4'"  H  N N 63  
C   "H3'"  H  N N 64  
C   "HO3'" H  N N 65  
C   "H2'"  H  N N 66  
C   "HO2'" H  N N 67  
C   "H1'"  H  N N 68  
C   H41    H  N N 69  
C   H42    H  N N 70  
C   H5     H  N N 71  
C   H6     H  N N 72  
G   OP3    O  N N 73  
G   P      P  N N 74  
G   OP1    O  N N 75  
G   OP2    O  N N 76  
G   "O5'"  O  N N 77  
G   "C5'"  C  N N 78  
G   "C4'"  C  N R 79  
G   "O4'"  O  N N 80  
G   "C3'"  C  N S 81  
G   "O3'"  O  N N 82  
G   "C2'"  C  N R 83  
G   "O2'"  O  N N 84  
G   "C1'"  C  N R 85  
G   N9     N  Y N 86  
G   C8     C  Y N 87  
G   N7     N  Y N 88  
G   C5     C  Y N 89  
G   C6     C  N N 90  
G   O6     O  N N 91  
G   N1     N  N N 92  
G   C2     C  N N 93  
G   N2     N  N N 94  
G   N3     N  N N 95  
G   C4     C  Y N 96  
G   HOP3   H  N N 97  
G   HOP2   H  N N 98  
G   "H5'"  H  N N 99  
G   "H5''" H  N N 100 
G   "H4'"  H  N N 101 
G   "H3'"  H  N N 102 
G   "HO3'" H  N N 103 
G   "H2'"  H  N N 104 
G   "HO2'" H  N N 105 
G   "H1'"  H  N N 106 
G   H8     H  N N 107 
G   H1     H  N N 108 
G   H21    H  N N 109 
G   H22    H  N N 110 
HOH O      O  N N 111 
HOH H1     H  N N 112 
HOH H2     H  N N 113 
NA  NA     NA N N 114 
U   OP3    O  N N 115 
U   P      P  N N 116 
U   OP1    O  N N 117 
U   OP2    O  N N 118 
U   "O5'"  O  N N 119 
U   "C5'"  C  N N 120 
U   "C4'"  C  N R 121 
U   "O4'"  O  N N 122 
U   "C3'"  C  N S 123 
U   "O3'"  O  N N 124 
U   "C2'"  C  N R 125 
U   "O2'"  O  N N 126 
U   "C1'"  C  N R 127 
U   N1     N  N N 128 
U   C2     C  N N 129 
U   O2     O  N N 130 
U   N3     N  N N 131 
U   C4     C  N N 132 
U   O4     O  N N 133 
U   C5     C  N N 134 
U   C6     C  N N 135 
U   HOP3   H  N N 136 
U   HOP2   H  N N 137 
U   "H5'"  H  N N 138 
U   "H5''" H  N N 139 
U   "H4'"  H  N N 140 
U   "H3'"  H  N N 141 
U   "HO3'" H  N N 142 
U   "H2'"  H  N N 143 
U   "HO2'" H  N N 144 
U   "H1'"  H  N N 145 
U   H3     H  N N 146 
U   H5     H  N N 147 
U   H6     H  N N 148 
# 
loop_
_chem_comp_bond.comp_id 
_chem_comp_bond.atom_id_1 
_chem_comp_bond.atom_id_2 
_chem_comp_bond.value_order 
_chem_comp_bond.pdbx_aromatic_flag 
_chem_comp_bond.pdbx_stereo_config 
_chem_comp_bond.pdbx_ordinal 
A   OP3   P      sing N N 1   
A   OP3   HOP3   sing N N 2   
A   P     OP1    doub N N 3   
A   P     OP2    sing N N 4   
A   P     "O5'"  sing N N 5   
A   OP2   HOP2   sing N N 6   
A   "O5'" "C5'"  sing N N 7   
A   "C5'" "C4'"  sing N N 8   
A   "C5'" "H5'"  sing N N 9   
A   "C5'" "H5''" sing N N 10  
A   "C4'" "O4'"  sing N N 11  
A   "C4'" "C3'"  sing N N 12  
A   "C4'" "H4'"  sing N N 13  
A   "O4'" "C1'"  sing N N 14  
A   "C3'" "O3'"  sing N N 15  
A   "C3'" "C2'"  sing N N 16  
A   "C3'" "H3'"  sing N N 17  
A   "O3'" "HO3'" sing N N 18  
A   "C2'" "O2'"  sing N N 19  
A   "C2'" "C1'"  sing N N 20  
A   "C2'" "H2'"  sing N N 21  
A   "O2'" "HO2'" sing N N 22  
A   "C1'" N9     sing N N 23  
A   "C1'" "H1'"  sing N N 24  
A   N9    C8     sing Y N 25  
A   N9    C4     sing Y N 26  
A   C8    N7     doub Y N 27  
A   C8    H8     sing N N 28  
A   N7    C5     sing Y N 29  
A   C5    C6     sing Y N 30  
A   C5    C4     doub Y N 31  
A   C6    N6     sing N N 32  
A   C6    N1     doub Y N 33  
A   N6    H61    sing N N 34  
A   N6    H62    sing N N 35  
A   N1    C2     sing Y N 36  
A   C2    N3     doub Y N 37  
A   C2    H2     sing N N 38  
A   N3    C4     sing Y N 39  
C   OP3   P      sing N N 40  
C   OP3   HOP3   sing N N 41  
C   P     OP1    doub N N 42  
C   P     OP2    sing N N 43  
C   P     "O5'"  sing N N 44  
C   OP2   HOP2   sing N N 45  
C   "O5'" "C5'"  sing N N 46  
C   "C5'" "C4'"  sing N N 47  
C   "C5'" "H5'"  sing N N 48  
C   "C5'" "H5''" sing N N 49  
C   "C4'" "O4'"  sing N N 50  
C   "C4'" "C3'"  sing N N 51  
C   "C4'" "H4'"  sing N N 52  
C   "O4'" "C1'"  sing N N 53  
C   "C3'" "O3'"  sing N N 54  
C   "C3'" "C2'"  sing N N 55  
C   "C3'" "H3'"  sing N N 56  
C   "O3'" "HO3'" sing N N 57  
C   "C2'" "O2'"  sing N N 58  
C   "C2'" "C1'"  sing N N 59  
C   "C2'" "H2'"  sing N N 60  
C   "O2'" "HO2'" sing N N 61  
C   "C1'" N1     sing N N 62  
C   "C1'" "H1'"  sing N N 63  
C   N1    C2     sing N N 64  
C   N1    C6     sing N N 65  
C   C2    O2     doub N N 66  
C   C2    N3     sing N N 67  
C   N3    C4     doub N N 68  
C   C4    N4     sing N N 69  
C   C4    C5     sing N N 70  
C   N4    H41    sing N N 71  
C   N4    H42    sing N N 72  
C   C5    C6     doub N N 73  
C   C5    H5     sing N N 74  
C   C6    H6     sing N N 75  
G   OP3   P      sing N N 76  
G   OP3   HOP3   sing N N 77  
G   P     OP1    doub N N 78  
G   P     OP2    sing N N 79  
G   P     "O5'"  sing N N 80  
G   OP2   HOP2   sing N N 81  
G   "O5'" "C5'"  sing N N 82  
G   "C5'" "C4'"  sing N N 83  
G   "C5'" "H5'"  sing N N 84  
G   "C5'" "H5''" sing N N 85  
G   "C4'" "O4'"  sing N N 86  
G   "C4'" "C3'"  sing N N 87  
G   "C4'" "H4'"  sing N N 88  
G   "O4'" "C1'"  sing N N 89  
G   "C3'" "O3'"  sing N N 90  
G   "C3'" "C2'"  sing N N 91  
G   "C3'" "H3'"  sing N N 92  
G   "O3'" "HO3'" sing N N 93  
G   "C2'" "O2'"  sing N N 94  
G   "C2'" "C1'"  sing N N 95  
G   "C2'" "H2'"  sing N N 96  
G   "O2'" "HO2'" sing N N 97  
G   "C1'" N9     sing N N 98  
G   "C1'" "H1'"  sing N N 99  
G   N9    C8     sing Y N 100 
G   N9    C4     sing Y N 101 
G   C8    N7     doub Y N 102 
G   C8    H8     sing N N 103 
G   N7    C5     sing Y N 104 
G   C5    C6     sing N N 105 
G   C5    C4     doub Y N 106 
G   C6    O6     doub N N 107 
G   C6    N1     sing N N 108 
G   N1    C2     sing N N 109 
G   N1    H1     sing N N 110 
G   C2    N2     sing N N 111 
G   C2    N3     doub N N 112 
G   N2    H21    sing N N 113 
G   N2    H22    sing N N 114 
G   N3    C4     sing N N 115 
HOH O     H1     sing N N 116 
HOH O     H2     sing N N 117 
U   OP3   P      sing N N 118 
U   OP3   HOP3   sing N N 119 
U   P     OP1    doub N N 120 
U   P     OP2    sing N N 121 
U   P     "O5'"  sing N N 122 
U   OP2   HOP2   sing N N 123 
U   "O5'" "C5'"  sing N N 124 
U   "C5'" "C4'"  sing N N 125 
U   "C5'" "H5'"  sing N N 126 
U   "C5'" "H5''" sing N N 127 
U   "C4'" "O4'"  sing N N 128 
U   "C4'" "C3'"  sing N N 129 
U   "C4'" "H4'"  sing N N 130 
U   "O4'" "C1'"  sing N N 131 
U   "C3'" "O3'"  sing N N 132 
U   "C3'" "C2'"  sing N N 133 
U   "C3'" "H3'"  sing N N 134 
U   "O3'" "HO3'" sing N N 135 
U   "C2'" "O2'"  sing N N 136 
U   "C2'" "C1'"  sing N N 137 
U   "C2'" "H2'"  sing N N 138 
U   "O2'" "HO2'" sing N N 139 
U   "C1'" N1     sing N N 140 
U   "C1'" "H1'"  sing N N 141 
U   N1    C2     sing N N 142 
U   N1    C6     sing N N 143 
U   C2    O2     doub N N 144 
U   C2    N3     sing N N 145 
U   N3    C4     sing N N 146 
U   N3    H3     sing N N 147 
U   C4    O4     doub N N 148 
U   C4    C5     sing N N 149 
U   C5    C6     doub N N 150 
U   C5    H5     sing N N 151 
U   C6    H6     sing N N 152 
# 
loop_
_ndb_struct_conf_na.entry_id 
_ndb_struct_conf_na.feature 
435D 'double helix'        
435D 'a-form double helix' 
# 
loop_
_ndb_struct_na_base_pair.model_number 
_ndb_struct_na_base_pair.i_label_asym_id 
_ndb_struct_na_base_pair.i_label_comp_id 
_ndb_struct_na_base_pair.i_label_seq_id 
_ndb_struct_na_base_pair.i_symmetry 
_ndb_struct_na_base_pair.j_label_asym_id 
_ndb_struct_na_base_pair.j_label_comp_id 
_ndb_struct_na_base_pair.j_label_seq_id 
_ndb_struct_na_base_pair.j_symmetry 
_ndb_struct_na_base_pair.shear 
_ndb_struct_na_base_pair.stretch 
_ndb_struct_na_base_pair.stagger 
_ndb_struct_na_base_pair.buckle 
_ndb_struct_na_base_pair.propeller 
_ndb_struct_na_base_pair.opening 
_ndb_struct_na_base_pair.pair_number 
_ndb_struct_na_base_pair.pair_name 
_ndb_struct_na_base_pair.i_auth_asym_id 
_ndb_struct_na_base_pair.i_auth_seq_id 
_ndb_struct_na_base_pair.i_PDB_ins_code 
_ndb_struct_na_base_pair.j_auth_asym_id 
_ndb_struct_na_base_pair.j_auth_seq_id 
_ndb_struct_na_base_pair.j_PDB_ins_code 
_ndb_struct_na_base_pair.hbond_type_28 
_ndb_struct_na_base_pair.hbond_type_12 
1 A U 1 1_555 B A 7 1_555 -0.049 -0.057 0.009  1.914  -0.013  0.491  1  A_U1:A14_B A 1 ? B 14 ? 20 1 
1 A A 2 1_555 B U 6 1_555 0.253  -0.063 0.173  6.286  -12.646 1.392  2  A_A2:U13_B A 2 ? B 13 ? 20 1 
1 A G 3 1_555 B C 5 1_555 -0.090 -0.187 0.053  1.172  -9.977  -3.159 3  A_G3:C12_B A 3 ? B 12 ? 19 1 
1 A C 4 1_555 B G 4 1_555 0.203  -0.081 0.148  1.036  -16.005 2.514  4  A_C4:G11_B A 4 ? B 11 ? 19 1 
1 A C 5 1_555 B G 3 1_555 0.128  -0.183 0.078  -2.021 -9.409  0.000  5  A_C5:G10_B A 5 ? B 10 ? 19 1 
1 A C 6 1_555 B G 2 1_555 0.174  -0.097 0.142  -1.547 -12.436 1.395  6  A_C6:G9_B  A 6 ? B 9  ? 19 1 
1 A C 7 1_555 B G 1 1_555 0.036  -0.120 -0.166 2.951  -7.504  -1.236 7  A_C7:G8_B  A 7 ? B 8  ? 19 1 
1 C U 1 1_555 D A 7 1_555 -0.112 -0.089 0.289  -4.738 -0.266  0.382  8  C_U1:A14_D C 1 ? D 14 ? 20 1 
1 C A 2 1_555 D U 6 1_555 0.017  -0.122 -0.077 -5.252 -13.715 1.509  9  C_A2:U13_D C 2 ? D 13 ? 20 1 
1 C G 3 1_555 D C 5 1_555 -0.240 -0.229 -0.004 2.317  -11.371 -0.632 10 C_G3:C12_D C 3 ? D 12 ? 19 1 
1 C C 4 1_555 D G 4 1_555 0.250  -0.068 -0.350 15.957 -17.559 3.096  11 C_C4:G11_D C 4 ? D 11 ? 19 1 
1 C C 5 1_555 D G 3 1_555 0.134  -0.130 0.055  0.559  -11.422 -1.166 12 C_C5:G10_D C 5 ? D 10 ? 19 1 
1 C C 6 1_555 D G 2 1_555 0.317  -0.242 -0.123 4.592  -9.105  -3.280 13 C_C6:G9_D  C 6 ? D 9  ? 19 1 
1 C C 7 1_555 D G 1 1_555 0.144  -0.075 -0.179 4.861  -3.948  0.379  14 C_C7:G8_D  C 7 ? D 8  ? 19 1 
# 
loop_
_ndb_struct_na_base_pair_step.model_number 
_ndb_struct_na_base_pair_step.i_label_asym_id_1 
_ndb_struct_na_base_pair_step.i_label_comp_id_1 
_ndb_struct_na_base_pair_step.i_label_seq_id_1 
_ndb_struct_na_base_pair_step.i_symmetry_1 
_ndb_struct_na_base_pair_step.j_label_asym_id_1 
_ndb_struct_na_base_pair_step.j_label_comp_id_1 
_ndb_struct_na_base_pair_step.j_label_seq_id_1 
_ndb_struct_na_base_pair_step.j_symmetry_1 
_ndb_struct_na_base_pair_step.i_label_asym_id_2 
_ndb_struct_na_base_pair_step.i_label_comp_id_2 
_ndb_struct_na_base_pair_step.i_label_seq_id_2 
_ndb_struct_na_base_pair_step.i_symmetry_2 
_ndb_struct_na_base_pair_step.j_label_asym_id_2 
_ndb_struct_na_base_pair_step.j_label_comp_id_2 
_ndb_struct_na_base_pair_step.j_label_seq_id_2 
_ndb_struct_na_base_pair_step.j_symmetry_2 
_ndb_struct_na_base_pair_step.shift 
_ndb_struct_na_base_pair_step.slide 
_ndb_struct_na_base_pair_step.rise 
_ndb_struct_na_base_pair_step.tilt 
_ndb_struct_na_base_pair_step.roll 
_ndb_struct_na_base_pair_step.twist 
_ndb_struct_na_base_pair_step.x_displacement 
_ndb_struct_na_base_pair_step.y_displacement 
_ndb_struct_na_base_pair_step.helical_rise 
_ndb_struct_na_base_pair_step.inclination 
_ndb_struct_na_base_pair_step.tip 
_ndb_struct_na_base_pair_step.helical_twist 
_ndb_struct_na_base_pair_step.step_number 
_ndb_struct_na_base_pair_step.step_name 
_ndb_struct_na_base_pair_step.i_auth_asym_id_1 
_ndb_struct_na_base_pair_step.i_auth_seq_id_1 
_ndb_struct_na_base_pair_step.i_PDB_ins_code_1 
_ndb_struct_na_base_pair_step.j_auth_asym_id_1 
_ndb_struct_na_base_pair_step.j_auth_seq_id_1 
_ndb_struct_na_base_pair_step.j_PDB_ins_code_1 
_ndb_struct_na_base_pair_step.i_auth_asym_id_2 
_ndb_struct_na_base_pair_step.i_auth_seq_id_2 
_ndb_struct_na_base_pair_step.i_PDB_ins_code_2 
_ndb_struct_na_base_pair_step.j_auth_asym_id_2 
_ndb_struct_na_base_pair_step.j_auth_seq_id_2 
_ndb_struct_na_base_pair_step.j_PDB_ins_code_2 
1 A U 1 1_555 B A 7 1_555 A A 2 1_555 B U 6 1_555 0.334  -1.495 3.147 0.504  6.618 29.121  -4.159 -0.552 2.753 12.951 -0.986  
29.852  1  AA_U1A2:U13A14_BB A 1 ? B 14 ? A 2 ? B 13 ? 
1 A A 2 1_555 B U 6 1_555 A G 3 1_555 B C 5 1_555 -0.748 -1.357 3.363 -0.975 5.122 34.045  -3.092 1.111  3.151 8.685  1.653   
34.431  2  AA_A2G3:C12U13_BB A 2 ? B 13 ? A 3 ? B 12 ? 
1 A G 3 1_555 B C 5 1_555 A C 4 1_555 B G 4 1_555 0.809  -1.494 3.127 2.098  6.865 36.120  -3.226 -1.018 2.846 10.939 -3.343  
36.803  3  AA_G3C4:G11C12_BB A 3 ? B 12 ? A 4 ? B 11 ? 
1 A C 4 1_555 B G 4 1_555 A C 5 1_555 B G 3 1_555 -0.646 -1.570 3.349 -1.526 7.209 29.191  -4.459 0.941  2.916 14.024 2.968   
30.087  4  AA_C4C5:G10G11_BB A 4 ? B 11 ? A 5 ? B 10 ? 
1 A C 5 1_555 B G 3 1_555 A C 6 1_555 B G 2 1_555 0.604  -1.384 3.210 1.575  7.148 33.322  -3.431 -0.794 2.885 12.282 -2.706  
34.094  5  AA_C5C6:G9G10_BB  A 5 ? B 10 ? A 6 ? B 9  ? 
1 A C 6 1_555 B G 2 1_555 A C 7 1_555 B G 1 1_555 -0.060 -1.934 3.110 2.064  4.643 29.279  -4.655 0.509  2.766 9.099  -4.045  
29.707  6  AA_C6C7:G8G9_BB   A 6 ? B 9  ? A 7 ? B 8  ? 
1 A C 7 1_555 B G 1 1_555 C U 1 1_555 D A 7 1_555 0.231  -3.631 3.552 -2.808 1.872 -15.248 11.700 -1.645 3.943 -6.946 -10.418 
-15.615 7  AC_C7U1:A14G8_DB  A 7 ? B 8  ? C 1 ? D 14 ? 
1 C U 1 1_555 D A 7 1_555 C A 2 1_555 D U 6 1_555 -0.081 -1.562 3.248 2.834  5.992 33.395  -3.578 0.568  2.915 10.302 -4.871  
34.028  8  CC_U1A2:U13A14_DD C 1 ? D 14 ? C 2 ? D 13 ? 
1 C A 2 1_555 D U 6 1_555 C G 3 1_555 D C 5 1_555 -0.537 -1.435 3.027 -2.193 7.565 28.879  -4.155 0.643  2.608 14.823 4.297   
29.912  9  CC_A2G3:C12U13_DD C 2 ? D 13 ? C 3 ? D 12 ? 
1 C G 3 1_555 D C 5 1_555 C C 4 1_555 D G 4 1_555 0.694  -1.180 2.847 4.157  5.681 34.452  -2.680 -0.619 2.687 9.469  -6.930  
35.142  10 CC_G3C4:G11C12_DD C 3 ? D 12 ? C 4 ? D 11 ? 
1 C C 4 1_555 D G 4 1_555 C C 5 1_555 D G 3 1_555 -0.699 -1.548 3.680 -2.747 9.233 32.756  -4.211 0.723  3.186 15.947 4.745   
34.106  11 CC_C4C5:G10G11_DD C 4 ? D 11 ? C 5 ? D 10 ? 
1 C C 5 1_555 D G 3 1_555 C C 6 1_555 D G 2 1_555 -0.329 -1.674 3.087 -0.417 6.006 31.272  -4.036 0.532  2.730 11.013 0.765   
31.832  12 CC_C5C6:G9G10_DD  C 5 ? D 10 ? C 6 ? D 9  ? 
1 C C 6 1_555 D G 2 1_555 C C 7 1_555 D G 1 1_555 0.626  -1.853 3.289 2.553  6.447 31.252  -4.478 -0.694 2.899 11.787 -4.667  
31.993  13 CC_C6C7:G8G9_DD   C 6 ? D 9  ? C 7 ? D 8  ? 
# 
_pdbx_initial_refinement_model.accession_code   ? 
_pdbx_initial_refinement_model.id               1 
_pdbx_initial_refinement_model.entity_id_list   ? 
_pdbx_initial_refinement_model.type             'in silico model' 
_pdbx_initial_refinement_model.source_name      Other 
_pdbx_initial_refinement_model.details          'CANONICAL A-FORM RNA DUPLEX' 
# 
_atom_sites.entry_id                    435D 
_atom_sites.fract_transf_matrix[1][1]   -0.00016427 
_atom_sites.fract_transf_matrix[1][2]   -0.02471989 
_atom_sites.fract_transf_matrix[1][3]   -0.02996103 
_atom_sites.fract_transf_matrix[2][1]   0.03632866 
_atom_sites.fract_transf_matrix[2][2]   0.00769494 
_atom_sites.fract_transf_matrix[2][3]   -0.01134960 
_atom_sites.fract_transf_matrix[3][1]   0.01900099 
_atom_sites.fract_transf_matrix[3][2]   -0.02749614 
_atom_sites.fract_transf_matrix[3][3]   0.01070764 
_atom_sites.fract_transf_vector[1]      0.170534 
_atom_sites.fract_transf_vector[2]      0.182724 
_atom_sites.fract_transf_vector[3]      0.381938 
# 
loop_
_atom_type.symbol 
C  
N  
NA 
O  
P  
# 
loop_
_atom_site.group_PDB 
_atom_site.id 
_atom_site.type_symbol 
_atom_site.label_atom_id 
_atom_site.label_alt_id 
_atom_site.label_comp_id 
_atom_site.label_asym_id 
_atom_site.label_entity_id 
_atom_site.label_seq_id 
_atom_site.pdbx_PDB_ins_code 
_atom_site.Cartn_x 
_atom_site.Cartn_y 
_atom_site.Cartn_z 
_atom_site.occupancy 
_atom_site.B_iso_or_equiv 
_atom_site.pdbx_formal_charge 
_atom_site.auth_seq_id 
_atom_site.auth_comp_id 
_atom_site.auth_asym_id 
_atom_site.auth_atom_id 
_atom_site.pdbx_PDB_model_num 
ATOM   1   O  "O5'" . U   A 1 1 ? -13.097 4.570   9.279   1.00 19.36 ? 1    U   A "O5'" 1 
ATOM   2   C  "C5'" . U   A 1 1 ? -13.950 3.462   9.581   1.00 18.19 ? 1    U   A "C5'" 1 
ATOM   3   C  "C4'" . U   A 1 1 ? -14.968 3.420   8.417   1.00 17.49 ? 1    U   A "C4'" 1 
ATOM   4   O  "O4'" . U   A 1 1 ? -15.753 4.569   8.443   1.00 17.12 ? 1    U   A "O4'" 1 
ATOM   5   C  "C3'" . U   A 1 1 ? -14.361 3.424   7.023   1.00 17.92 ? 1    U   A "C3'" 1 
ATOM   6   O  "O3'" . U   A 1 1 ? -13.745 2.139   6.855   1.00 19.67 ? 1    U   A "O3'" 1 
ATOM   7   C  "C2'" . U   A 1 1 ? -15.543 3.667   6.244   1.00 17.40 ? 1    U   A "C2'" 1 
ATOM   8   O  "O2'" . U   A 1 1 ? -16.519 2.687   6.335   1.00 17.28 ? 1    U   A "O2'" 1 
ATOM   9   C  "C1'" . U   A 1 1 ? -16.087 4.828   7.060   1.00 17.00 ? 1    U   A "C1'" 1 
ATOM   10  N  N1    . U   A 1 1 ? -15.530 6.131   6.695   1.00 16.76 ? 1    U   A N1    1 
ATOM   11  C  C2    . U   A 1 1 ? -16.045 6.755   5.574   1.00 16.05 ? 1    U   A C2    1 
ATOM   12  O  O2    . U   A 1 1 ? -16.927 6.276   4.889   1.00 15.00 ? 1    U   A O2    1 
ATOM   13  N  N3    . U   A 1 1 ? -15.487 7.971   5.277   1.00 17.01 ? 1    U   A N3    1 
ATOM   14  C  C4    . U   A 1 1 ? -14.491 8.622   5.971   1.00 18.02 ? 1    U   A C4    1 
ATOM   15  O  O4    . U   A 1 1 ? -14.101 9.721   5.569   1.00 20.55 ? 1    U   A O4    1 
ATOM   16  C  C5    . U   A 1 1 ? -14.011 7.915   7.116   1.00 17.94 ? 1    U   A C5    1 
ATOM   17  C  C6    . U   A 1 1 ? -14.531 6.723   7.430   1.00 17.27 ? 1    U   A C6    1 
ATOM   18  P  P     . A   A 1 2 ? -12.616 1.850   5.778   1.00 22.16 ? 2    A   A P     1 
ATOM   19  O  OP1   . A   A 1 2 ? -12.282 0.416   5.865   1.00 22.32 ? 2    A   A OP1   1 
ATOM   20  O  OP2   . A   A 1 2 ? -11.556 2.873   5.955   1.00 20.56 ? 2    A   A OP2   1 
ATOM   21  O  "O5'" . A   A 1 2 ? -13.343 2.134   4.403   1.00 20.76 ? 2    A   A "O5'" 1 
ATOM   22  C  "C5'" . A   A 1 2 ? -14.419 1.219   4.101   1.00 20.08 ? 2    A   A "C5'" 1 
ATOM   23  C  "C4'" . A   A 1 2 ? -15.049 1.927   2.856   1.00 18.92 ? 2    A   A "C4'" 1 
ATOM   24  O  "O4'" . A   A 1 2 ? -15.438 3.189   3.299   1.00 19.14 ? 2    A   A "O4'" 1 
ATOM   25  C  "C3'" . A   A 1 2 ? -14.147 2.180   1.699   1.00 17.47 ? 2    A   A "C3'" 1 
ATOM   26  O  "O3'" . A   A 1 2 ? -14.041 0.971   0.912   1.00 16.30 ? 2    A   A "O3'" 1 
ATOM   27  C  "C2'" . A   A 1 2 ? -14.853 3.225   0.984   1.00 18.47 ? 2    A   A "C2'" 1 
ATOM   28  O  "O2'" . A   A 1 2 ? -15.987 2.806   0.309   1.00 19.46 ? 2    A   A "O2'" 1 
ATOM   29  C  "C1'" . A   A 1 2 ? -15.355 4.047   2.170   1.00 18.42 ? 2    A   A "C1'" 1 
ATOM   30  N  N9    . A   A 1 2 ? -14.455 5.148   2.506   1.00 18.54 ? 2    A   A N9    1 
ATOM   31  C  C8    . A   A 1 2 ? -13.524 5.259   3.504   1.00 19.24 ? 2    A   A C8    1 
ATOM   32  N  N7    . A   A 1 2 ? -12.889 6.408   3.507   1.00 19.58 ? 2    A   A N7    1 
ATOM   33  C  C5    . A   A 1 2 ? -13.438 7.101   2.435   1.00 19.00 ? 2    A   A C5    1 
ATOM   34  C  C6    . A   A 1 2 ? -13.213 8.375   1.887   1.00 18.75 ? 2    A   A C6    1 
ATOM   35  N  N6    . A   A 1 2 ? -12.322 9.254   2.354   1.00 21.80 ? 2    A   A N6    1 
ATOM   36  N  N1    . A   A 1 2 ? -13.950 8.731   0.811   1.00 17.61 ? 2    A   A N1    1 
ATOM   37  C  C2    . A   A 1 2 ? -14.850 7.880   0.317   1.00 17.50 ? 2    A   A C2    1 
ATOM   38  N  N3    . A   A 1 2 ? -15.155 6.658   0.746   1.00 17.86 ? 2    A   A N3    1 
ATOM   39  C  C4    . A   A 1 2 ? -14.406 6.335   1.811   1.00 18.37 ? 2    A   A C4    1 
ATOM   40  P  P     . G   A 1 3 ? -12.832 0.686   -0.079  1.00 15.53 ? 3    G   A P     1 
ATOM   41  O  OP1   . G   A 1 3 ? -12.825 -0.758  -0.381  1.00 20.09 ? 3    G   A OP1   1 
ATOM   42  O  OP2   . G   A 1 3 ? -11.623 1.306   0.512   1.00 16.79 ? 3    G   A OP2   1 
ATOM   43  O  "O5'" . G   A 1 3 ? -13.210 1.517   -1.404  1.00 13.49 ? 3    G   A "O5'" 1 
ATOM   44  C  "C5'" . G   A 1 3 ? -14.101 1.096   -2.447  1.00 12.11 ? 3    G   A "C5'" 1 
ATOM   45  C  "C4'" . G   A 1 3 ? -14.274 2.303   -3.387  1.00 10.70 ? 3    G   A "C4'" 1 
ATOM   46  O  "O4'" . G   A 1 3 ? -14.731 3.413   -2.640  1.00 9.30  ? 3    G   A "O4'" 1 
ATOM   47  C  "C3'" . G   A 1 3 ? -13.012 2.794   -4.057  1.00 10.52 ? 3    G   A "C3'" 1 
ATOM   48  O  "O3'" . G   A 1 3 ? -12.635 1.798   -5.038  1.00 12.63 ? 3    G   A "O3'" 1 
ATOM   49  C  "C2'" . G   A 1 3 ? -13.488 4.062   -4.583  1.00 9.73  ? 3    G   A "C2'" 1 
ATOM   50  O  "O2'" . G   A 1 3 ? -14.413 3.943   -5.591  1.00 12.66 ? 3    G   A "O2'" 1 
ATOM   51  C  "C1'" . G   A 1 3 ? -14.222 4.531   -3.313  1.00 9.80  ? 3    G   A "C1'" 1 
ATOM   52  N  N9    . G   A 1 3 ? -13.310 5.196   -2.392  1.00 10.36 ? 3    G   A N9    1 
ATOM   53  C  C8    . G   A 1 3 ? -12.796 4.678   -1.222  1.00 10.01 ? 3    G   A C8    1 
ATOM   54  N  N7    . G   A 1 3 ? -12.001 5.515   -0.612  1.00 9.63  ? 3    G   A N7    1 
ATOM   55  C  C5    . G   A 1 3 ? -11.995 6.642   -1.425  1.00 9.33  ? 3    G   A C5    1 
ATOM   56  C  C6    . G   A 1 3 ? -11.313 7.874   -1.275  1.00 9.16  ? 3    G   A C6    1 
ATOM   57  O  O6    . G   A 1 3 ? -10.563 8.193   -0.352  1.00 10.87 ? 3    G   A O6    1 
ATOM   58  N  N1    . G   A 1 3 ? -11.583 8.743   -2.327  1.00 9.58  ? 3    G   A N1    1 
ATOM   59  C  C2    . G   A 1 3 ? -12.406 8.464   -3.392  1.00 9.53  ? 3    G   A C2    1 
ATOM   60  N  N2    . G   A 1 3 ? -12.548 9.422   -4.312  1.00 10.52 ? 3    G   A N2    1 
ATOM   61  N  N3    . G   A 1 3 ? -13.047 7.315   -3.538  1.00 9.17  ? 3    G   A N3    1 
ATOM   62  C  C4    . G   A 1 3 ? -12.797 6.460   -2.527  1.00 9.78  ? 3    G   A C4    1 
ATOM   63  P  P     . C   A 1 4 ? -11.160 1.679   -5.597  1.00 14.52 ? 4    C   A P     1 
ATOM   64  O  OP1   . C   A 1 4 ? -11.118 0.629   -6.614  1.00 16.35 ? 4    C   A OP1   1 
ATOM   65  O  OP2   . C   A 1 4 ? -10.230 1.501   -4.445  1.00 19.50 ? 4    C   A OP2   1 
ATOM   66  O  "O5'" . C   A 1 4 ? -10.868 3.123   -6.196  1.00 13.53 ? 4    C   A "O5'" 1 
ATOM   67  C  "C5'" . C   A 1 4 ? -11.528 3.498   -7.415  1.00 13.50 ? 4    C   A "C5'" 1 
ATOM   68  C  "C4'" . C   A 1 4 ? -11.065 4.959   -7.650  1.00 13.72 ? 4    C   A "C4'" 1 
ATOM   69  O  "O4'" . C   A 1 4 ? -11.430 5.704   -6.520  1.00 12.67 ? 4    C   A "O4'" 1 
ATOM   70  C  "C3'" . C   A 1 4 ? -9.580  5.170   -7.785  1.00 13.92 ? 4    C   A "C3'" 1 
ATOM   71  O  "O3'" . C   A 1 4 ? -9.157  4.807   -9.122  1.00 14.87 ? 4    C   A "O3'" 1 
ATOM   72  C  "C2'" . C   A 1 4 ? -9.456  6.592   -7.523  1.00 13.23 ? 4    C   A "C2'" 1 
ATOM   73  O  "O2'" . C   A 1 4 ? -9.939  7.414   -8.545  1.00 14.32 ? 4    C   A "O2'" 1 
ATOM   74  C  "C1'" . C   A 1 4 ? -10.436 6.712   -6.372  1.00 13.01 ? 4    C   A "C1'" 1 
ATOM   75  N  N1    . C   A 1 4 ? -9.851  6.502   -5.036  1.00 13.08 ? 4    C   A N1    1 
ATOM   76  C  C2    . C   A 1 4 ? -9.181  7.602   -4.488  1.00 13.51 ? 4    C   A C2    1 
ATOM   77  O  O2    . C   A 1 4 ? -9.144  8.637   -5.171  1.00 14.70 ? 4    C   A O2    1 
ATOM   78  N  N3    . C   A 1 4 ? -8.630  7.482   -3.267  1.00 13.47 ? 4    C   A N3    1 
ATOM   79  C  C4    . C   A 1 4 ? -8.715  6.330   -2.598  1.00 13.33 ? 4    C   A C4    1 
ATOM   80  N  N4    . C   A 1 4 ? -8.136  6.293   -1.393  1.00 15.05 ? 4    C   A N4    1 
ATOM   81  C  C5    . C   A 1 4 ? -9.389  5.200   -3.139  1.00 12.78 ? 4    C   A C5    1 
ATOM   82  C  C6    . C   A 1 4 ? -9.943  5.327   -4.352  1.00 12.08 ? 4    C   A C6    1 
ATOM   83  P  P     . C   A 1 5 ? -7.634  4.369   -9.337  1.00 15.27 ? 5    C   A P     1 
ATOM   84  O  OP1   . C   A 1 5 ? -7.473  3.732   -10.622 1.00 17.81 ? 5    C   A OP1   1 
ATOM   85  O  OP2   . C   A 1 5 ? -7.225  3.589   -8.127  1.00 16.47 ? 5    C   A OP2   1 
ATOM   86  O  "O5'" . C   A 1 5 ? -6.818  5.745   -9.213  1.00 12.89 ? 5    C   A "O5'" 1 
ATOM   87  C  "C5'" . C   A 1 5 ? -6.912  6.774   -10.200 1.00 12.13 ? 5    C   A "C5'" 1 
ATOM   88  C  "C4'" . C   A 1 5 ? -6.037  7.944   -9.699  1.00 11.44 ? 5    C   A "C4'" 1 
ATOM   89  O  "O4'" . C   A 1 5 ? -6.592  8.408   -8.497  1.00 10.64 ? 5    C   A "O4'" 1 
ATOM   90  C  "C3'" . C   A 1 5 ? -4.623  7.627   -9.311  1.00 11.13 ? 5    C   A "C3'" 1 
ATOM   91  O  "O3'" . C   A 1 5 ? -3.800  7.541   -10.470 1.00 10.80 ? 5    C   A "O3'" 1 
ATOM   92  C  "C2'" . C   A 1 5 ? -4.254  8.795   -8.519  1.00 10.86 ? 5    C   A "C2'" 1 
ATOM   93  O  "O2'" . C   A 1 5 ? -4.056  9.935   -9.284  1.00 12.98 ? 5    C   A "O2'" 1 
ATOM   94  C  "C1'" . C   A 1 5 ? -5.554  8.951   -7.735  1.00 10.71 ? 5    C   A "C1'" 1 
ATOM   95  N  N1    . C   A 1 5 ? -5.487  8.228   -6.450  1.00 11.16 ? 5    C   A N1    1 
ATOM   96  C  C2    . C   A 1 5 ? -4.788  8.849   -5.408  1.00 10.40 ? 5    C   A C2    1 
ATOM   97  O  O2    . C   A 1 5 ? -4.288  9.957   -5.646  1.00 10.17 ? 5    C   A O2    1 
ATOM   98  N  N3    . C   A 1 5 ? -4.693  8.225   -4.215  1.00 9.98  ? 5    C   A N3    1 
ATOM   99  C  C4    . C   A 1 5 ? -5.251  7.031   -4.025  1.00 10.49 ? 5    C   A C4    1 
ATOM   100 N  N4    . C   A 1 5 ? -5.127  6.461   -2.825  1.00 10.28 ? 5    C   A N4    1 
ATOM   101 C  C5    . C   A 1 5 ? -5.962  6.377   -5.069  1.00 10.68 ? 5    C   A C5    1 
ATOM   102 C  C6    . C   A 1 5 ? -6.051  7.005   -6.254  1.00 11.06 ? 5    C   A C6    1 
ATOM   103 P  P     . C   A 1 6 ? -2.576  6.530   -10.525 1.00 11.19 ? 6    C   A P     1 
ATOM   104 O  OP1   . C   A 1 6 ? -2.180  6.496   -11.936 1.00 10.71 ? 6    C   A OP1   1 
ATOM   105 O  OP2   . C   A 1 6 ? -2.989  5.282   -9.828  1.00 16.65 ? 6    C   A OP2   1 
ATOM   106 O  "O5'" . C   A 1 6 ? -1.459  7.230   -9.616  1.00 11.51 ? 6    C   A "O5'" 1 
ATOM   107 C  "C5'" . C   A 1 6 ? -0.980  8.496   -10.080 1.00 11.74 ? 6    C   A "C5'" 1 
ATOM   108 C  "C4'" . C   A 1 6 ? -0.296  9.172   -8.863  1.00 11.82 ? 6    C   A "C4'" 1 
ATOM   109 O  "O4'" . C   A 1 6 ? -1.256  9.309   -7.837  1.00 11.56 ? 6    C   A "O4'" 1 
ATOM   110 C  "C3'" . C   A 1 6 ? 0.819   8.411   -8.200  1.00 12.33 ? 6    C   A "C3'" 1 
ATOM   111 O  "O3'" . C   A 1 6 ? 1.971   8.432   -9.083  1.00 13.60 ? 6    C   A "O3'" 1 
ATOM   112 C  "C2'" . C   A 1 6 ? 0.962   9.167   -6.958  1.00 12.27 ? 6    C   A "C2'" 1 
ATOM   113 O  "O2'" . C   A 1 6 ? 1.395   10.480  -7.050  1.00 13.37 ? 6    C   A "O2'" 1 
ATOM   114 C  "C1'" . C   A 1 6 ? -0.520  9.296   -6.617  1.00 11.68 ? 6    C   A "C1'" 1 
ATOM   115 N  N1    . C   A 1 6 ? -1.017  8.176   -5.805  1.00 12.15 ? 6    C   A N1    1 
ATOM   116 C  C2    . C   A 1 6 ? -0.704  8.158   -4.444  1.00 11.95 ? 6    C   A C2    1 
ATOM   117 O  O2    . C   A 1 6 ? -0.024  9.094   -3.991  1.00 13.30 ? 6    C   A O2    1 
ATOM   118 N  N3    . C   A 1 6 ? -1.154  7.135   -3.681  1.00 10.93 ? 6    C   A N3    1 
ATOM   119 C  C4    . C   A 1 6 ? -1.878  6.159   -4.226  1.00 11.69 ? 6    C   A C4    1 
ATOM   120 N  N4    . C   A 1 6 ? -2.291  5.175   -3.422  1.00 12.59 ? 6    C   A N4    1 
ATOM   121 C  C5    . C   A 1 6 ? -2.204  6.156   -5.609  1.00 12.10 ? 6    C   A C5    1 
ATOM   122 C  C6    . C   A 1 6 ? -1.760  7.171   -6.363  1.00 12.56 ? 6    C   A C6    1 
ATOM   123 P  P     . C   A 1 7 ? 3.233   7.438   -9.013  1.00 14.38 ? 7    C   A P     1 
ATOM   124 O  OP1   . C   A 1 7 ? 4.189   7.938   -10.030 1.00 15.46 ? 7    C   A OP1   1 
ATOM   125 O  OP2   . C   A 1 7 ? 2.728   6.060   -8.996  1.00 14.23 ? 7    C   A OP2   1 
ATOM   126 O  "O5'" . C   A 1 7 ? 3.865   7.674   -7.552  1.00 14.08 ? 7    C   A "O5'" 1 
ATOM   127 C  "C5'" . C   A 1 7 ? 4.585   8.809   -7.098  1.00 14.36 ? 7    C   A "C5'" 1 
ATOM   128 C  "C4'" . C   A 1 7 ? 4.870   8.665   -5.591  1.00 14.71 ? 7    C   A "C4'" 1 
ATOM   129 O  "O4'" . C   A 1 7 ? 3.656   8.670   -4.854  1.00 14.23 ? 7    C   A "O4'" 1 
ATOM   130 C  "C3'" . C   A 1 7 ? 5.526   7.372   -5.162  1.00 15.78 ? 7    C   A "C3'" 1 
ATOM   131 O  "O3'" . C   A 1 7 ? 6.893   7.301   -5.641  1.00 19.69 ? 7    C   A "O3'" 1 
ATOM   132 C  "C2'" . C   A 1 7 ? 5.420   7.514   -3.718  1.00 15.25 ? 7    C   A "C2'" 1 
ATOM   133 O  "O2'" . C   A 1 7 ? 6.167   8.519   -3.173  1.00 18.00 ? 7    C   A "O2'" 1 
ATOM   134 C  "C1'" . C   A 1 7 ? 3.961   8.000   -3.642  1.00 14.45 ? 7    C   A "C1'" 1 
ATOM   135 N  N1    . C   A 1 7 ? 3.035   6.876   -3.446  1.00 14.00 ? 7    C   A N1    1 
ATOM   136 C  C2    . C   A 1 7 ? 2.839   6.405   -2.146  1.00 14.51 ? 7    C   A C2    1 
ATOM   137 O  O2    . C   A 1 7 ? 3.444   6.954   -1.214  1.00 18.94 ? 7    C   A O2    1 
ATOM   138 N  N3    . C   A 1 7 ? 1.994   5.373   -1.933  1.00 14.79 ? 7    C   A N3    1 
ATOM   139 C  C4    . C   A 1 7 ? 1.361   4.809   -2.962  1.00 13.54 ? 7    C   A C4    1 
ATOM   140 N  N4    . C   A 1 7 ? 0.540   3.792   -2.692  1.00 11.21 ? 7    C   A N4    1 
ATOM   141 C  C5    . C   A 1 7 ? 1.544   5.266   -4.297  1.00 13.51 ? 7    C   A C5    1 
ATOM   142 C  C6    . C   A 1 7 ? 2.384   6.293   -4.498  1.00 13.26 ? 7    C   A C6    1 
ATOM   143 O  "O5'" . G   B 2 1 ? -1.093  1.280   6.874   1.00 20.97 ? 8    G   B "O5'" 1 
ATOM   144 C  "C5'" . G   B 2 1 ? -0.213  1.491   8.003   1.00 18.25 ? 8    G   B "C5'" 1 
ATOM   145 C  "C4'" . G   B 2 1 ? 0.875   2.484   7.504   1.00 17.04 ? 8    G   B "C4'" 1 
ATOM   146 O  "O4'" . G   B 2 1 ? 1.630   1.871   6.515   1.00 17.08 ? 8    G   B "O4'" 1 
ATOM   147 C  "C3'" . G   B 2 1 ? 0.397   3.736   6.801   1.00 17.06 ? 8    G   B "C3'" 1 
ATOM   148 O  "O3'" . G   B 2 1 ? -0.142  4.634   7.736   1.00 18.38 ? 8    G   B "O3'" 1 
ATOM   149 C  "C2'" . G   B 2 1 ? 1.665   4.213   6.241   1.00 17.51 ? 8    G   B "C2'" 1 
ATOM   150 O  "O2'" . G   B 2 1 ? 2.666   4.490   7.139   1.00 16.37 ? 8    G   B "O2'" 1 
ATOM   151 C  "C1'" . G   B 2 1 ? 2.045   2.895   5.602   1.00 17.10 ? 8    G   B "C1'" 1 
ATOM   152 N  N9    . G   B 2 1 ? 1.384   2.650   4.331   1.00 16.24 ? 8    G   B N9    1 
ATOM   153 C  C8    . G   B 2 1 ? 0.381   1.747   4.077   1.00 16.90 ? 8    G   B C8    1 
ATOM   154 N  N7    . G   B 2 1 ? -0.015  1.752   2.836   1.00 16.86 ? 8    G   B N7    1 
ATOM   155 C  C5    . G   B 2 1 ? 0.776   2.721   2.231   1.00 17.18 ? 8    G   B C5    1 
ATOM   156 C  C6    . G   B 2 1 ? 0.809   3.178   0.891   1.00 16.94 ? 8    G   B C6    1 
ATOM   157 O  O6    . G   B 2 1 ? 0.105   2.785   -0.046  1.00 20.52 ? 8    G   B O6    1 
ATOM   158 N  N1    . G   B 2 1 ? 1.760   4.173   0.700   1.00 16.43 ? 8    G   B N1    1 
ATOM   159 C  C2    . G   B 2 1 ? 2.584   4.669   1.683   1.00 15.91 ? 8    G   B C2    1 
ATOM   160 N  N2    . G   B 2 1 ? 3.448   5.629   1.323   1.00 17.35 ? 8    G   B N2    1 
ATOM   161 N  N3    . G   B 2 1 ? 2.564   4.249   2.936   1.00 14.97 ? 8    G   B N3    1 
ATOM   162 C  C4    . G   B 2 1 ? 1.645   3.285   3.140   1.00 16.62 ? 8    G   B C4    1 
ATOM   163 P  P     . G   B 2 2 ? -1.163  5.826   7.531   1.00 17.33 ? 9    G   B P     1 
ATOM   164 O  OP1   . G   B 2 2 ? -1.542  6.255   8.901   1.00 19.59 ? 9    G   B OP1   1 
ATOM   165 O  OP2   . G   B 2 2 ? -2.302  5.438   6.661   1.00 18.82 ? 9    G   B OP2   1 
ATOM   166 O  "O5'" . G   B 2 2 ? -0.321  6.945   6.736   1.00 15.57 ? 9    G   B "O5'" 1 
ATOM   167 C  "C5'" . G   B 2 2 ? 0.958   7.461   7.150   1.00 13.34 ? 9    G   B "C5'" 1 
ATOM   168 C  "C4'" . G   B 2 2 ? 1.451   8.299   5.941   1.00 12.01 ? 9    G   B "C4'" 1 
ATOM   169 O  "O4'" . G   B 2 2 ? 1.811   7.402   4.930   1.00 10.61 ? 9    G   B "O4'" 1 
ATOM   170 C  "C3'" . G   B 2 2 ? 0.431   9.207   5.307   1.00 11.85 ? 9    G   B "C3'" 1 
ATOM   171 O  "O3'" . G   B 2 2 ? 0.309   10.376  6.136   1.00 12.45 ? 9    G   B "O3'" 1 
ATOM   172 C  "C2'" . G   B 2 2 ? 1.027   9.474   4.017   1.00 10.73 ? 9    G   B "C2'" 1 
ATOM   173 O  "O2'" . G   B 2 2 ? 2.176   10.236  4.061   1.00 9.99  ? 9    G   B "O2'" 1 
ATOM   174 C  "C1'" . G   B 2 2 ? 1.509   8.076   3.685   1.00 10.85 ? 9    G   B "C1'" 1 
ATOM   175 N  N9    . G   B 2 2 ? 0.539   7.254   2.969   1.00 10.64 ? 9    G   B N9    1 
ATOM   176 C  C8    . G   B 2 2 ? -0.300  6.272   3.425   1.00 10.81 ? 9    G   B C8    1 
ATOM   177 N  N7    . G   B 2 2 ? -1.041  5.741   2.484   1.00 10.85 ? 9    G   B N7    1 
ATOM   178 C  C5    . G   B 2 2 ? -0.663  6.417   1.331   1.00 10.48 ? 9    G   B C5    1 
ATOM   179 C  C6    . G   B 2 2 ? -1.099  6.299   -0.014  1.00 10.59 ? 9    G   B C6    1 
ATOM   180 O  O6    . G   B 2 2 ? -1.951  5.534   -0.483  1.00 14.78 ? 9    G   B O6    1 
ATOM   181 N  N1    . G   B 2 2 ? -0.435  7.189   -0.851  1.00 10.14 ? 9    G   B N1    1 
ATOM   182 C  C2    . G   B 2 2 ? 0.527   8.086   -0.457  1.00 9.90  ? 9    G   B C2    1 
ATOM   183 N  N2    . G   B 2 2 ? 1.056   8.867   -1.407  1.00 11.17 ? 9    G   B N2    1 
ATOM   184 N  N3    . G   B 2 2 ? 0.943   8.206   0.791   1.00 9.99  ? 9    G   B N3    1 
ATOM   185 C  C4    . G   B 2 2 ? 0.310   7.349   1.614   1.00 9.87  ? 9    G   B C4    1 
ATOM   186 P  P     . G   B 2 3 ? -0.932  11.329  6.025   1.00 12.99 ? 10   G   B P     1 
ATOM   187 O  OP1   . G   B 2 3 ? -0.718  12.352  7.072   1.00 15.32 ? 10   G   B OP1   1 
ATOM   188 O  OP2   . G   B 2 3 ? -2.165  10.521  6.079   1.00 13.89 ? 10   G   B OP2   1 
ATOM   189 O  "O5'" . G   B 2 3 ? -0.834  11.992  4.554   1.00 11.89 ? 10   G   B "O5'" 1 
ATOM   190 C  "C5'" . G   B 2 3 ? 0.179   12.992  4.320   1.00 11.20 ? 10   G   B "C5'" 1 
ATOM   191 C  "C4'" . G   B 2 3 ? -0.005  13.475  2.849   1.00 10.78 ? 10   G   B "C4'" 1 
ATOM   192 O  "O4'" . G   B 2 3 ? 0.357   12.400  2.012   1.00 10.80 ? 10   G   B "O4'" 1 
ATOM   193 C  "C3'" . G   B 2 3 ? -1.390  13.854  2.413   1.00 11.26 ? 10   G   B "C3'" 1 
ATOM   194 O  "O3'" . G   B 2 3 ? -1.716  15.177  2.887   1.00 13.76 ? 10   G   B "O3'" 1 
ATOM   195 C  "C2'" . G   B 2 3 ? -1.299  13.826  0.951   1.00 9.92  ? 10   G   B "C2'" 1 
ATOM   196 O  "O2'" . G   B 2 3 ? -0.609  14.900  0.428   1.00 9.48  ? 10   G   B "O2'" 1 
ATOM   197 C  "C1'" . G   B 2 3 ? -0.459  12.555  0.845   1.00 10.05 ? 10   G   B "C1'" 1 
ATOM   198 N  N9    . G   B 2 3 ? -1.300  11.365  0.767   1.00 10.25 ? 10   G   B N9    1 
ATOM   199 C  C8    . G   B 2 3 ? -1.639  10.531  1.806   1.00 10.76 ? 10   G   B C8    1 
ATOM   200 N  N7    . G   B 2 3 ? -2.408  9.544   1.435   1.00 10.55 ? 10   G   B N7    1 
ATOM   201 C  C5    . G   B 2 3 ? -2.587  9.740   0.074   1.00 10.48 ? 10   G   B C5    1 
ATOM   202 C  C6    . G   B 2 3 ? -3.329  8.982   -0.866  1.00 11.32 ? 10   G   B C6    1 
ATOM   203 O  O6    . G   B 2 3 ? -3.992  7.958   -0.671  1.00 12.19 ? 10   G   B O6    1 
ATOM   204 N  N1    . G   B 2 3 ? -3.241  9.530   -2.142  1.00 11.98 ? 10   G   B N1    1 
ATOM   205 C  C2    . G   B 2 3 ? -2.536  10.661  -2.470  1.00 11.75 ? 10   G   B C2    1 
ATOM   206 N  N2    . G   B 2 3 ? -2.584  11.021  -3.763  1.00 13.92 ? 10   G   B N2    1 
ATOM   207 N  N3    . G   B 2 3 ? -1.840  11.376  -1.602  1.00 10.78 ? 10   G   B N3    1 
ATOM   208 C  C4    . G   B 2 3 ? -1.908  10.861  -0.355  1.00 10.48 ? 10   G   B C4    1 
ATOM   209 P  P     . G   B 2 4 ? -3.246  15.487  3.158   1.00 15.06 ? 11   G   B P     1 
ATOM   210 O  OP1   . G   B 2 4 ? -3.303  16.725  3.930   1.00 14.54 ? 11   G   B OP1   1 
ATOM   211 O  OP2   . G   B 2 4 ? -3.883  14.246  3.699   1.00 14.77 ? 11   G   B OP2   1 
ATOM   212 O  "O5'" . G   B 2 4 ? -3.884  15.674  1.698   1.00 16.24 ? 11   G   B "O5'" 1 
ATOM   213 C  "C5'" . G   B 2 4 ? -3.904  16.724  0.743   1.00 16.31 ? 11   G   B "C5'" 1 
ATOM   214 C  "C4'" . G   B 2 4 ? -4.300  16.132  -0.636  1.00 15.57 ? 11   G   B "C4'" 1 
ATOM   215 O  "O4'" . G   B 2 4 ? -3.792  14.828  -0.748  1.00 15.10 ? 11   G   B "O4'" 1 
ATOM   216 C  "C3'" . G   B 2 4 ? -5.773  15.939  -0.894  1.00 15.28 ? 11   G   B "C3'" 1 
ATOM   217 O  "O3'" . G   B 2 4 ? -6.391  17.253  -1.074  1.00 15.65 ? 11   G   B "O3'" 1 
ATOM   218 C  "C2'" . G   B 2 4 ? -5.719  15.091  -2.076  1.00 14.48 ? 11   G   B "C2'" 1 
ATOM   219 O  "O2'" . G   B 2 4 ? -5.273  15.716  -3.246  1.00 16.24 ? 11   G   B "O2'" 1 
ATOM   220 C  "C1'" . G   B 2 4 ? -4.613  14.122  -1.653  1.00 14.14 ? 11   G   B "C1'" 1 
ATOM   221 N  N9    . G   B 2 4 ? -5.123  12.934  -0.975  1.00 12.80 ? 11   G   B N9    1 
ATOM   222 C  C8    . G   B 2 4 ? -5.009  12.586  0.348   1.00 12.01 ? 11   G   B C8    1 
ATOM   223 N  N7    . G   B 2 4 ? -5.587  11.445  0.627   1.00 12.47 ? 11   G   B N7    1 
ATOM   224 C  C5    . G   B 2 4 ? -6.116  11.010  -0.582  1.00 12.37 ? 11   G   B C5    1 
ATOM   225 C  C6    . G   B 2 4 ? -6.853  9.843   -0.918  1.00 12.44 ? 11   G   B C6    1 
ATOM   226 O  O6    . G   B 2 4 ? -7.209  8.908   -0.189  1.00 13.76 ? 11   G   B O6    1 
ATOM   227 N  N1    . G   B 2 4 ? -7.191  9.809   -2.270  1.00 11.75 ? 11   G   B N1    1 
ATOM   228 C  C2    . G   B 2 4 ? -6.853  10.783  -3.178  1.00 12.20 ? 11   G   B C2    1 
ATOM   229 N  N2    . G   B 2 4 ? -7.257  10.597  -4.446  1.00 12.16 ? 11   G   B N2    1 
ATOM   230 N  N3    . G   B 2 4 ? -6.167  11.874  -2.880  1.00 13.34 ? 11   G   B N3    1 
ATOM   231 C  C4    . G   B 2 4 ? -5.835  11.920  -1.574  1.00 12.46 ? 11   G   B C4    1 
ATOM   232 P  P     . C   B 2 5 ? -7.885  17.576  -0.649  1.00 15.19 ? 12   C   B P     1 
ATOM   233 O  OP1   . C   B 2 5 ? -8.165  18.998  -0.829  1.00 17.65 ? 12   C   B OP1   1 
ATOM   234 O  OP2   . C   B 2 5 ? -8.161  16.943  0.667   1.00 17.19 ? 12   C   B OP2   1 
ATOM   235 O  "O5'" . C   B 2 5 ? -8.724  16.759  -1.760  1.00 12.44 ? 12   C   B "O5'" 1 
ATOM   236 C  "C5'" . C   B 2 5 ? -8.585  17.352  -3.079  1.00 10.89 ? 12   C   B "C5'" 1 
ATOM   237 C  "C4'" . C   B 2 5 ? -9.375  16.461  -4.065  1.00 9.52  ? 12   C   B "C4'" 1 
ATOM   238 O  "O4'" . C   B 2 5 ? -8.718  15.235  -4.199  1.00 8.56  ? 12   C   B "O4'" 1 
ATOM   239 C  "C3'" . C   B 2 5 ? -10.785 16.086  -3.642  1.00 8.97  ? 12   C   B "C3'" 1 
ATOM   240 O  "O3'" . C   B 2 5 ? -11.653 17.215  -3.845  1.00 9.25  ? 12   C   B "O3'" 1 
ATOM   241 C  "C2'" . C   B 2 5 ? -11.029 14.982  -4.545  1.00 7.58  ? 12   C   B "C2'" 1 
ATOM   242 O  "O2'" . C   B 2 5 ? -11.129 15.426  -5.865  1.00 9.11  ? 12   C   B "O2'" 1 
ATOM   243 C  "C1'" . C   B 2 5 ? -9.727  14.238  -4.377  1.00 7.36  ? 12   C   B "C1'" 1 
ATOM   244 N  N1    . C   B 2 5 ? -9.666  13.350  -3.203  1.00 7.68  ? 12   C   B N1    1 
ATOM   245 C  C2    . C   B 2 5 ? -10.297 12.107  -3.281  1.00 7.80  ? 12   C   B C2    1 
ATOM   246 O  O2    . C   B 2 5 ? -10.868 11.826  -4.344  1.00 8.34  ? 12   C   B O2    1 
ATOM   247 N  N3    . C   B 2 5 ? -10.246 11.282  -2.211  1.00 7.70  ? 12   C   B N3    1 
ATOM   248 C  C4    . C   B 2 5 ? -9.613  11.653  -1.100  1.00 7.83  ? 12   C   B C4    1 
ATOM   249 N  N4    . C   B 2 5 ? -9.590  10.807  -0.062  1.00 10.91 ? 12   C   B N4    1 
ATOM   250 C  C5    . C   B 2 5 ? -8.967  12.918  -0.993  1.00 8.52  ? 12   C   B C5    1 
ATOM   251 C  C6    . C   B 2 5 ? -9.017  13.723  -2.062  1.00 7.48  ? 12   C   B C6    1 
ATOM   252 P  P     . U   B 2 6 ? -13.061 17.322  -3.130  1.00 10.99 ? 13   U   B P     1 
ATOM   253 O  OP1   . U   B 2 6 ? -13.729 18.544  -3.636  1.00 13.25 ? 13   U   B OP1   1 
ATOM   254 O  OP2   . U   B 2 6 ? -12.863 17.097  -1.687  1.00 12.21 ? 13   U   B OP2   1 
ATOM   255 O  "O5'" . U   B 2 6 ? -13.881 16.052  -3.649  1.00 10.96 ? 13   U   B "O5'" 1 
ATOM   256 C  "C5'" . U   B 2 6 ? -14.257 15.877  -5.020  1.00 10.76 ? 13   U   B "C5'" 1 
ATOM   257 C  "C4'" . U   B 2 6 ? -14.965 14.499  -5.058  1.00 11.61 ? 13   U   B "C4'" 1 
ATOM   258 O  "O4'" . U   B 2 6 ? -14.009 13.527  -4.724  1.00 12.29 ? 13   U   B "O4'" 1 
ATOM   259 C  "C3'" . U   B 2 6 ? -16.072 14.259  -4.066  1.00 11.53 ? 13   U   B "C3'" 1 
ATOM   260 O  "O3'" . U   B 2 6 ? -17.316 14.860  -4.519  1.00 10.96 ? 13   U   B "O3'" 1 
ATOM   261 C  "C2'" . U   B 2 6 ? -16.139 12.819  -4.077  1.00 12.99 ? 13   U   B "C2'" 1 
ATOM   262 O  "O2'" . U   B 2 6 ? -16.610 12.305  -5.296  1.00 15.86 ? 13   U   B "O2'" 1 
ATOM   263 C  "C1'" . U   B 2 6 ? -14.672 12.458  -4.021  1.00 12.91 ? 13   U   B "C1'" 1 
ATOM   264 N  N1    . U   B 2 6 ? -14.078 12.363  -2.688  1.00 13.51 ? 13   U   B N1    1 
ATOM   265 C  C2    . U   B 2 6 ? -14.283 11.190  -1.981  1.00 15.18 ? 13   U   B C2    1 
ATOM   266 O  O2    . U   B 2 6 ? -14.930 10.267  -2.436  1.00 16.54 ? 13   U   B O2    1 
ATOM   267 N  N3    . U   B 2 6 ? -13.708 11.125  -0.734  1.00 16.21 ? 13   U   B N3    1 
ATOM   268 C  C4    . U   B 2 6 ? -12.959 12.103  -0.116  1.00 16.39 ? 13   U   B C4    1 
ATOM   269 O  O4    . U   B 2 6 ? -12.505 11.913  1.017   1.00 17.45 ? 13   U   B O4    1 
ATOM   270 C  C5    . U   B 2 6 ? -12.793 13.285  -0.906  1.00 15.35 ? 13   U   B C5    1 
ATOM   271 C  C6    . U   B 2 6 ? -13.337 13.372  -2.128  1.00 14.89 ? 13   U   B C6    1 
ATOM   272 P  P     . A   B 2 7 ? -18.412 15.331  -3.478  1.00 12.19 ? 14   A   B P     1 
ATOM   273 O  OP1   . A   B 2 7 ? -19.484 16.042  -4.163  1.00 15.79 ? 14   A   B OP1   1 
ATOM   274 O  OP2   . A   B 2 7 ? -17.726 16.080  -2.370  1.00 14.34 ? 14   A   B OP2   1 
ATOM   275 O  "O5'" . A   B 2 7 ? -18.969 13.996  -2.827  1.00 10.52 ? 14   A   B "O5'" 1 
ATOM   276 C  "C5'" . A   B 2 7 ? -19.796 13.179  -3.646  1.00 10.01 ? 14   A   B "C5'" 1 
ATOM   277 C  "C4'" . A   B 2 7 ? -20.105 11.915  -2.792  1.00 8.71  ? 14   A   B "C4'" 1 
ATOM   278 O  "O4'" . A   B 2 7 ? -18.881 11.259  -2.544  1.00 9.29  ? 14   A   B "O4'" 1 
ATOM   279 C  "C3'" . A   B 2 7 ? -20.686 12.120  -1.419  1.00 9.65  ? 14   A   B "C3'" 1 
ATOM   280 O  "O3'" . A   B 2 7 ? -22.072 12.509  -1.558  1.00 11.54 ? 14   A   B "O3'" 1 
ATOM   281 C  "C2'" . A   B 2 7 ? -20.474 10.791  -0.837  1.00 10.17 ? 14   A   B "C2'" 1 
ATOM   282 O  "O2'" . A   B 2 7 ? -21.343 9.836   -1.330  1.00 10.91 ? 14   A   B "O2'" 1 
ATOM   283 C  "C1'" . A   B 2 7 ? -19.061 10.512  -1.368  1.00 10.24 ? 14   A   B "C1'" 1 
ATOM   284 N  N9    . A   B 2 7 ? -18.035 10.927  -0.412  1.00 10.98 ? 14   A   B N9    1 
ATOM   285 C  C8    . A   B 2 7 ? -17.275 12.072  -0.426  1.00 11.18 ? 14   A   B C8    1 
ATOM   286 N  N7    . A   B 2 7 ? -16.438 12.161  0.581   1.00 11.47 ? 14   A   B N7    1 
ATOM   287 C  C5    . A   B 2 7 ? -16.658 10.993  1.307   1.00 11.63 ? 14   A   B C5    1 
ATOM   288 C  C6    . A   B 2 7 ? -16.084 10.489  2.485   1.00 13.28 ? 14   A   B C6    1 
ATOM   289 N  N6    . A   B 2 7 ? -15.127 11.125  3.167   1.00 17.17 ? 14   A   B N6    1 
ATOM   290 N  N1    . A   B 2 7 ? -16.535 9.298   2.940   1.00 13.37 ? 14   A   B N1    1 
ATOM   291 C  C2    . A   B 2 7 ? -17.491 8.676   2.246   1.00 12.73 ? 14   A   B C2    1 
ATOM   292 N  N3    . A   B 2 7 ? -18.113 9.042   1.126   1.00 12.41 ? 14   A   B N3    1 
ATOM   293 C  C4    . A   B 2 7 ? -17.643 10.226  0.707   1.00 11.41 ? 14   A   B C4    1 
ATOM   294 O  "O5'" . U   C 1 1 ? 4.063   1.947   -5.086  1.00 17.68 ? 1    U   C "O5'" 1 
ATOM   295 C  "C5'" . U   C 1 1 ? 4.960   2.997   -5.499  1.00 17.24 ? 1    U   C "C5'" 1 
ATOM   296 C  "C4'" . U   C 1 1 ? 5.591   3.612   -4.207  1.00 16.67 ? 1    U   C "C4'" 1 
ATOM   297 O  "O4'" . U   C 1 1 ? 4.570   3.938   -3.312  1.00 16.34 ? 1    U   C "O4'" 1 
ATOM   298 C  "C3'" . U   C 1 1 ? 6.520   2.687   -3.462  1.00 16.76 ? 1    U   C "C3'" 1 
ATOM   299 O  "O3'" . U   C 1 1 ? 7.803   2.739   -4.127  1.00 17.00 ? 1    U   C "O3'" 1 
ATOM   300 C  "C2'" . U   C 1 1 ? 6.518   3.271   -2.145  1.00 16.51 ? 1    U   C "C2'" 1 
ATOM   301 O  "O2'" . U   C 1 1 ? 7.230   4.459   -2.100  1.00 12.81 ? 1    U   C "O2'" 1 
ATOM   302 C  "C1'" . U   C 1 1 ? 5.038   3.618   -2.005  1.00 16.80 ? 1    U   C "C1'" 1 
ATOM   303 N  N1    . U   C 1 1 ? 4.211   2.523   -1.489  1.00 17.20 ? 1    U   C N1    1 
ATOM   304 C  C2    . U   C 1 1 ? 4.377   2.169   -0.163  1.00 17.20 ? 1    U   C C2    1 
ATOM   305 O  O2    . U   C 1 1 ? 5.173   2.733   0.564   1.00 19.62 ? 1    U   C O2    1 
ATOM   306 N  N3    . U   C 1 1 ? 3.583   1.138   0.283   1.00 16.53 ? 1    U   C N3    1 
ATOM   307 C  C4    . U   C 1 1 ? 2.653   0.440   -0.463  1.00 17.49 ? 1    U   C C4    1 
ATOM   308 O  O4    . U   C 1 1 ? 2.008   -0.466  0.069   1.00 19.98 ? 1    U   C O4    1 
ATOM   309 C  C5    . U   C 1 1 ? 2.535   0.861   -1.828  1.00 16.97 ? 1    U   C C5    1 
ATOM   310 C  C6    . U   C 1 1 ? 3.300   1.861   -2.275  1.00 16.94 ? 1    U   C C6    1 
ATOM   311 P  P     . A   C 1 2 ? 8.834   1.507   -3.978  1.00 16.99 ? 2    A   C P     1 
ATOM   312 O  OP1   . A   C 1 2 ? 10.113  1.941   -4.540  1.00 16.39 ? 2    A   C OP1   1 
ATOM   313 O  OP2   . A   C 1 2 ? 8.100   0.326   -4.469  1.00 16.98 ? 2    A   C OP2   1 
ATOM   314 O  "O5'" . A   C 1 2 ? 9.022   1.420   -2.386  1.00 15.69 ? 2    A   C "O5'" 1 
ATOM   315 C  "C5'" . A   C 1 2 ? 9.952   2.422   -1.938  1.00 15.63 ? 2    A   C "C5'" 1 
ATOM   316 C  "C4'" . A   C 1 2 ? 10.053  2.263   -0.387  1.00 16.02 ? 2    A   C "C4'" 1 
ATOM   317 O  "O4'" . A   C 1 2 ? 8.751   2.319   0.131   1.00 15.84 ? 2    A   C "O4'" 1 
ATOM   318 C  "C3'" . A   C 1 2 ? 10.619  0.967   0.109   1.00 15.58 ? 2    A   C "C3'" 1 
ATOM   319 O  "O3'" . A   C 1 2 ? 12.074  1.031   0.011   1.00 16.02 ? 2    A   C "O3'" 1 
ATOM   320 C  "C2'" . A   C 1 2 ? 10.140  0.891   1.481   1.00 16.31 ? 2    A   C "C2'" 1 
ATOM   321 O  "O2'" . A   C 1 2 ? 10.794  1.741   2.367   1.00 16.86 ? 2    A   C "O2'" 1 
ATOM   322 C  "C1'" . A   C 1 2 ? 8.746   1.453   1.283   1.00 16.54 ? 2    A   C "C1'" 1 
ATOM   323 N  N9    . A   C 1 2 ? 7.721   0.447   1.011   1.00 16.41 ? 2    A   C N9    1 
ATOM   324 C  C8    . A   C 1 2 ? 7.137   0.160   -0.201  1.00 16.52 ? 2    A   C C8    1 
ATOM   325 N  N7    . A   C 1 2 ? 6.240   -0.794  -0.143  1.00 16.85 ? 2    A   C N7    1 
ATOM   326 C  C5    . A   C 1 2 ? 6.234   -1.160  1.198   1.00 16.49 ? 2    A   C C5    1 
ATOM   327 C  C6    . A   C 1 2 ? 5.496   -2.120  1.906   1.00 16.32 ? 2    A   C C6    1 
ATOM   328 N  N6    . A   C 1 2 ? 4.591   -2.916  1.330   1.00 15.33 ? 2    A   C N6    1 
ATOM   329 N  N1    . A   C 1 2 ? 5.728   -2.230  3.232   1.00 16.40 ? 2    A   C N1    1 
ATOM   330 C  C2    . A   C 1 2 ? 6.636   -1.425  3.793   1.00 16.62 ? 2    A   C C2    1 
ATOM   331 N  N3    . A   C 1 2 ? 7.391   -0.483  3.237   1.00 16.16 ? 2    A   C N3    1 
ATOM   332 C  C4    . A   C 1 2 ? 7.138   -0.402  1.921   1.00 16.40 ? 2    A   C C4    1 
ATOM   333 P  P     . G   C 1 3 ? 12.784  -0.380  -0.275  1.00 16.92 ? 3    G   C P     1 
ATOM   334 O  OP1   . G   C 1 3 ? 14.197  -0.110  -0.594  1.00 16.68 ? 3    G   C OP1   1 
ATOM   335 O  OP2   . G   C 1 3 ? 11.936  -1.156  -1.189  1.00 16.82 ? 3    G   C OP2   1 
ATOM   336 O  "O5'" . G   C 1 3 ? 12.764  -1.148  1.133   1.00 14.04 ? 3    G   C "O5'" 1 
ATOM   337 C  "C5'" . G   C 1 3 ? 13.424  -0.609  2.286   1.00 13.59 ? 3    G   C "C5'" 1 
ATOM   338 C  "C4'" . G   C 1 3 ? 13.010  -1.561  3.442   1.00 13.29 ? 3    G   C "C4'" 1 
ATOM   339 O  "O4'" . G   C 1 3 ? 11.637  -1.370  3.673   1.00 13.05 ? 3    G   C "O4'" 1 
ATOM   340 C  "C3'" . G   C 1 3 ? 13.110  -3.038  3.194   1.00 13.64 ? 3    G   C "C3'" 1 
ATOM   341 O  "O3'" . G   C 1 3 ? 14.477  -3.490  3.217   1.00 14.58 ? 3    G   C "O3'" 1 
ATOM   342 C  "C2'" . G   C 1 3 ? 12.353  -3.570  4.331   1.00 13.61 ? 3    G   C "C2'" 1 
ATOM   343 O  "O2'" . G   C 1 3 ? 12.872  -3.370  5.590   1.00 16.68 ? 3    G   C "O2'" 1 
ATOM   344 C  "C1'" . G   C 1 3 ? 11.175  -2.599  4.225   1.00 13.56 ? 3    G   C "C1'" 1 
ATOM   345 N  N9    . G   C 1 3 ? 10.132  -3.109  3.344   1.00 13.29 ? 3    G   C N9    1 
ATOM   346 C  C8    . G   C 1 3 ? 9.925   -2.814  2.018   1.00 13.23 ? 3    G   C C8    1 
ATOM   347 N  N7    . G   C 1 3 ? 8.895   -3.446  1.518   1.00 13.19 ? 3    G   C N7    1 
ATOM   348 C  C5    . G   C 1 3 ? 8.404   -4.195  2.581   1.00 13.00 ? 3    G   C C5    1 
ATOM   349 C  C6    . G   C 1 3 ? 7.298   -5.081  2.653   1.00 13.17 ? 3    G   C C6    1 
ATOM   350 O  O6    . G   C 1 3 ? 6.528   -5.366  1.726   1.00 13.53 ? 3    G   C O6    1 
ATOM   351 N  N1    . G   C 1 3 ? 7.166   -5.626  3.923   1.00 13.63 ? 3    G   C N1    1 
ATOM   352 C  C2    . G   C 1 3 ? 7.977   -5.365  5.001   1.00 13.83 ? 3    G   C C2    1 
ATOM   353 N  N2    . G   C 1 3 ? 7.678   -5.994  6.150   1.00 14.44 ? 3    G   C N2    1 
ATOM   354 N  N3    . G   C 1 3 ? 9.013   -4.539  4.951   1.00 12.78 ? 3    G   C N3    1 
ATOM   355 C  C4    . G   C 1 3 ? 9.155   -4.001  3.717   1.00 12.80 ? 3    G   C C4    1 
ATOM   356 P  P     . C   C 1 4 ? 15.069  -4.784  2.471   1.00 15.17 ? 4    C   C P     1 
ATOM   357 O  OP1   . C   C 1 4 ? 16.523  -4.718  2.666   1.00 16.45 ? 4    C   C OP1   1 
ATOM   358 O  OP2   . C   C 1 4 ? 14.538  -4.772  1.083   1.00 14.63 ? 4    C   C OP2   1 
ATOM   359 O  "O5'" . C   C 1 4 ? 14.418  -6.050  3.221   1.00 14.72 ? 4    C   C "O5'" 1 
ATOM   360 C  "C5'" . C   C 1 4 ? 14.615  -6.066  4.635   1.00 14.55 ? 4    C   C "C5'" 1 
ATOM   361 C  "C4'" . C   C 1 4 ? 13.713  -7.204  5.193   1.00 14.75 ? 4    C   C "C4'" 1 
ATOM   362 O  "O4'" . C   C 1 4 ? 12.412  -6.674  5.117   1.00 13.85 ? 4    C   C "O4'" 1 
ATOM   363 C  "C3'" . C   C 1 4 ? 13.609  -8.512  4.470   1.00 14.99 ? 4    C   C "C3'" 1 
ATOM   364 O  "O3'" . C   C 1 4 ? 14.652  -9.423  4.863   1.00 15.18 ? 4    C   C "O3'" 1 
ATOM   365 C  "C2'" . C   C 1 4 ? 12.333  -9.018  4.950   1.00 14.49 ? 4    C   C "C2'" 1 
ATOM   366 O  "O2'" . C   C 1 4 ? 12.382  -9.436  6.274   1.00 17.24 ? 4    C   C "O2'" 1 
ATOM   367 C  "C1'" . C   C 1 4 ? 11.518  -7.740  4.920   1.00 13.45 ? 4    C   C "C1'" 1 
ATOM   368 N  N1    . C   C 1 4 ? 10.840  -7.512  3.631   1.00 13.01 ? 4    C   C N1    1 
ATOM   369 C  C2    . C   C 1 4 ? 9.536   -8.001  3.523   1.00 12.95 ? 4    C   C C2    1 
ATOM   370 O  O2    . C   C 1 4 ? 9.057   -8.577  4.510   1.00 14.80 ? 4    C   C O2    1 
ATOM   371 N  N3    . C   C 1 4 ? 8.872   -7.811  2.368   1.00 12.77 ? 4    C   C N3    1 
ATOM   372 C  C4    . C   C 1 4 ? 9.459   -7.186  1.346   1.00 12.66 ? 4    C   C C4    1 
ATOM   373 N  N4    . C   C 1 4 ? 8.712   -7.050  0.246   1.00 13.79 ? 4    C   C N4    1 
ATOM   374 C  C5    . C   C 1 4 ? 10.780  -6.674  1.433   1.00 12.52 ? 4    C   C C5    1 
ATOM   375 C  C6    . C   C 1 4 ? 11.435  -6.863  2.590   1.00 12.50 ? 4    C   C C6    1 
ATOM   376 P  P     . C   C 1 5 ? 14.946  -10.740 4.042   1.00 15.01 ? 5    C   C P     1 
ATOM   377 O  OP1   . C   C 1 5 ? 16.207  -11.271 4.557   1.00 19.03 ? 5    C   C OP1   1 
ATOM   378 O  OP2   . C   C 1 5 ? 14.810  -10.382 2.613   1.00 15.93 ? 5    C   C OP2   1 
ATOM   379 O  "O5'" . C   C 1 5 ? 13.766  -11.807 4.337   1.00 12.75 ? 5    C   C "O5'" 1 
ATOM   380 C  "C5'" . C   C 1 5 ? 13.657  -12.627 5.516   1.00 11.81 ? 5    C   C "C5'" 1 
ATOM   381 C  "C4'" . C   C 1 5 ? 12.347  -13.449 5.355   1.00 10.05 ? 5    C   C "C4'" 1 
ATOM   382 O  "O4'" . C   C 1 5 ? 11.249  -12.569 5.199   1.00 10.47 ? 5    C   C "O4'" 1 
ATOM   383 C  "C3'" . C   C 1 5 ? 12.249  -14.343 4.149   1.00 9.60  ? 5    C   C "C3'" 1 
ATOM   384 O  "O3'" . C   C 1 5 ? 13.077  -15.493 4.362   1.00 10.58 ? 5    C   C "O3'" 1 
ATOM   385 C  "C2'" . C   C 1 5 ? 10.840  -14.650 4.193   1.00 9.26  ? 5    C   C "C2'" 1 
ATOM   386 O  "O2'" . C   C 1 5 ? 10.547  -15.379 5.338   1.00 8.92  ? 5    C   C "O2'" 1 
ATOM   387 C  "C1'" . C   C 1 5 ? 10.304  -13.259 4.366   1.00 9.50  ? 5    C   C "C1'" 1 
ATOM   388 N  N1    . C   C 1 5 ? 10.171  -12.484 3.115   1.00 9.56  ? 5    C   C N1    1 
ATOM   389 C  C2    . C   C 1 5 ? 9.058   -12.730 2.308   1.00 8.98  ? 5    C   C C2    1 
ATOM   390 O  O2    . C   C 1 5 ? 8.219   -13.575 2.646   1.00 9.19  ? 5    C   C O2    1 
ATOM   391 N  N3    . C   C 1 5 ? 8.907   -12.039 1.158   1.00 9.32  ? 5    C   C N3    1 
ATOM   392 C  C4    . C   C 1 5 ? 9.812   -11.133 0.802   1.00 9.35  ? 5    C   C C4    1 
ATOM   393 N  N4    . C   C 1 5 ? 9.583   -10.499 -0.348  1.00 8.17  ? 5    C   C N4    1 
ATOM   394 C  C5    . C   C 1 5 ? 10.959  -10.863 1.601   1.00 9.44  ? 5    C   C C5    1 
ATOM   395 C  C6    . C   C 1 5 ? 11.101  -11.552 2.746   1.00 9.50  ? 5    C   C C6    1 
ATOM   396 P  P     . C   C 1 6 ? 13.695  -16.332 3.191   1.00 11.72 ? 6    C   C P     1 
ATOM   397 O  OP1   . C   C 1 6 ? 14.682  -17.286 3.693   1.00 11.16 ? 6    C   C OP1   1 
ATOM   398 O  OP2   . C   C 1 6 ? 14.217  -15.345 2.177   1.00 14.73 ? 6    C   C OP2   1 
ATOM   399 O  "O5'" . C   C 1 6 ? 12.406  -17.006 2.518   1.00 11.03 ? 6    C   C "O5'" 1 
ATOM   400 C  "C5'" . C   C 1 6 ? 11.693  -18.029 3.221   1.00 10.86 ? 6    C   C "C5'" 1 
ATOM   401 C  "C4'" . C   C 1 6 ? 10.426  -18.361 2.404   1.00 11.96 ? 6    C   C "C4'" 1 
ATOM   402 O  "O4'" . C   C 1 6 ? 9.671   -17.177 2.276   1.00 12.24 ? 6    C   C "O4'" 1 
ATOM   403 C  "C3'" . C   C 1 6 ? 10.634  -18.806 0.984   1.00 12.61 ? 6    C   C "C3'" 1 
ATOM   404 O  "O3'" . C   C 1 6 ? 11.058  -20.185 0.954   1.00 13.65 ? 6    C   C "O3'" 1 
ATOM   405 C  "C2'" . C   C 1 6 ? 9.307   -18.644 0.402   1.00 13.83 ? 6    C   C "C2'" 1 
ATOM   406 O  "O2'" . C   C 1 6 ? 8.411   -19.601 0.830   1.00 16.58 ? 6    C   C "O2'" 1 
ATOM   407 C  "C1'" . C   C 1 6 ? 8.945   -17.325 1.058   1.00 13.12 ? 6    C   C "C1'" 1 
ATOM   408 N  N1    . C   C 1 6 ? 9.314   -16.160 0.240   1.00 13.00 ? 6    C   C N1    1 
ATOM   409 C  C2    . C   C 1 6 ? 8.494   -15.833 -0.844  1.00 14.03 ? 6    C   C C2    1 
ATOM   410 O  O2    . C   C 1 6 ? 7.496   -16.540 -1.055  1.00 16.62 ? 6    C   C O2    1 
ATOM   411 N  N3    . C   C 1 6 ? 8.830   -14.768 -1.602  1.00 13.42 ? 6    C   C N3    1 
ATOM   412 C  C4    . C   C 1 6 ? 9.925   -14.062 -1.303  1.00 13.31 ? 6    C   C C4    1 
ATOM   413 N  N4    . C   C 1 6 ? 10.234  -13.010 -2.068  1.00 16.76 ? 6    C   C N4    1 
ATOM   414 C  C5    . C   C 1 6 ? 10.775  -14.381 -0.203  1.00 13.29 ? 6    C   C C5    1 
ATOM   415 C  C6    . C   C 1 6 ? 10.438  -15.441 0.540   1.00 12.83 ? 6    C   C C6    1 
ATOM   416 P  P     . C   C 1 7 ? 12.091  -20.666 -0.144  1.00 13.84 ? 7    C   C P     1 
ATOM   417 O  OP1   . C   C 1 7 ? 12.435  -22.059 0.187   1.00 16.89 ? 7    C   C OP1   1 
ATOM   418 O  OP2   . C   C 1 7 ? 13.192  -19.695 -0.227  1.00 15.87 ? 7    C   C OP2   1 
ATOM   419 O  "O5'" . C   C 1 7 ? 11.269  -20.570 -1.517  1.00 10.73 ? 7    C   C "O5'" 1 
ATOM   420 C  "C5'" . C   C 1 7 ? 10.082  -21.374 -1.579  1.00 10.18 ? 7    C   C "C5'" 1 
ATOM   421 C  "C4'" . C   C 1 7 ? 9.384   -21.068 -2.932  1.00 9.71  ? 7    C   C "C4'" 1 
ATOM   422 O  "O4'" . C   C 1 7 ? 8.876   -19.747 -2.829  1.00 9.23  ? 7    C   C "O4'" 1 
ATOM   423 C  "C3'" . C   C 1 7 ? 10.212  -21.045 -4.182  1.00 10.43 ? 7    C   C "C3'" 1 
ATOM   424 O  "O3'" . C   C 1 7 ? 10.440  -22.393 -4.679  1.00 12.88 ? 7    C   C "O3'" 1 
ATOM   425 C  "C2'" . C   C 1 7 ? 9.376   -20.283 -5.105  1.00 9.72  ? 7    C   C "C2'" 1 
ATOM   426 O  "O2'" . C   C 1 7 ? 8.292   -20.974 -5.615  1.00 8.87  ? 7    C   C "O2'" 1 
ATOM   427 C  "C1'" . C   C 1 7 ? 8.809   -19.245 -4.134  1.00 9.20  ? 7    C   C "C1'" 1 
ATOM   428 N  N1    . C   C 1 7 ? 9.594   -17.999 -4.177  1.00 8.65  ? 7    C   C N1    1 
ATOM   429 C  C2    . C   C 1 7 ? 9.281   -17.066 -5.169  1.00 9.83  ? 7    C   C C2    1 
ATOM   430 O  O2    . C   C 1 7 ? 8.360   -17.324 -5.958  1.00 10.34 ? 7    C   C O2    1 
ATOM   431 N  N3    . C   C 1 7 ? 9.995   -15.922 -5.220  1.00 11.17 ? 7    C   C N3    1 
ATOM   432 C  C4    . C   C 1 7 ? 10.976  -15.689 -4.349  1.00 10.53 ? 7    C   C C4    1 
ATOM   433 N  N4    . C   C 1 7 ? 11.640  -14.528 -4.467  1.00 12.55 ? 7    C   C N4    1 
ATOM   434 C  C5    . C   C 1 7 ? 11.315  -16.625 -3.333  1.00 9.14  ? 7    C   C C5    1 
ATOM   435 C  C6    . C   C 1 7 ? 10.605  -17.764 -3.285  1.00 9.52  ? 7    C   C C6    1 
ATOM   436 O  "O5'" . G   D 2 1 ? 8.555   -8.286  -11.354 1.00 19.33 ? 8    G   D "O5'" 1 
ATOM   437 C  "C5'" . G   D 2 1 ? 7.768   -8.337  -12.552 1.00 15.92 ? 8    G   D "C5'" 1 
ATOM   438 C  "C4'" . G   D 2 1 ? 7.184   -9.772  -12.516 1.00 14.44 ? 8    G   D "C4'" 1 
ATOM   439 O  "O4'" . G   D 2 1 ? 8.254   -10.668 -12.556 1.00 13.40 ? 8    G   D "O4'" 1 
ATOM   440 C  "C3'" . G   D 2 1 ? 6.400   -10.119 -11.271 1.00 14.89 ? 8    G   D "C3'" 1 
ATOM   441 O  "O3'" . G   D 2 1 ? 5.071   -9.588  -11.419 1.00 16.28 ? 8    G   D "O3'" 1 
ATOM   442 C  "C2'" . G   D 2 1 ? 6.447   -11.550 -11.319 1.00 14.02 ? 8    G   D "C2'" 1 
ATOM   443 O  "O2'" . G   D 2 1 ? 5.748   -12.062 -12.396 1.00 15.91 ? 8    G   D "O2'" 1 
ATOM   444 C  "C1'" . G   D 2 1 ? 7.909   -11.742 -11.664 1.00 13.11 ? 8    G   D "C1'" 1 
ATOM   445 N  N9    . G   D 2 1 ? 8.809   -11.664 -10.525 1.00 12.81 ? 8    G   D N9    1 
ATOM   446 C  C8    . G   D 2 1 ? 9.695   -10.666 -10.206 1.00 13.21 ? 8    G   D C8    1 
ATOM   447 N  N7    . G   D 2 1 ? 10.358  -10.910 -9.105  1.00 13.47 ? 8    G   D N7    1 
ATOM   448 C  C5    . G   D 2 1 ? 9.882   -12.142 -8.669  1.00 11.80 ? 8    G   D C5    1 
ATOM   449 C  C6    . G   D 2 1 ? 10.220  -12.923 -7.538  1.00 13.54 ? 8    G   D C6    1 
ATOM   450 O  O6    . G   D 2 1 ? 11.045  -12.676 -6.646  1.00 16.44 ? 8    G   D O6    1 
ATOM   451 N  N1    . G   D 2 1 ? 9.489   -14.109 -7.486  1.00 13.18 ? 8    G   D N1    1 
ATOM   452 C  C2    . G   D 2 1 ? 8.549   -14.490 -8.414  1.00 12.65 ? 8    G   D C2    1 
ATOM   453 N  N2    . G   D 2 1 ? 7.944   -15.669 -8.199  1.00 13.38 ? 8    G   D N2    1 
ATOM   454 N  N3    . G   D 2 1 ? 8.224   -13.770 -9.474  1.00 12.04 ? 8    G   D N3    1 
ATOM   455 C  C4    . G   D 2 1 ? 8.926   -12.620 -9.535  1.00 12.19 ? 8    G   D C4    1 
ATOM   456 P  P     . G   D 2 2 ? 4.137   -9.388  -10.129 1.00 17.48 ? 9    G   D P     1 
ATOM   457 O  OP1   . G   D 2 2 ? 2.855   -8.894  -10.634 1.00 20.24 ? 9    G   D OP1   1 
ATOM   458 O  OP2   . G   D 2 2 ? 4.965   -8.553  -9.196  1.00 18.24 ? 9    G   D OP2   1 
ATOM   459 O  "O5'" . G   D 2 2 ? 4.007   -10.859 -9.535  1.00 16.06 ? 9    G   D "O5'" 1 
ATOM   460 C  "C5'" . G   D 2 2 ? 3.041   -11.680 -10.228 1.00 15.30 ? 9    G   D "C5'" 1 
ATOM   461 C  "C4'" . G   D 2 2 ? 2.893   -12.914 -9.311  1.00 14.55 ? 9    G   D "C4'" 1 
ATOM   462 O  "O4'" . G   D 2 2 ? 4.150   -13.552 -9.282  1.00 14.05 ? 9    G   D "O4'" 1 
ATOM   463 C  "C3'" . G   D 2 2 ? 2.565   -12.668 -7.858  1.00 14.24 ? 9    G   D "C3'" 1 
ATOM   464 O  "O3'" . G   D 2 2 ? 1.171   -12.313 -7.776  1.00 15.67 ? 9    G   D "O3'" 1 
ATOM   465 C  "C2'" . G   D 2 2 ? 2.893   -13.957 -7.275  1.00 13.48 ? 9    G   D "C2'" 1 
ATOM   466 O  "O2'" . G   D 2 2 ? 2.124   -15.031 -7.649  1.00 15.31 ? 9    G   D "O2'" 1 
ATOM   467 C  "C1'" . G   D 2 2 ? 4.234   -14.148 -8.011  1.00 13.47 ? 9    G   D "C1'" 1 
ATOM   468 N  N9    . G   D 2 2 ? 5.299   -13.502 -7.259  1.00 13.31 ? 9    G   D N9    1 
ATOM   469 C  C8    . G   D 2 2 ? 5.926   -12.321 -7.562  1.00 13.66 ? 9    G   D C8    1 
ATOM   470 N  N7    . G   D 2 2 ? 6.843   -11.997 -6.694  1.00 13.82 ? 9    G   D N7    1 
ATOM   471 C  C5    . G   D 2 2 ? 6.809   -13.029 -5.768  1.00 13.49 ? 9    G   D C5    1 
ATOM   472 C  C6    . G   D 2 2 ? 7.586   -13.217 -4.598  1.00 14.21 ? 9    G   D C6    1 
ATOM   473 O  O6    . G   D 2 2 ? 8.463   -12.445 -4.202  1.00 17.43 ? 9    G   D O6    1 
ATOM   474 N  N1    . G   D 2 2 ? 7.242   -14.388 -3.938  1.00 13.93 ? 9    G   D N1    1 
ATOM   475 C  C2    . G   D 2 2 ? 6.271   -15.270 -4.351  1.00 14.33 ? 9    G   D C2    1 
ATOM   476 N  N2    . G   D 2 2 ? 6.093   -16.346 -3.568  1.00 15.27 ? 9    G   D N2    1 
ATOM   477 N  N3    . G   D 2 2 ? 5.538   -15.106 -5.443  1.00 14.04 ? 9    G   D N3    1 
ATOM   478 C  C4    . G   D 2 2 ? 5.862   -13.970 -6.097  1.00 13.50 ? 9    G   D C4    1 
ATOM   479 P  P     . G   D 2 3 ? 0.565   -11.355 -6.646  1.00 16.02 ? 10   G   D P     1 
ATOM   480 O  OP1   . G   D 2 3 ? -0.857  -11.170 -6.899  1.00 17.67 ? 10   G   D OP1   1 
ATOM   481 O  OP2   . G   D 2 3 ? 1.492   -10.203 -6.554  1.00 16.87 ? 10   G   D OP2   1 
ATOM   482 O  "O5'" . G   D 2 3 ? 0.754   -12.204 -5.300  1.00 13.39 ? 10   G   D "O5'" 1 
ATOM   483 C  "C5'" . G   D 2 3 ? 0.005   -13.420 -5.176  1.00 12.29 ? 10   G   D "C5'" 1 
ATOM   484 C  "C4'" . G   D 2 3 ? 0.579   -14.163 -3.944  1.00 10.05 ? 10   G   D "C4'" 1 
ATOM   485 O  "O4'" . G   D 2 3 ? 1.931   -14.459 -4.205  1.00 9.32  ? 10   G   D "O4'" 1 
ATOM   486 C  "C3'" . G   D 2 3 ? 0.629   -13.412 -2.631  1.00 10.16 ? 10   G   D "C3'" 1 
ATOM   487 O  "O3'" . G   D 2 3 ? -0.672  -13.318 -2.052  1.00 12.74 ? 10   G   D "O3'" 1 
ATOM   488 C  "C2'" . G   D 2 3 ? 1.492   -14.288 -1.858  1.00 9.30  ? 10   G   D "C2'" 1 
ATOM   489 O  "O2'" . G   D 2 3 ? 0.879   -15.495 -1.541  1.00 9.50  ? 10   G   D "O2'" 1 
ATOM   490 C  "C1'" . G   D 2 3 ? 2.559   -14.491 -2.929  1.00 9.03  ? 10   G   D "C1'" 1 
ATOM   491 N  N9    . G   D 2 3 ? 3.568   -13.430 -2.908  1.00 8.36  ? 10   G   D N9    1 
ATOM   492 C  C8    . G   D 2 3 ? 3.690   -12.376 -3.775  1.00 7.64  ? 10   G   D C8    1 
ATOM   493 N  N7    . G   D 2 3 ? 4.697   -11.596 -3.489  1.00 8.18  ? 10   G   D N7    1 
ATOM   494 C  C5    . G   D 2 3 ? 5.274   -12.170 -2.365  1.00 8.80  ? 10   G   D C5    1 
ATOM   495 C  C6    . G   D 2 3 ? 6.399   -11.775 -1.597  1.00 8.27  ? 10   G   D C6    1 
ATOM   496 O  O6    . G   D 2 3 ? 7.135   -10.794 -1.775  1.00 10.27 ? 10   G   D O6    1 
ATOM   497 N  N1    . G   D 2 3 ? 6.626   -12.655 -0.542  1.00 8.26  ? 10   G   D N1    1 
ATOM   498 C  C2    . G   D 2 3 ? 5.874   -13.764 -0.257  1.00 8.68  ? 10   G   D C2    1 
ATOM   499 N  N2    . G   D 2 3 ? 6.239   -14.497 0.805   1.00 8.43  ? 10   G   D N2    1 
ATOM   500 N  N3    . G   D 2 3 ? 4.825   -14.141 -0.964  1.00 7.80  ? 10   G   D N3    1 
ATOM   501 C  C4    . G   D 2 3 ? 4.586   -13.305 -1.995  1.00 8.43  ? 10   G   D C4    1 
ATOM   502 P  P     . G   D 2 4 ? -1.088  -12.136 -1.059  1.00 14.53 ? 11   G   D P     1 
ATOM   503 O  OP1   . G   D 2 4 ? -2.537  -12.321 -0.802  1.00 14.95 ? 11   G   D OP1   1 
ATOM   504 O  OP2   . G   D 2 4 ? -0.554  -10.883 -1.603  1.00 15.90 ? 11   G   D OP2   1 
ATOM   505 O  "O5'" . G   D 2 4 ? -0.242  -12.428 0.280   1.00 12.85 ? 11   G   D "O5'" 1 
ATOM   506 C  "C5'" . G   D 2 4 ? -0.369  -13.677 0.976   1.00 12.20 ? 11   G   D "C5'" 1 
ATOM   507 C  "C4'" . G   D 2 4 ? 0.807   -13.704 2.003   1.00 13.04 ? 11   G   D "C4'" 1 
ATOM   508 O  "O4'" . G   D 2 4 ? 2.008   -13.732 1.248   1.00 13.57 ? 11   G   D "O4'" 1 
ATOM   509 C  "C3'" . G   D 2 4 ? 0.933   -12.532 2.918   1.00 13.57 ? 11   G   D "C3'" 1 
ATOM   510 O  "O3'" . G   D 2 4 ? -0.003  -12.617 4.031   1.00 14.52 ? 11   G   D "O3'" 1 
ATOM   511 C  "C2'" . G   D 2 4 ? 2.302   -12.686 3.374   1.00 13.92 ? 11   G   D "C2'" 1 
ATOM   512 O  "O2'" . G   D 2 4 ? 2.455   -13.752 4.253   1.00 16.68 ? 11   G   D "O2'" 1 
ATOM   513 C  "C1'" . G   D 2 4 ? 2.972   -13.068 2.064   1.00 13.74 ? 11   G   D "C1'" 1 
ATOM   514 N  N9    . G   D 2 4 ? 3.464   -11.914 1.317   1.00 12.28 ? 11   G   D N9    1 
ATOM   515 C  C8    . G   D 2 4 ? 2.987   -11.355 0.165   1.00 12.17 ? 11   G   D C8    1 
ATOM   516 N  N7    . G   D 2 4 ? 3.682   -10.316 -0.229  1.00 12.51 ? 11   G   D N7    1 
ATOM   517 C  C5    . G   D 2 4 ? 4.681   -10.185 0.727   1.00 12.76 ? 11   G   D C5    1 
ATOM   518 C  C6    . G   D 2 4 ? 5.736   -9.242  0.836   1.00 13.15 ? 11   G   D C6    1 
ATOM   519 O  O6    . G   D 2 4 ? 6.012   -8.294  0.083   1.00 16.03 ? 11   G   D O6    1 
ATOM   520 N  N1    . G   D 2 4 ? 6.516   -9.478  1.965   1.00 12.37 ? 11   G   D N1    1 
ATOM   521 C  C2    . G   D 2 4 ? 6.302   -10.496 2.865   1.00 13.22 ? 11   G   D C2    1 
ATOM   522 N  N2    . G   D 2 4 ? 7.161   -10.565 3.892   1.00 11.53 ? 11   G   D N2    1 
ATOM   523 N  N3    . G   D 2 4 ? 5.320   -11.384 2.776   1.00 13.27 ? 11   G   D N3    1 
ATOM   524 C  C4    . G   D 2 4 ? 4.557   -11.164 1.687   1.00 12.61 ? 11   G   D C4    1 
ATOM   525 P  P     . C   D 2 5 ? -0.647  -11.373 4.780   1.00 13.86 ? 12   C   D P     1 
ATOM   526 O  OP1   . C   D 2 5 ? -1.798  -11.782 5.579   1.00 15.14 ? 12   C   D OP1   1 
ATOM   527 O  OP2   . C   D 2 5 ? -0.817  -10.229 3.853   1.00 15.55 ? 12   C   D OP2   1 
ATOM   528 O  "O5'" . C   D 2 5 ? 0.544   -10.907 5.783   1.00 11.00 ? 12   C   D "O5'" 1 
ATOM   529 C  "C5'" . C   D 2 5 ? 0.920   -11.666 6.951   1.00 11.49 ? 12   C   D "C5'" 1 
ATOM   530 C  "C4'" . C   D 2 5 ? 2.189   -10.979 7.477   1.00 11.35 ? 12   C   D "C4'" 1 
ATOM   531 O  "O4'" . C   D 2 5 ? 3.235   -11.100 6.548   1.00 12.04 ? 12   C   D "O4'" 1 
ATOM   532 C  "C3'" . C   D 2 5 ? 2.048   -9.485  7.679   1.00 11.81 ? 12   C   D "C3'" 1 
ATOM   533 O  "O3'" . C   D 2 5 ? 1.175   -9.289  8.806   1.00 11.96 ? 12   C   D "O3'" 1 
ATOM   534 C  "C2'" . C   D 2 5 ? 3.432   -9.159  7.894   1.00 12.40 ? 12   C   D "C2'" 1 
ATOM   535 O  "O2'" . C   D 2 5 ? 3.986   -9.737  9.019   1.00 12.63 ? 12   C   D "O2'" 1 
ATOM   536 C  "C1'" . C   D 2 5 ? 4.023   -9.933  6.726   1.00 13.07 ? 12   C   D "C1'" 1 
ATOM   537 N  N1    . C   D 2 5 ? 4.003   -9.162  5.474   1.00 12.76 ? 12   C   D N1    1 
ATOM   538 C  C2    . C   D 2 5 ? 5.049   -8.254  5.271   1.00 12.63 ? 12   C   D C2    1 
ATOM   539 O  O2    . C   D 2 5 ? 5.904   -8.174  6.164   1.00 12.81 ? 12   C   D O2    1 
ATOM   540 N  N3    . C   D 2 5 ? 5.071   -7.526  4.133   1.00 13.38 ? 12   C   D N3    1 
ATOM   541 C  C4    . C   D 2 5 ? 4.106   -7.666  3.226   1.00 13.46 ? 12   C   D C4    1 
ATOM   542 N  N4    . C   D 2 5 ? 4.168   -6.928  2.115   1.00 15.81 ? 12   C   D N4    1 
ATOM   543 C  C5    . C   D 2 5 ? 3.033   -8.586  3.404   1.00 13.94 ? 12   C   D C5    1 
ATOM   544 C  C6    . C   D 2 5 ? 3.023   -9.304  4.534   1.00 13.59 ? 12   C   D C6    1 
ATOM   545 P  P     . U   D 2 6 ? 0.261   -7.981  8.872   1.00 11.62 ? 13   U   D P     1 
ATOM   546 O  OP1   . U   D 2 6 ? -0.549  -8.147  10.109  1.00 13.70 ? 13   U   D OP1   1 
ATOM   547 O  OP2   . U   D 2 6 ? -0.379  -7.719  7.590   1.00 11.52 ? 13   U   D OP2   1 
ATOM   548 O  "O5'" . U   D 2 6 ? 1.322   -6.806  9.182   1.00 11.44 ? 13   U   D "O5'" 1 
ATOM   549 C  "C5'" . U   D 2 6 ? 2.220   -6.949  10.304  1.00 11.02 ? 13   U   D "C5'" 1 
ATOM   550 C  "C4'" . U   D 2 6 ? 3.390   -5.916  10.124  1.00 11.15 ? 13   U   D "C4'" 1 
ATOM   551 O  "O4'" . U   D 2 6 ? 4.086   -6.261  8.961   1.00 10.70 ? 13   U   D "O4'" 1 
ATOM   552 C  "C3'" . U   D 2 6 ? 3.018   -4.481  9.907   1.00 12.11 ? 13   U   D "C3'" 1 
ATOM   553 O  "O3'" . U   D 2 6 ? 2.644   -3.942  11.202  1.00 13.73 ? 13   U   D "O3'" 1 
ATOM   554 C  "C2'" . U   D 2 6 ? 4.233   -3.908  9.357   1.00 11.92 ? 13   U   D "C2'" 1 
ATOM   555 O  "O2'" . U   D 2 6 ? 5.313   -3.748  10.232  1.00 14.12 ? 13   U   D "O2'" 1 
ATOM   556 C  "C1'" . U   D 2 6 ? 4.634   -5.063  8.428   1.00 11.97 ? 13   U   D "C1'" 1 
ATOM   557 N  N1    . U   D 2 6 ? 4.132   -4.912  7.062   1.00 12.31 ? 13   U   D N1    1 
ATOM   558 C  C2    . U   D 2 6 ? 4.879   -4.135  6.195   1.00 12.50 ? 13   U   D C2    1 
ATOM   559 O  O2    . U   D 2 6 ? 5.912   -3.594  6.542   1.00 15.16 ? 13   U   D O2    1 
ATOM   560 N  N3    . U   D 2 6 ? 4.372   -4.018  4.923   1.00 12.53 ? 13   U   D N3    1 
ATOM   561 C  C4    . U   D 2 6 ? 3.215   -4.591  4.441   1.00 13.01 ? 13   U   D C4    1 
ATOM   562 O  O4    . U   D 2 6 ? 2.879   -4.400  3.270   1.00 14.53 ? 13   U   D O4    1 
ATOM   563 C  C5    . U   D 2 6 ? 2.498   -5.378  5.400   1.00 12.79 ? 13   U   D C5    1 
ATOM   564 C  C6    . U   D 2 6 ? 2.968   -5.509  6.645   1.00 12.00 ? 13   U   D C6    1 
ATOM   565 P  P     . A   D 2 7 ? 1.723   -2.632  11.165  1.00 15.86 ? 14   A   D P     1 
ATOM   566 O  OP1   . A   D 2 7 ? 1.556   -2.214  12.571  1.00 18.06 ? 14   A   D OP1   1 
ATOM   567 O  OP2   . A   D 2 7 ? 0.554   -2.965  10.313  1.00 16.87 ? 14   A   D OP2   1 
ATOM   568 O  "O5'" . A   D 2 7 ? 2.608   -1.568  10.343  1.00 16.30 ? 14   A   D "O5'" 1 
ATOM   569 C  "C5'" . A   D 2 7 ? 3.479   -0.767  11.131  1.00 16.78 ? 14   A   D "C5'" 1 
ATOM   570 C  "C4'" . A   D 2 7 ? 4.244   0.225   10.227  1.00 16.38 ? 14   A   D "C4'" 1 
ATOM   571 O  "O4'" . A   D 2 7 ? 4.818   -0.469  9.154   1.00 15.81 ? 14   A   D "O4'" 1 
ATOM   572 C  "C3'" . A   D 2 7 ? 3.407   1.295   9.554   1.00 17.11 ? 14   A   D "C3'" 1 
ATOM   573 O  "O3'" . A   D 2 7 ? 3.023   2.291   10.526  1.00 19.48 ? 14   A   D "O3'" 1 
ATOM   574 C  "C2'" . A   D 2 7 ? 4.339   1.791   8.561   1.00 17.05 ? 14   A   D "C2'" 1 
ATOM   575 O  "O2'" . A   D 2 7 ? 5.488   2.396   9.037   1.00 19.22 ? 14   A   D "O2'" 1 
ATOM   576 C  "C1'" . A   D 2 7 ? 4.830   0.445   8.050   1.00 16.20 ? 14   A   D "C1'" 1 
ATOM   577 N  N9    . A   D 2 7 ? 3.990   -0.129  7.003   1.00 16.33 ? 14   A   D N9    1 
ATOM   578 C  C8    . A   D 2 7 ? 3.050   -1.124  7.117   1.00 16.88 ? 14   A   D C8    1 
ATOM   579 N  N7    . A   D 2 7 ? 2.461   -1.416  5.983   1.00 18.21 ? 14   A   D N7    1 
ATOM   580 C  C5    . A   D 2 7 ? 3.053   -0.562  5.059   1.00 17.80 ? 14   A   D C5    1 
ATOM   581 C  C6    . A   D 2 7 ? 2.875   -0.374  3.680   1.00 18.80 ? 14   A   D C6    1 
ATOM   582 N  N6    . A   D 2 7 ? 2.003   -1.060  2.934   1.00 19.97 ? 14   A   D N6    1 
ATOM   583 N  N1    . A   D 2 7 ? 3.630   0.569   3.074   1.00 19.30 ? 14   A   D N1    1 
ATOM   584 C  C2    . A   D 2 7 ? 4.506   1.264   3.808   1.00 18.55 ? 14   A   D C2    1 
ATOM   585 N  N3    . A   D 2 7 ? 4.771   1.181   5.109   1.00 17.84 ? 14   A   D N3    1 
ATOM   586 C  C4    . A   D 2 7 ? 3.998   0.237   5.678   1.00 17.53 ? 14   A   D C4    1 
HETATM 587 NA NA    . NA  E 3 . ? -9.045  5.611   2.473   1.00 16.22 ? 8    NA  A NA    1 
HETATM 588 NA NA    . NA  F 3 . ? 6.109   -7.785  -4.247  1.00 19.84 ? 1    NA  D NA    1 
HETATM 589 O  O     . HOH G 4 . ? -6.250  3.482   -2.827  1.00 16.06 ? 996  HOH A O     1 
HETATM 590 O  O     . HOH G 4 . ? -14.558 13.536  7.700   1.00 17.92 ? 999  HOH A O     1 
HETATM 591 O  O     . HOH G 4 . ? 1.132   4.923   -10.840 1.00 25.10 ? 1000 HOH A O     1 
HETATM 592 O  O     . HOH G 4 . ? -12.175 11.017  7.453   1.00 15.92 ? 1001 HOH A O     1 
HETATM 593 O  O     . HOH G 4 . ? -3.379  9.683   -12.144 1.00 16.35 ? 1004 HOH A O     1 
HETATM 594 O  O     . HOH G 4 . ? -18.899 2.813   4.715   1.00 18.96 ? 1012 HOH A O     1 
HETATM 595 O  O     . HOH G 4 . ? -9.906  10.341  -7.021  1.00 19.97 ? 1014 HOH A O     1 
HETATM 596 O  O     . HOH G 4 . ? 1.114   4.247   -7.418  1.00 27.92 ? 1019 HOH A O     1 
HETATM 597 O  O     . HOH G 4 . ? -3.686  2.818   -3.484  1.00 24.03 ? 1021 HOH A O     1 
HETATM 598 O  O     . HOH G 4 . ? -0.470  2.485   -4.946  1.00 22.29 ? 1023 HOH A O     1 
HETATM 599 O  O     . HOH G 4 . ? 2.190   11.563  -4.589  1.00 23.01 ? 1024 HOH A O     1 
HETATM 600 O  O     . HOH G 4 . ? -12.895 -2.245  -2.562  1.00 24.42 ? 1028 HOH A O     1 
HETATM 601 O  O     . HOH G 4 . ? -7.720  3.227   -5.185  1.00 20.26 ? 1029 HOH A O     1 
HETATM 602 O  O     . HOH G 4 . ? 8.629   9.206   -5.709  1.00 30.53 ? 1032 HOH A O     1 
HETATM 603 O  O     . HOH G 4 . ? -3.249  11.875  -7.706  1.00 21.14 ? 1033 HOH A O     1 
HETATM 604 O  O     . HOH G 4 . ? 2.204   11.986  -9.001  1.00 37.42 ? 1047 HOH A O     1 
HETATM 605 O  O     . HOH G 4 . ? 5.080   8.442   -0.128  1.00 19.42 ? 1051 HOH A O     1 
HETATM 606 O  O     . HOH G 4 . ? -14.825 8.931   -5.912  1.00 15.71 ? 1052 HOH A O     1 
HETATM 607 O  O     . HOH G 4 . ? -0.902  3.789   -8.679  1.00 16.42 ? 1057 HOH A O     1 
HETATM 608 O  O     . HOH G 4 . ? 5.224   4.803   -9.091  1.00 27.32 ? 1064 HOH A O     1 
HETATM 609 O  O     . HOH G 4 . ? -13.549 -10.217 -1.079  1.00 25.48 ? 1075 HOH A O     1 
HETATM 610 O  O     . HOH G 4 . ? -19.759 4.879   2.988   1.00 21.02 ? 1090 HOH A O     1 
HETATM 611 O  O     . HOH G 4 . ? 7.234   5.889   -7.535  1.00 21.55 ? 1091 HOH A O     1 
HETATM 612 O  O     . HOH G 4 . ? -6.617  -2.175  -4.176  1.00 38.45 ? 1096 HOH A O     1 
HETATM 613 O  O     . HOH G 4 . ? -11.341 -4.512  -9.506  1.00 32.45 ? 1103 HOH A O     1 
HETATM 614 O  O     . HOH G 4 . ? -5.139  0.702   -12.480 1.00 31.70 ? 1104 HOH A O     1 
HETATM 615 O  O     . HOH G 4 . ? -8.779  4.733   0.450   1.00 21.76 ? 1113 HOH A O     1 
HETATM 616 O  O     . HOH G 4 . ? 5.021   11.258  -2.947  1.00 14.85 ? 1119 HOH A O     1 
HETATM 617 O  O     . HOH G 4 . ? 6.502   5.025   -11.395 1.00 14.91 ? 1120 HOH A O     1 
HETATM 618 O  O     . HOH G 4 . ? -10.145 2.713   -11.141 1.00 37.90 ? 1130 HOH A O     1 
HETATM 619 O  O     . HOH G 4 . ? -12.871 6.934   10.327  1.00 27.84 ? 1132 HOH A O     1 
HETATM 620 O  O     . HOH G 4 . ? -5.189  -3.975  -4.091  1.00 50.05 ? 1136 HOH A O     1 
HETATM 621 O  O     . HOH G 4 . ? -9.518  3.564   2.283   1.00 18.41 ? 1137 HOH A O     1 
HETATM 622 O  O     . HOH H 4 . ? -8.277  11.970  2.675   1.00 15.74 ? 1002 HOH B O     1 
HETATM 623 O  O     . HOH H 4 . ? 4.678   5.831   6.074   1.00 12.59 ? 1006 HOH B O     1 
HETATM 624 O  O     . HOH H 4 . ? -20.442 7.579   0.176   1.00 17.89 ? 1013 HOH B O     1 
HETATM 625 O  O     . HOH H 4 . ? 3.534   9.808   1.240   1.00 20.04 ? 1016 HOH B O     1 
HETATM 626 O  O     . HOH H 4 . ? -1.722  13.656  -5.105  1.00 25.81 ? 1018 HOH B O     1 
HETATM 627 O  O     . HOH H 4 . ? -4.354  11.950  4.723   1.00 18.28 ? 1025 HOH B O     1 
HETATM 628 O  O     . HOH H 4 . ? 3.329   11.654  6.318   1.00 19.32 ? 1030 HOH B O     1 
HETATM 629 O  O     . HOH H 4 . ? 0.022   16.390  4.210   1.00 27.52 ? 1034 HOH B O     1 
HETATM 630 O  O     . HOH H 4 . ? 5.073   6.645   3.122   1.00 33.27 ? 1037 HOH B O     1 
HETATM 631 O  O     . HOH H 4 . ? -3.334  2.379   5.800   1.00 41.14 ? 1049 HOH B O     1 
HETATM 632 O  O     . HOH H 4 . ? -2.368  -0.301  0.280   1.00 16.33 ? 1054 HOH B O     1 
HETATM 633 O  O     . HOH H 4 . ? -0.179  13.053  -2.522  1.00 29.36 ? 1061 HOH B O     1 
HETATM 634 O  O     . HOH H 4 . ? -7.460  17.811  3.037   1.00 21.64 ? 1065 HOH B O     1 
HETATM 635 O  O     . HOH H 4 . ? -16.311 18.657  -0.432  1.00 30.05 ? 1066 HOH B O     1 
HETATM 636 O  O     . HOH H 4 . ? -8.949  14.397  2.342   1.00 50.00 ? 1070 HOH B O     1 
HETATM 637 O  O     . HOH H 4 . ? -1.917  3.253   11.143  1.00 23.25 ? 1072 HOH B O     1 
HETATM 638 O  O     . HOH H 4 . ? 3.178   7.952   10.122  1.00 29.99 ? 1077 HOH B O     1 
HETATM 639 O  O     . HOH H 4 . ? 5.292   8.101   7.222   1.00 21.27 ? 1078 HOH B O     1 
HETATM 640 O  O     . HOH H 4 . ? 0.982   5.908   10.784  1.00 33.22 ? 1082 HOH B O     1 
HETATM 641 O  O     . HOH H 4 . ? 5.298   9.034   2.619   1.00 20.58 ? 1088 HOH B O     1 
HETATM 642 O  O     . HOH H 4 . ? -22.238 14.976  -0.805  1.00 18.89 ? 1093 HOH B O     1 
HETATM 643 O  O     . HOH H 4 . ? -8.606  9.408   3.063   1.00 24.42 ? 1098 HOH B O     1 
HETATM 644 O  O     . HOH H 4 . ? -19.779 20.061  -1.375  1.00 34.07 ? 1099 HOH B O     1 
HETATM 645 O  O     . HOH H 4 . ? -11.865 11.783  -7.067  1.00 14.34 ? 1111 HOH B O     1 
HETATM 646 O  O     . HOH H 4 . ? -5.231  6.626   3.066   1.00 7.93  ? 1114 HOH B O     1 
HETATM 647 O  O     . HOH H 4 . ? -2.291  14.047  9.545   1.00 19.35 ? 1125 HOH B O     1 
HETATM 648 O  O     . HOH H 4 . ? -15.984 15.821  -0.681  1.00 25.74 ? 1127 HOH B O     1 
HETATM 649 O  O     . HOH H 4 . ? 7.662   8.460   7.390   1.00 27.62 ? 1128 HOH B O     1 
HETATM 650 O  O     . HOH H 4 . ? -1.668  -0.945  5.670   1.00 35.10 ? 1133 HOH B O     1 
HETATM 651 O  O     . HOH H 4 . ? -23.818 10.595  -1.590  1.00 8.70  ? 1138 HOH B O     1 
HETATM 652 O  O     . HOH H 4 . ? 3.340   4.291   9.329   1.00 41.31 ? 1139 HOH B O     1 
HETATM 653 O  O     . HOH I 4 . ? 17.264  -0.298  -2.222  1.00 11.46 ? 1005 HOH C O     1 
HETATM 654 O  O     . HOH I 4 . ? 11.541  -8.794  -1.157  1.00 16.07 ? 1008 HOH C O     1 
HETATM 655 O  O     . HOH I 4 . ? 7.490   -19.285 -7.711  1.00 12.99 ? 1010 HOH C O     1 
HETATM 656 O  O     . HOH I 4 . ? 9.101   0.867   4.462   1.00 20.27 ? 1020 HOH C O     1 
HETATM 657 O  O     . HOH I 4 . ? 6.955   5.850   0.447   1.00 20.58 ? 1026 HOH C O     1 
HETATM 658 O  O     . HOH I 4 . ? 9.130   -5.779  8.467   1.00 28.20 ? 1031 HOH C O     1 
HETATM 659 O  O     . HOH I 4 . ? 14.107  -9.245  0.514   1.00 22.49 ? 1035 HOH C O     1 
HETATM 660 O  O     . HOH I 4 . ? 6.851   4.436   2.670   1.00 19.29 ? 1038 HOH C O     1 
HETATM 661 O  O     . HOH I 4 . ? 15.692  -2.921  6.294   1.00 24.06 ? 1039 HOH C O     1 
HETATM 662 O  O     . HOH I 4 . ? 8.812   8.399   -0.094  1.00 29.15 ? 1042 HOH C O     1 
HETATM 663 O  O     . HOH I 4 . ? 1.893   -1.195  -6.881  1.00 27.52 ? 1055 HOH C O     1 
HETATM 664 O  O     . HOH I 4 . ? 14.825  -5.781  7.508   1.00 26.44 ? 1056 HOH C O     1 
HETATM 665 O  O     . HOH I 4 . ? 17.753  -21.424 3.293   1.00 38.59 ? 1063 HOH C O     1 
HETATM 666 O  O     . HOH I 4 . ? 11.270  -4.935  7.054   1.00 21.43 ? 1069 HOH C O     1 
HETATM 667 O  O     . HOH I 4 . ? 7.784   -7.324  -2.571  1.00 35.57 ? 1076 HOH C O     1 
HETATM 668 O  O     . HOH I 4 . ? 17.586  -13.351 3.922   1.00 30.22 ? 1081 HOH C O     1 
HETATM 669 O  O     . HOH I 4 . ? 12.442  -22.354 3.018   1.00 37.83 ? 1084 HOH C O     1 
HETATM 670 O  O     . HOH I 4 . ? 8.982   5.718   -3.776  1.00 19.15 ? 1085 HOH C O     1 
HETATM 671 O  O     . HOH I 4 . ? 12.217  4.579   1.733   1.00 21.82 ? 1086 HOH C O     1 
HETATM 672 O  O     . HOH I 4 . ? 14.864  -19.440 2.095   1.00 21.07 ? 1087 HOH C O     1 
HETATM 673 O  O     . HOH I 4 . ? 14.063  -7.112  -0.340  1.00 26.25 ? 1089 HOH C O     1 
HETATM 674 O  O     . HOH I 4 . ? 15.246  -9.984  -2.598  1.00 28.03 ? 1094 HOH C O     1 
HETATM 675 O  O     . HOH I 4 . ? 17.867  -6.775  -0.908  1.00 23.27 ? 1097 HOH C O     1 
HETATM 676 O  O     . HOH I 4 . ? 12.796  7.729   -1.541  1.00 24.22 ? 1100 HOH C O     1 
HETATM 677 O  O     . HOH I 4 . ? 6.654   -18.792 3.113   1.00 22.54 ? 1101 HOH C O     1 
HETATM 678 O  O     . HOH I 4 . ? 14.502  -12.661 0.953   1.00 24.04 ? 1106 HOH C O     1 
HETATM 679 O  O     . HOH I 4 . ? 12.036  0.023   -4.298  1.00 25.05 ? 1109 HOH C O     1 
HETATM 680 O  O     . HOH I 4 . ? 10.348  7.764   -4.449  1.00 29.29 ? 1116 HOH C O     1 
HETATM 681 O  O     . HOH I 4 . ? 18.563  -4.555  0.231   1.00 31.34 ? 1117 HOH C O     1 
HETATM 682 O  O     . HOH I 4 . ? 4.825   -17.427 3.683   1.00 42.06 ? 1126 HOH C O     1 
HETATM 683 O  O     . HOH I 4 . ? 9.018   -3.372  -1.133  1.00 23.32 ? 1129 HOH C O     1 
HETATM 684 O  O     . HOH J 4 . ? 1.782   -6.961  0.321   1.00 19.64 ? 997  HOH D O     1 
HETATM 685 O  O     . HOH J 4 . ? -1.452  -4.263  11.178  1.00 11.07 ? 998  HOH D O     1 
HETATM 686 O  O     . HOH J 4 . ? 3.940   -2.278  14.308  1.00 23.56 ? 1003 HOH D O     1 
HETATM 687 O  O     . HOH J 4 . ? 0.795   -15.542 5.330   1.00 16.37 ? 1007 HOH D O     1 
HETATM 688 O  O     . HOH J 4 . ? 5.469   -4.652  13.406  1.00 28.01 ? 1009 HOH D O     1 
HETATM 689 O  O     . HOH J 4 . ? -0.032  -2.549  5.479   1.00 35.18 ? 1015 HOH D O     1 
HETATM 690 O  O     . HOH J 4 . ? -0.353  -7.697  4.928   1.00 13.91 ? 1017 HOH D O     1 
HETATM 691 O  O     . HOH J 4 . ? 4.215   -7.761  13.133  1.00 20.74 ? 1036 HOH D O     1 
HETATM 692 O  O     . HOH J 4 . ? -6.091  -1.535  13.455  1.00 33.17 ? 1040 HOH D O     1 
HETATM 693 O  O     . HOH J 4 . ? 0.245   -3.018  7.710   1.00 17.54 ? 1041 HOH D O     1 
HETATM 694 O  O     . HOH J 4 . ? 7.096   -6.150  10.364  1.00 20.83 ? 1043 HOH D O     1 
HETATM 695 O  O     . HOH J 4 . ? 8.213   5.064   9.224   1.00 29.57 ? 1045 HOH D O     1 
HETATM 696 O  O     . HOH J 4 . ? -0.395  -8.979  1.948   1.00 27.40 ? 1046 HOH D O     1 
HETATM 697 O  O     . HOH J 4 . ? 7.366   -7.707  -6.100  1.00 34.01 ? 1048 HOH D O     1 
HETATM 698 O  O     . HOH J 4 . ? 6.589   3.890   6.905   1.00 21.63 ? 1050 HOH D O     1 
HETATM 699 O  O     . HOH J 4 . ? 7.231   -9.550  -4.024  1.00 25.31 ? 1053 HOH D O     1 
HETATM 700 O  O     . HOH J 4 . ? -1.977  -16.371 3.771   1.00 24.26 ? 1058 HOH D O     1 
HETATM 701 O  O     . HOH J 4 . ? 7.911   -9.583  -7.773  1.00 28.93 ? 1059 HOH D O     1 
HETATM 702 O  O     . HOH J 4 . ? 8.189   5.538   6.801   1.00 34.33 ? 1060 HOH D O     1 
HETATM 703 O  O     . HOH J 4 . ? -2.576  -10.367 -4.439  1.00 22.86 ? 1062 HOH D O     1 
HETATM 704 O  O     . HOH J 4 . ? -0.973  -5.428  6.569   1.00 31.58 ? 1067 HOH D O     1 
HETATM 705 O  O     . HOH J 4 . ? -3.152  -5.093  7.222   1.00 31.05 ? 1071 HOH D O     1 
HETATM 706 O  O     . HOH J 4 . ? 7.042   -6.949  -9.642  1.00 20.97 ? 1074 HOH D O     1 
HETATM 707 O  O     . HOH J 4 . ? -4.307  -7.476  4.650   1.00 33.58 ? 1079 HOH D O     1 
HETATM 708 O  O     . HOH J 4 . ? 9.959   -5.936  -6.478  1.00 32.25 ? 1080 HOH D O     1 
HETATM 709 O  O     . HOH J 4 . ? -5.684  -10.439 -2.503  1.00 36.62 ? 1083 HOH D O     1 
HETATM 710 O  O     . HOH J 4 . ? -1.241  -5.583  3.590   1.00 25.78 ? 1092 HOH D O     1 
HETATM 711 O  O     . HOH J 4 . ? -2.136  -14.708 7.105   1.00 34.33 ? 1095 HOH D O     1 
HETATM 712 O  O     . HOH J 4 . ? -3.327  -2.469  12.062  1.00 22.05 ? 1105 HOH D O     1 
HETATM 713 O  O     . HOH J 4 . ? 7.997   -9.338  7.387   1.00 29.99 ? 1107 HOH D O     1 
HETATM 714 O  O     . HOH J 4 . ? -3.288  -8.694  10.023  1.00 31.24 ? 1108 HOH D O     1 
HETATM 715 O  O     . HOH J 4 . ? 7.769   -5.268  13.627  1.00 29.88 ? 1110 HOH D O     1 
HETATM 716 O  O     . HOH J 4 . ? 4.560   -9.420  -5.099  1.00 18.67 ? 1115 HOH D O     1 
HETATM 717 O  O     . HOH J 4 . ? 7.917   -2.179  7.230   1.00 23.16 ? 1118 HOH D O     1 
HETATM 718 O  O     . HOH J 4 . ? -2.247  -0.615  12.883  1.00 19.27 ? 1121 HOH D O     1 
HETATM 719 O  O     . HOH J 4 . ? 2.981   -10.084 11.368  1.00 12.11 ? 1131 HOH D O     1 
HETATM 720 O  O     . HOH J 4 . ? 5.648   -14.630 -12.229 1.00 14.69 ? 1134 HOH D O     1 
HETATM 721 O  O     . HOH J 4 . ? 6.208   -8.402  8.980   1.00 25.32 ? 1135 HOH D O     1 
# 
loop_
_atom_site_anisotrop.id 
_atom_site_anisotrop.type_symbol 
_atom_site_anisotrop.pdbx_label_atom_id 
_atom_site_anisotrop.pdbx_label_alt_id 
_atom_site_anisotrop.pdbx_label_comp_id 
_atom_site_anisotrop.pdbx_label_asym_id 
_atom_site_anisotrop.pdbx_label_seq_id 
_atom_site_anisotrop.pdbx_PDB_ins_code 
_atom_site_anisotrop.U[1][1] 
_atom_site_anisotrop.U[2][2] 
_atom_site_anisotrop.U[3][3] 
_atom_site_anisotrop.U[1][2] 
_atom_site_anisotrop.U[1][3] 
_atom_site_anisotrop.U[2][3] 
_atom_site_anisotrop.pdbx_auth_seq_id 
_atom_site_anisotrop.pdbx_auth_comp_id 
_atom_site_anisotrop.pdbx_auth_asym_id 
_atom_site_anisotrop.pdbx_auth_atom_id 
1   O  "O5'" . U   A 1 ? 0.3125 0.2456 0.1775 0.0959  0.1105  0.0778  1    U   A "O5'" 
2   C  "C5'" . U   A 1 ? 0.2619 0.2162 0.2131 0.0792  0.1033  0.0854  1    U   A "C5'" 
3   C  "C4'" . U   A 1 ? 0.2565 0.2239 0.1842 0.0794  0.0991  0.0911  1    U   A "C4'" 
4   O  "O4'" . U   A 1 ? 0.2478 0.2281 0.1744 0.0793  0.0896  0.0919  1    U   A "O4'" 
5   C  "C3'" . U   A 1 ? 0.2559 0.2482 0.1767 0.0913  0.0975  0.0834  1    U   A "C3'" 
6   O  "O3'" . U   A 1 ? 0.2662 0.2651 0.2162 0.1070  0.1042  0.0576  1    U   A "O3'" 
7   C  "C2'" . U   A 1 ? 0.2486 0.2422 0.1703 0.0834  0.0968  0.0898  1    U   A "C2'" 
8   O  "O2'" . U   A 1 ? 0.2532 0.2661 0.1374 0.0622  0.1147  0.1266  1    U   A "O2'" 
9   C  "C1'" . U   A 1 ? 0.2428 0.2383 0.1646 0.0802  0.0875  0.0915  1    U   A "C1'" 
10  N  N1    . U   A 1 ? 0.2211 0.2358 0.1799 0.0785  0.0800  0.0810  1    U   A N1    
11  C  C2    . U   A 1 ? 0.1982 0.2327 0.1791 0.0810  0.0678  0.0777  1    U   A C2    
12  O  O2    . U   A 1 ? 0.1970 0.2305 0.1422 0.0946  0.0860  0.0909  1    U   A O2    
13  N  N3    . U   A 1 ? 0.1803 0.2299 0.2360 0.0800  0.0567  0.0483  1    U   A N3    
14  C  C4    . U   A 1 ? 0.1985 0.2291 0.2571 0.0727  0.0747  0.0489  1    U   A C4    
15  O  O4    . U   A 1 ? 0.1959 0.1742 0.4109 0.0002  0.1374  0.0272  1    U   A O4    
16  C  C5    . U   A 1 ? 0.2100 0.2409 0.2306 0.0766  0.0776  0.0519  1    U   A C5    
17  C  C6    . U   A 1 ? 0.2159 0.2318 0.2087 0.0736  0.0861  0.0650  1    U   A C6    
18  P  P     . A   A 2 ? 0.2827 0.2772 0.2822 0.1235  0.1069  0.0350  2    A   A P     
19  O  OP1   . A   A 2 ? 0.2872 0.2593 0.3018 0.1370  0.0958  0.0510  2    A   A OP1   
20  O  OP2   . A   A 2 ? 0.2270 0.2956 0.2587 0.1179  0.0870  0.0242  2    A   A OP2   
21  O  "O5'" . A   A 2 ? 0.2831 0.2605 0.2450 0.1095  0.1125  0.0423  2    A   A "O5'" 
22  C  "C5'" . A   A 2 ? 0.2725 0.2442 0.2463 0.0981  0.1145  0.0445  2    A   A "C5'" 
23  C  "C4'" . A   A 2 ? 0.2678 0.2145 0.2367 0.0803  0.1154  0.0521  2    A   A "C4'" 
24  O  "O4'" . A   A 2 ? 0.2749 0.2169 0.2355 0.0753  0.1244  0.0570  2    A   A "O4'" 
25  C  "C3'" . A   A 2 ? 0.2518 0.1895 0.2225 0.0663  0.1001  0.0508  2    A   A "C3'" 
26  O  "O3'" . A   A 2 ? 0.2396 0.1672 0.2126 0.0624  0.0816  0.0473  2    A   A "O3'" 
27  C  "C2'" . A   A 2 ? 0.2541 0.2010 0.2464 0.0667  0.1112  0.0435  2    A   A "C2'" 
28  O  "O2'" . A   A 2 ? 0.2225 0.2381 0.2787 0.0661  0.0655  0.0256  2    A   A "O2'" 
29  C  "C1'" . A   A 2 ? 0.2661 0.2082 0.2257 0.0682  0.1275  0.0545  2    A   A "C1'" 
30  N  N9    . A   A 2 ? 0.2675 0.2024 0.2348 0.0727  0.1387  0.0421  2    A   A N9    
31  C  C8    . A   A 2 ? 0.2666 0.2000 0.2646 0.0679  0.1412  0.0365  2    A   A C8    
32  N  N7    . A   A 2 ? 0.2683 0.2030 0.2728 0.0644  0.1428  0.0389  2    A   A N7    
33  C  C5    . A   A 2 ? 0.2708 0.1922 0.2588 0.0621  0.1462  0.0459  2    A   A C5    
34  C  C6    . A   A 2 ? 0.2666 0.1871 0.2587 0.0499  0.1594  0.0523  2    A   A C6    
35  N  N6    . A   A 2 ? 0.2827 0.2208 0.3249 0.0391  0.1368  0.0544  2    A   A N6    
36  N  N1    . A   A 2 ? 0.2544 0.1929 0.2221 0.0588  0.1670  0.0535  2    A   A N1    
37  C  C2    . A   A 2 ? 0.2546 0.1865 0.2238 0.0634  0.1610  0.0442  2    A   A C2    
38  N  N3    . A   A 2 ? 0.2611 0.1825 0.2349 0.0669  0.1406  0.0398  2    A   A N3    
39  C  C4    . A   A 2 ? 0.2659 0.1898 0.2422 0.0642  0.1444  0.0413  2    A   A C4    
40  P  P     . G   A 3 ? 0.2265 0.1483 0.2151 0.0593  0.0594  0.0206  3    G   A P     
41  O  OP1   . G   A 3 ? 0.2623 0.1909 0.3103 0.0981  0.0336  -0.0157 3    G   A OP1   
42  O  OP2   . G   A 3 ? 0.2556 0.2136 0.1690 0.1282  0.0428  -0.0263 3    G   A OP2   
43  O  "O5'" . G   A 3 ? 0.1828 0.1422 0.1873 0.0273  0.0442  0.0033  3    G   A "O5'" 
44  C  "C5'" . G   A 3 ? 0.1448 0.1390 0.1763 0.0016  0.0317  -0.0066 3    G   A "C5'" 
45  C  "C4'" . G   A 3 ? 0.1303 0.1267 0.1498 -0.0205 0.0283  -0.0173 3    G   A "C4'" 
46  O  "O4'" . G   A 3 ? 0.1231 0.1097 0.1206 -0.0406 0.0179  -0.0161 3    G   A "O4'" 
47  C  "C3'" . G   A 3 ? 0.1250 0.1289 0.1457 -0.0276 0.0102  -0.0234 3    G   A "C3'" 
48  O  "O3'" . G   A 3 ? 0.1265 0.1759 0.1776 -0.0143 0.0096  -0.0451 3    G   A "O3'" 
49  C  "C2'" . G   A 3 ? 0.1287 0.1150 0.1262 -0.0351 0.0003  -0.0159 3    G   A "C2'" 
50  O  "O2'" . G   A 3 ? 0.1622 0.1340 0.1849 -0.0135 0.0011  0.0092  3    G   A "O2'" 
51  C  "C1'" . G   A 3 ? 0.1281 0.1119 0.1322 -0.0445 -0.0017 -0.0241 3    G   A "C1'" 
52  N  N9    . G   A 3 ? 0.1472 0.1171 0.1294 -0.0451 -0.0172 -0.0290 3    G   A N9    
53  C  C8    . G   A 3 ? 0.1408 0.1225 0.1169 -0.0430 -0.0240 -0.0367 3    G   A C8    
54  N  N7    . G   A 3 ? 0.1401 0.1059 0.1200 -0.0574 -0.0138 -0.0195 3    G   A N7    
55  C  C5    . G   A 3 ? 0.1472 0.1090 0.0981 -0.0516 -0.0167 -0.0183 3    G   A C5    
56  C  C6    . G   A 3 ? 0.1574 0.1004 0.0901 -0.0506 -0.0189 -0.0217 3    G   A C6    
57  O  O6    . G   A 3 ? 0.1690 0.1474 0.0966 -0.0377 -0.0156 -0.0217 3    G   A O6    
58  N  N1    . G   A 3 ? 0.1612 0.0838 0.1188 -0.0632 -0.0180 -0.0378 3    G   A N1    
59  C  C2    . G   A 3 ? 0.1514 0.0930 0.1175 -0.0585 -0.0209 -0.0335 3    G   A C2    
60  N  N2    . G   A 3 ? 0.1581 0.1091 0.1326 -0.0221 -0.0159 -0.0385 3    G   A N2    
61  N  N3    . G   A 3 ? 0.1419 0.1047 0.1019 -0.0545 -0.0340 -0.0422 3    G   A N3    
62  C  C4    . G   A 3 ? 0.1467 0.1043 0.1205 -0.0507 -0.0183 -0.0302 3    G   A C4    
63  P  P     . C   A 4 ? 0.1424 0.2229 0.1865 0.0097  0.0213  -0.0710 4    C   A P     
64  O  OP1   . C   A 4 ? 0.1528 0.2434 0.2249 0.0185  -0.0168 -0.1169 4    C   A OP1   
65  O  OP2   . C   A 4 ? 0.1766 0.3115 0.2531 0.0635  -0.0118 -0.0863 4    C   A OP2   
66  O  "O5'" . C   A 4 ? 0.1294 0.2276 0.1573 -0.0099 0.0463  -0.0573 4    C   A "O5'" 
67  C  "C5'" . C   A 4 ? 0.1159 0.2276 0.1692 -0.0183 0.0276  -0.0630 4    C   A "C5'" 
68  C  "C4'" . C   A 4 ? 0.0945 0.2394 0.1876 -0.0320 0.0273  -0.0647 4    C   A "C4'" 
69  O  "O4'" . C   A 4 ? 0.0793 0.2270 0.1750 -0.0410 0.0308  -0.0544 4    C   A "O4'" 
70  C  "C3'" . C   A 4 ? 0.0938 0.2434 0.1917 -0.0362 0.0294  -0.0680 4    C   A "C3'" 
71  O  "O3'" . C   A 4 ? 0.1085 0.2594 0.1970 -0.0435 0.0248  -0.0921 4    C   A "O3'" 
72  C  "C2'" . C   A 4 ? 0.0927 0.2419 0.1678 -0.0297 0.0237  -0.0510 4    C   A "C2'" 
73  O  "O2'" . C   A 4 ? 0.0918 0.2960 0.1562 0.0083  0.0007  -0.0505 4    C   A "O2'" 
74  C  "C1'" . C   A 4 ? 0.0932 0.2340 0.1670 -0.0272 0.0235  -0.0480 4    C   A "C1'" 
75  N  N1    . C   A 4 ? 0.0981 0.2131 0.1858 -0.0273 0.0253  -0.0410 4    C   A N1    
76  C  C2    . C   A 4 ? 0.0967 0.2139 0.2027 -0.0188 0.0198  -0.0361 4    C   A C2    
77  O  O2    . C   A 4 ? 0.1244 0.2193 0.2148 0.0263  0.0557  -0.0019 4    C   A O2    
78  N  N3    . C   A 4 ? 0.1045 0.2156 0.1917 -0.0189 0.0254  -0.0232 4    C   A N3    
79  C  C4    . C   A 4 ? 0.0953 0.2217 0.1894 -0.0264 0.0249  -0.0281 4    C   A C4    
80  N  N4    . C   A 4 ? 0.1246 0.3029 0.1442 0.0212  0.0009  -0.0132 4    C   A N4    
81  C  C5    . C   A 4 ? 0.0945 0.2201 0.1711 -0.0297 0.0270  -0.0368 4    C   A C5    
82  C  C6    . C   A 4 ? 0.0973 0.2197 0.1421 -0.0306 0.0340  -0.0190 4    C   A C6    
83  P  P     . C   A 5 ? 0.1468 0.2533 0.1801 -0.0305 0.0568  -0.0692 5    C   A P     
84  O  OP1   . C   A 5 ? 0.1945 0.2583 0.2241 -0.0248 0.0429  -0.1192 5    C   A OP1   
85  O  OP2   . C   A 5 ? 0.1737 0.2180 0.2340 -0.0389 0.0372  -0.0607 5    C   A OP2   
86  O  "O5'" . C   A 5 ? 0.1303 0.2342 0.1254 -0.0244 0.0423  -0.0431 5    C   A "O5'" 
87  C  "C5'" . C   A 5 ? 0.1326 0.2203 0.1080 -0.0168 0.0324  -0.0229 5    C   A "C5'" 
88  C  "C4'" . C   A 5 ? 0.1277 0.1901 0.1170 -0.0097 0.0130  -0.0188 5    C   A "C4'" 
89  O  "O4'" . C   A 5 ? 0.1273 0.1791 0.0980 -0.0058 0.0184  -0.0063 5    C   A "O4'" 
90  C  "C3'" . C   A 5 ? 0.1204 0.1769 0.1254 -0.0122 0.0035  -0.0183 5    C   A "C3'" 
91  O  "O3'" . C   A 5 ? 0.1238 0.1708 0.1155 -0.0123 -0.0158 -0.0192 5    C   A "O3'" 
92  C  "C2'" . C   A 5 ? 0.1199 0.1618 0.1309 -0.0162 0.0136  -0.0170 5    C   A "C2'" 
93  O  "O2'" . C   A 5 ? 0.0909 0.1408 0.2615 -0.0221 -0.0091 -0.0366 5    C   A "O2'" 
94  C  "C1'" . C   A 5 ? 0.1171 0.1704 0.1194 -0.0089 0.0155  -0.0165 5    C   A "C1'" 
95  N  N1    . C   A 5 ? 0.1188 0.1709 0.1343 0.0007  0.0247  -0.0260 5    C   A N1    
96  C  C2    . C   A 5 ? 0.1190 0.1645 0.1118 0.0095  0.0260  -0.0221 5    C   A C2    
97  O  O2    . C   A 5 ? 0.1311 0.1189 0.1361 0.0310  0.0236  -0.0331 5    C   A O2    
98  N  N3    . C   A 5 ? 0.1201 0.1605 0.0987 0.0019  0.0381  -0.0098 5    C   A N3    
99  C  C4    . C   A 5 ? 0.1121 0.1616 0.1248 0.0046  0.0327  -0.0238 5    C   A C4    
100 N  N4    . C   A 5 ? 0.0863 0.1872 0.1171 0.0201  0.0200  -0.0200 5    C   A N4    
101 C  C5    . C   A 5 ? 0.1082 0.1743 0.1232 0.0076  0.0146  -0.0375 5    C   A C5    
102 C  C6    . C   A 5 ? 0.1198 0.1592 0.1412 -0.0063 0.0311  -0.0327 5    C   A C6    
103 P  P     . C   A 6 ? 0.1407 0.1446 0.1400 -0.0117 0.0198  -0.0154 6    C   A P     
104 O  OP1   . C   A 6 ? 0.1572 0.1789 0.0709 -0.0123 0.0182  -0.0076 6    C   A OP1   
105 O  OP2   . C   A 6 ? 0.1790 0.1656 0.2879 -0.0039 0.0297  -0.0334 6    C   A OP2   
106 O  "O5'" . C   A 6 ? 0.1241 0.1634 0.1497 -0.0083 0.0169  -0.0270 6    C   A "O5'" 
107 C  "C5'" . C   A 6 ? 0.1312 0.1769 0.1382 -0.0068 0.0108  -0.0244 6    C   A "C5'" 
108 C  "C4'" . C   A 6 ? 0.1290 0.1943 0.1260 -0.0032 -0.0064 -0.0187 6    C   A "C4'" 
109 O  "O4'" . C   A 6 ? 0.1320 0.1866 0.1206 -0.0134 -0.0042 -0.0137 6    C   A "O4'" 
110 C  "C3'" . C   A 6 ? 0.1241 0.2141 0.1304 0.0001  -0.0181 -0.0113 6    C   A "C3'" 
111 O  "O3'" . C   A 6 ? 0.1225 0.2366 0.1576 0.0156  -0.0190 -0.0035 6    C   A "O3'" 
112 C  "C2'" . C   A 6 ? 0.1287 0.1907 0.1466 -0.0196 -0.0115 -0.0102 6    C   A "C2'" 
113 O  "O2'" . C   A 6 ? 0.1404 0.1612 0.2064 -0.0415 -0.0127 0.0165  6    C   A "O2'" 
114 C  "C1'" . C   A 6 ? 0.1265 0.1772 0.1400 -0.0223 -0.0061 -0.0090 6    C   A "C1'" 
115 N  N1    . C   A 6 ? 0.1193 0.1695 0.1729 -0.0253 -0.0025 -0.0265 6    C   A N1    
116 C  C2    . C   A 6 ? 0.1216 0.1663 0.1663 -0.0340 0.0026  -0.0226 6    C   A C2    
117 O  O2    . C   A 6 ? 0.1634 0.2136 0.1285 -0.0441 -0.0130 -0.0009 6    C   A O2    
118 N  N3    . C   A 6 ? 0.1013 0.1465 0.1674 -0.0477 0.0033  -0.0279 6    C   A N3    
119 C  C4    . C   A 6 ? 0.1023 0.1560 0.1857 -0.0402 0.0065  -0.0356 6    C   A C4    
120 N  N4    . C   A 6 ? 0.1120 0.1591 0.2071 -0.0218 -0.0180 -0.0585 6    C   A N4    
121 C  C5    . C   A 6 ? 0.1080 0.1488 0.2027 -0.0418 0.0030  -0.0400 6    C   A C5    
122 C  C6    . C   A 6 ? 0.1129 0.1662 0.1983 -0.0291 -0.0015 -0.0379 6    C   A C6    
123 P  P     . C   A 7 ? 0.1199 0.2523 0.1741 0.0150  -0.0076 0.0018  7    C   A P     
124 O  OP1   . C   A 7 ? 0.1466 0.3292 0.1117 0.0273  0.0090  0.0278  7    C   A OP1   
125 O  OP2   . C   A 7 ? 0.1204 0.2529 0.1674 0.0428  -0.0492 -0.0009 7    C   A OP2   
126 O  "O5'" . C   A 7 ? 0.1207 0.2514 0.1627 0.0050  -0.0085 0.0170  7    C   A "O5'" 
127 C  "C5'" . C   A 7 ? 0.1058 0.2536 0.1864 -0.0116 -0.0113 0.0200  7    C   A "C5'" 
128 C  "C4'" . C   A 7 ? 0.0885 0.2637 0.2069 -0.0119 -0.0229 0.0205  7    C   A "C4'" 
129 O  "O4'" . C   A 7 ? 0.0786 0.2575 0.2046 -0.0216 -0.0299 0.0166  7    C   A "O4'" 
130 C  "C3'" . C   A 7 ? 0.0910 0.2750 0.2336 -0.0028 -0.0134 0.0180  7    C   A "C3'" 
131 O  "O3'" . C   A 7 ? 0.1375 0.3095 0.3011 0.0264  0.0398  0.0148  7    C   A "O3'" 
132 C  "C2'" . C   A 7 ? 0.0769 0.2789 0.2237 -0.0100 -0.0324 0.0087  7    C   A "C2'" 
133 O  "O2'" . C   A 7 ? 0.1271 0.3354 0.2215 -0.0202 -0.0286 0.0237  7    C   A "O2'" 
134 C  "C1'" . C   A 7 ? 0.0733 0.2553 0.2204 -0.0193 -0.0301 0.0100  7    C   A "C1'" 
135 N  N1    . C   A 7 ? 0.0710 0.2414 0.2197 -0.0171 -0.0277 0.0042  7    C   A N1    
136 C  C2    . C   A 7 ? 0.0749 0.2433 0.2329 -0.0047 -0.0333 -0.0036 7    C   A C2    
137 O  O2    . C   A 7 ? 0.1396 0.2826 0.2974 0.0502  -0.0265 -0.0274 7    C   A O2    
138 N  N3    . C   A 7 ? 0.0724 0.2401 0.2496 0.0034  -0.0222 -0.0115 7    C   A N3    
139 C  C4    . C   A 7 ? 0.0577 0.2316 0.2253 -0.0088 -0.0247 -0.0095 7    C   A C4    
140 N  N4    . C   A 7 ? 0.0303 0.2248 0.1711 -0.0097 0.0142  0.0019  7    C   A N4    
141 C  C5    . C   A 7 ? 0.0577 0.2230 0.2326 -0.0203 -0.0309 -0.0045 7    C   A C5    
142 C  C6    . C   A 7 ? 0.0591 0.2285 0.2162 -0.0278 -0.0337 0.0065  7    C   A C6    
143 O  "O5'" . G   B 1 ? 0.3493 0.1716 0.2758 0.0447  0.1244  0.0604  8    G   B "O5'" 
144 C  "C5'" . G   B 1 ? 0.2905 0.1314 0.2716 0.0350  0.1069  0.0648  8    G   B "C5'" 
145 C  "C4'" . G   B 1 ? 0.2764 0.1087 0.2624 0.0308  0.1064  0.0717  8    G   B "C4'" 
146 O  "O4'" . G   B 1 ? 0.2731 0.1039 0.2721 0.0370  0.0916  0.0630  8    G   B "O4'" 
147 C  "C3'" . G   B 1 ? 0.2668 0.1209 0.2605 0.0337  0.0948  0.0634  8    G   B "C3'" 
148 O  "O3'" . G   B 1 ? 0.2779 0.1338 0.2867 0.0309  0.0908  0.0459  8    G   B "O3'" 
149 C  "C2'" . G   B 1 ? 0.2568 0.1254 0.2833 0.0421  0.0878  0.0576  8    G   B "C2'" 
150 O  "O2'" . G   B 1 ? 0.2212 0.1350 0.2657 0.0553  0.0772  0.0809  8    G   B "O2'" 
151 C  "C1'" . G   B 1 ? 0.2522 0.1120 0.2856 0.0435  0.0898  0.0559  8    G   B "C1'" 
152 N  N9    . G   B 1 ? 0.2391 0.1012 0.2768 0.0500  0.0938  0.0636  8    G   B N9    
153 C  C8    . G   B 1 ? 0.2409 0.1119 0.2892 0.0599  0.0871  0.0535  8    G   B C8    
154 N  N7    . G   B 1 ? 0.2417 0.1065 0.2922 0.0614  0.0948  0.0547  8    G   B N7    
155 C  C5    . G   B 1 ? 0.2273 0.1138 0.3116 0.0558  0.0848  0.0365  8    G   B C5    
156 C  C6    . G   B 1 ? 0.2191 0.1230 0.3016 0.0523  0.0817  0.0308  8    G   B C6    
157 O  O6    . G   B 1 ? 0.2247 0.1746 0.3804 0.0539  0.0499  -0.0095 8    G   B O6    
158 N  N1    . G   B 1 ? 0.2126 0.1064 0.3052 0.0488  0.0834  0.0279  8    G   B N1    
159 C  C2    . G   B 1 ? 0.2202 0.0965 0.2878 0.0424  0.0914  0.0285  8    G   B C2    
160 N  N2    . G   B 1 ? 0.2067 0.0747 0.3778 0.0202  0.0803  -0.0383 8    G   B N2    
161 N  N3    . G   B 1 ? 0.2211 0.0899 0.2576 0.0420  0.0955  0.0485  8    G   B N3    
162 C  C4    . G   B 1 ? 0.2283 0.1081 0.2952 0.0546  0.0850  0.0381  8    G   B C4    
163 P  P     . G   B 2 ? 0.2822 0.1436 0.2326 0.0382  0.0699  0.0391  9    G   B P     
164 O  OP1   . G   B 2 ? 0.3084 0.2093 0.2265 0.0776  0.0746  0.0267  9    G   B OP1   
165 O  OP2   . G   B 2 ? 0.3097 0.1367 0.2688 0.0152  0.0752  0.0117  9    G   B OP2   
166 O  "O5'" . G   B 2 ? 0.2716 0.1262 0.1940 0.0336  0.0502  0.0435  9    G   B "O5'" 
167 C  "C5'" . G   B 2 ? 0.2598 0.1067 0.1403 0.0235  0.0475  0.0507  9    G   B "C5'" 
168 C  "C4'" . G   B 2 ? 0.2395 0.0883 0.1285 0.0196  0.0215  0.0298  9    G   B "C4'" 
169 O  "O4'" . G   B 2 ? 0.2241 0.0505 0.1287 0.0115  0.0088  0.0136  9    G   B "O4'" 
170 C  "C3'" . G   B 2 ? 0.2376 0.0699 0.1428 0.0067  0.0235  0.0210  9    G   B "C3'" 
171 O  "O3'" . G   B 2 ? 0.2400 0.0697 0.1635 -0.0110 0.0206  0.0053  9    G   B "O3'" 
172 C  "C2'" . G   B 2 ? 0.2217 0.0560 0.1301 0.0057  0.0127  0.0265  9    G   B "C2'" 
173 O  "O2'" . G   B 2 ? 0.1839 0.0868 0.1088 0.0278  -0.0210 0.0276  9    G   B "O2'" 
174 C  "C1'" . G   B 2 ? 0.2135 0.0653 0.1334 0.0057  0.0046  0.0099  9    G   B "C1'" 
175 N  N9    . G   B 2 ? 0.1877 0.0960 0.1207 0.0089  0.0025  0.0086  9    G   B N9    
176 C  C8    . G   B 2 ? 0.1863 0.0995 0.1251 0.0098  0.0089  0.0022  9    G   B C8    
177 N  N7    . G   B 2 ? 0.1835 0.0952 0.1334 0.0090  0.0182  -0.0001 9    G   B N7    
178 C  C5    . G   B 2 ? 0.1692 0.1163 0.1128 0.0222  0.0072  0.0024  9    G   B C5    
179 C  C6    . G   B 2 ? 0.1435 0.1406 0.1183 0.0328  -0.0141 -0.0008 9    G   B C6    
180 O  O6    . G   B 2 ? 0.1513 0.2104 0.1998 0.0593  -0.0406 -0.0230 9    G   B O6    
181 N  N1    . G   B 2 ? 0.1414 0.1446 0.0991 0.0288  -0.0106 0.0024  9    G   B N1    
182 C  C2    . G   B 2 ? 0.1449 0.1363 0.0951 0.0193  0.0128  0.0221  9    G   B C2    
183 N  N2    . G   B 2 ? 0.1822 0.1342 0.1082 0.0204  0.0042  0.0810  9    G   B N2    
184 N  N3    . G   B 2 ? 0.1457 0.1215 0.1125 0.0145  0.0116  0.0061  9    G   B N3    
185 C  C4    . G   B 2 ? 0.1690 0.0967 0.1093 0.0098  0.0065  0.0088  9    G   B C4    
186 P  P     . G   B 3 ? 0.2427 0.0868 0.1640 -0.0094 0.0445  -0.0180 10   G   B P     
187 O  OP1   . G   B 3 ? 0.3055 0.0884 0.1880 0.0103  0.0809  -0.0371 10   G   B OP1   
188 O  OP2   . G   B 3 ? 0.2321 0.0772 0.2184 0.0220  0.0696  -0.0537 10   G   B OP2   
189 O  "O5'" . G   B 3 ? 0.2164 0.0675 0.1680 -0.0273 0.0491  0.0092  10   G   B "O5'" 
190 C  "C5'" . G   B 3 ? 0.1888 0.0836 0.1533 -0.0183 0.0427  0.0194  10   G   B "C5'" 
191 C  "C4'" . G   B 3 ? 0.1492 0.1120 0.1482 -0.0056 0.0144  0.0074  10   G   B "C4'" 
192 O  "O4'" . G   B 3 ? 0.1340 0.1234 0.1529 0.0024  0.0046  -0.0129 10   G   B "O4'" 
193 C  "C3'" . G   B 3 ? 0.1452 0.1147 0.1678 0.0002  0.0216  0.0254  10   G   B "C3'" 
194 O  "O3'" . G   B 3 ? 0.1445 0.1324 0.2460 0.0066  0.0354  0.0355  10   G   B "O3'" 
195 C  "C2'" . G   B 3 ? 0.1324 0.1177 0.1269 -0.0047 0.0145  0.0246  10   G   B "C2'" 
196 O  "O2'" . G   B 3 ? 0.0961 0.1169 0.1473 -0.0029 -0.0322 0.0164  10   G   B "O2'" 
197 C  "C1'" . G   B 3 ? 0.1267 0.1207 0.1347 -0.0066 0.0145  -0.0007 10   G   B "C1'" 
198 N  N9    . G   B 3 ? 0.1152 0.1263 0.1481 -0.0140 0.0284  -0.0045 10   G   B N9    
199 C  C8    . G   B 3 ? 0.1128 0.1370 0.1592 -0.0155 0.0312  -0.0132 10   G   B C8    
200 N  N7    . G   B 3 ? 0.1184 0.1116 0.1709 -0.0176 0.0521  -0.0007 10   G   B N7    
201 C  C5    . G   B 3 ? 0.1117 0.1277 0.1587 -0.0081 0.0390  -0.0055 10   G   B C5    
202 C  C6    . G   B 3 ? 0.1148 0.1569 0.1583 0.0028  0.0391  -0.0027 10   G   B C6    
203 O  O6    . G   B 3 ? 0.0985 0.1698 0.1950 -0.0056 0.0384  -0.0425 10   G   B O6    
204 N  N1    . G   B 3 ? 0.1162 0.1749 0.1639 0.0085  0.0350  -0.0058 10   G   B N1    
205 C  C2    . G   B 3 ? 0.1314 0.1790 0.1361 0.0046  0.0456  0.0096  10   G   B C2    
206 N  N2    . G   B 3 ? 0.1789 0.2423 0.1076 0.0608  0.0162  -0.0095 10   G   B N2    
207 N  N3    . G   B 3 ? 0.1149 0.1609 0.1339 -0.0091 0.0437  -0.0001 10   G   B N3    
208 C  C4    . G   B 3 ? 0.1041 0.1463 0.1479 -0.0080 0.0325  -0.0078 10   G   B C4    
209 P  P     . G   B 4 ? 0.1459 0.1545 0.2717 0.0196  0.0380  0.0517  11   G   B P     
210 O  OP1   . G   B 4 ? 0.1148 0.1509 0.2869 -0.0158 0.0319  0.0332  11   G   B OP1   
211 O  OP2   . G   B 4 ? 0.1703 0.1727 0.2182 0.0080  0.0275  0.0712  11   G   B OP2   
212 O  "O5'" . G   B 4 ? 0.1619 0.1824 0.2728 0.0232  0.0289  0.0416  11   G   B "O5'" 
213 C  "C5'" . G   B 4 ? 0.1502 0.1747 0.2949 0.0043  -0.0014 0.0298  11   G   B "C5'" 
214 C  "C4'" . G   B 4 ? 0.1225 0.1597 0.3094 -0.0125 -0.0351 0.0178  11   G   B "C4'" 
215 O  "O4'" . G   B 4 ? 0.1056 0.1535 0.3146 -0.0216 -0.0404 0.0207  11   G   B "O4'" 
216 C  "C3'" . G   B 4 ? 0.1171 0.1428 0.3208 -0.0264 -0.0459 0.0067  11   G   B "C3'" 
217 O  "O3'" . G   B 4 ? 0.1236 0.1410 0.3302 -0.0328 -0.0705 -0.0262 11   G   B "O3'" 
218 C  "C2'" . G   B 4 ? 0.1050 0.1422 0.3030 -0.0297 -0.0315 0.0265  11   G   B "C2'" 
219 O  "O2'" . G   B 4 ? 0.1032 0.1562 0.3576 -0.0719 -0.0183 0.0421  11   G   B "O2'" 
220 C  "C1'" . G   B 4 ? 0.0905 0.1532 0.2937 -0.0188 -0.0320 0.0262  11   G   B "C1'" 
221 N  N9    . G   B 4 ? 0.0497 0.1735 0.2632 -0.0023 -0.0199 0.0212  11   G   B N9    
222 C  C8    . G   B 4 ? 0.0345 0.1738 0.2481 0.0049  -0.0181 0.0226  11   G   B C8    
223 N  N7    . G   B 4 ? 0.0474 0.1924 0.2339 0.0173  -0.0150 0.0240  11   G   B N7    
224 C  C5    . G   B 4 ? 0.0604 0.1815 0.2282 0.0066  -0.0226 0.0228  11   G   B C5    
225 C  C6    . G   B 4 ? 0.0962 0.1887 0.1876 0.0202  -0.0067 0.0450  11   G   B C6    
226 O  O6    . G   B 4 ? 0.1790 0.1409 0.2029 0.0419  0.0215  0.0899  11   G   B O6    
227 N  N1    . G   B 4 ? 0.0868 0.1978 0.1620 0.0253  -0.0079 0.0545  11   G   B N1    
228 C  C2    . G   B 4 ? 0.0878 0.1786 0.1972 0.0109  0.0059  0.0410  11   G   B C2    
229 N  N2    . G   B 4 ? 0.0922 0.1763 0.1937 0.0118  -0.0076 0.0262  11   G   B N2    
230 N  N3    . G   B 4 ? 0.0620 0.2075 0.2373 0.0167  -0.0119 0.0065  11   G   B N3    
231 C  C4    . G   B 4 ? 0.0510 0.1907 0.2318 0.0073  -0.0165 0.0167  11   G   B C4    
232 P  P     . C   B 5 ? 0.1599 0.1249 0.2923 -0.0218 -0.0670 -0.0183 12   C   B P     
233 O  OP1   . C   B 5 ? 0.1756 0.1472 0.3478 0.0148  -0.1226 -0.0247 12   C   B OP1   
234 O  OP2   . C   B 5 ? 0.2001 0.1681 0.2848 -0.0293 -0.0217 -0.0861 12   C   B OP2   
235 O  "O5'" . C   B 5 ? 0.1281 0.1093 0.2352 -0.0360 -0.0438 -0.0138 12   C   B "O5'" 
236 C  "C5'" . C   B 5 ? 0.1188 0.0871 0.2079 -0.0489 -0.0184 0.0108  12   C   B "C5'" 
237 C  "C4'" . C   B 5 ? 0.1016 0.0935 0.1665 -0.0389 0.0039  0.0191  12   C   B "C4'" 
238 O  "O4'" . C   B 5 ? 0.0785 0.0864 0.1603 -0.0364 0.0010  0.0298  12   C   B "O4'" 
239 C  "C3'" . C   B 5 ? 0.0979 0.1039 0.1390 -0.0296 0.0100  0.0142  12   C   B "C3'" 
240 O  "O3'" . C   B 5 ? 0.1057 0.1103 0.1355 -0.0298 0.0243  0.0057  12   C   B "O3'" 
241 C  "C2'" . C   B 5 ? 0.0909 0.1027 0.0944 -0.0204 -0.0003 0.0274  12   C   B "C2'" 
242 O  "O2'" . C   B 5 ? 0.1186 0.1020 0.1257 0.0066  0.0371  0.0272  12   C   B "O2'" 
243 C  "C1'" . C   B 5 ? 0.0824 0.0914 0.1057 -0.0268 0.0041  0.0430  12   C   B "C1'" 
244 N  N1    . C   B 5 ? 0.0802 0.0763 0.1352 -0.0186 0.0123  0.0419  12   C   B N1    
245 C  C2    . C   B 5 ? 0.0826 0.0926 0.1211 0.0006  0.0344  0.0405  12   C   B C2    
246 O  O2    . C   B 5 ? 0.0887 0.1073 0.1210 -0.0011 0.0117  -0.0096 12   C   B O2    
247 N  N3    . C   B 5 ? 0.0824 0.1082 0.1021 0.0163  0.0466  0.0538  12   C   B N3    
248 C  C4    . C   B 5 ? 0.0855 0.0963 0.1157 -0.0002 0.0351  0.0580  12   C   B C4    
249 N  N4    . C   B 5 ? 0.1045 0.1189 0.1913 0.0228  -0.0222 0.0237  12   C   B N4    
250 C  C5    . C   B 5 ? 0.0979 0.0918 0.1342 0.0017  0.0235  0.0559  12   C   B C5    
251 C  C6    . C   B 5 ? 0.0937 0.0889 0.1018 -0.0067 0.0128  0.0643  12   C   B C6    
252 P  P     . U   B 6 ? 0.1172 0.1485 0.1518 -0.0160 0.0002  -0.0158 13   U   B P     
253 O  OP1   . U   B 6 ? 0.1120 0.1049 0.2865 0.0033  -0.0255 -0.0646 13   U   B OP1   
254 O  OP2   . U   B 6 ? 0.1325 0.1878 0.1436 -0.0153 0.0249  -0.0403 13   U   B OP2   
255 O  "O5'" . U   B 6 ? 0.1223 0.1354 0.1589 -0.0280 0.0151  0.0081  13   U   B "O5'" 
256 C  "C5'" . U   B 6 ? 0.1121 0.1626 0.1343 -0.0173 0.0135  -0.0018 13   U   B "C5'" 
257 C  "C4'" . U   B 6 ? 0.1098 0.1557 0.1759 -0.0150 0.0312  -0.0069 13   U   B "C4'" 
258 O  "O4'" . U   B 6 ? 0.1212 0.1490 0.1968 -0.0184 0.0542  -0.0053 13   U   B "O4'" 
259 C  "C3'" . U   B 6 ? 0.1063 0.1467 0.1851 -0.0138 0.0384  -0.0022 13   U   B "C3'" 
260 O  "O3'" . U   B 6 ? 0.1025 0.1475 0.1666 -0.0111 0.0149  0.0068  13   U   B "O3'" 
261 C  "C2'" . U   B 6 ? 0.1067 0.1649 0.2220 -0.0053 0.0510  -0.0149 13   U   B "C2'" 
262 O  "O2'" . U   B 6 ? 0.0666 0.2258 0.3100 0.0106  0.0856  -0.0709 13   U   B "O2'" 
263 C  "C1'" . U   B 6 ? 0.1242 0.1564 0.2099 -0.0078 0.0696  0.0067  13   U   B "C1'" 
264 N  N1    . U   B 6 ? 0.1426 0.1613 0.2093 0.0050  0.0929  0.0291  13   U   B N1    
265 C  C2    . U   B 6 ? 0.1697 0.1820 0.2252 0.0248  0.1097  0.0340  13   U   B C2    
266 O  O2    . U   B 6 ? 0.1854 0.1504 0.2925 0.0155  0.1726  0.0639  13   U   B O2    
267 N  N3    . U   B 6 ? 0.1830 0.1901 0.2426 0.0302  0.1083  0.0326  13   U   B N3    
268 C  C4    . U   B 6 ? 0.1857 0.1996 0.2374 0.0292  0.0969  0.0381  13   U   B C4    
269 O  O4    . U   B 6 ? 0.2242 0.1762 0.2626 0.0065  0.0736  0.0772  13   U   B O4    
270 C  C5    . U   B 6 ? 0.1799 0.1874 0.2162 0.0221  0.0923  0.0465  13   U   B C5    
271 C  C6    . U   B 6 ? 0.1613 0.1800 0.2244 0.0167  0.0834  0.0287  13   U   B C6    
272 P  P     . A   B 7 ? 0.1024 0.1720 0.1887 -0.0016 0.0036  -0.0001 14   A   B P     
273 O  OP1   . A   B 7 ? 0.1278 0.2341 0.2379 0.0449  -0.0172 -0.0154 14   A   B OP1   
274 O  OP2   . A   B 7 ? 0.1071 0.2087 0.2293 -0.0246 0.0377  -0.0426 14   A   B OP2   
275 O  "O5'" . A   B 7 ? 0.0906 0.1340 0.1753 -0.0040 0.0117  0.0103  14   A   B "O5'" 
276 C  "C5'" . A   B 7 ? 0.1018 0.1298 0.1489 0.0035  0.0178  0.0189  14   A   B "C5'" 
277 C  "C4'" . A   B 7 ? 0.1020 0.1443 0.0848 0.0029  0.0319  0.0356  14   A   B "C4'" 
278 O  "O4'" . A   B 7 ? 0.1059 0.1439 0.1031 0.0172  0.0256  0.0264  14   A   B "O4'" 
279 C  "C3'" . A   B 7 ? 0.1173 0.1545 0.0948 0.0004  0.0349  0.0308  14   A   B "C3'" 
280 O  "O3'" . A   B 7 ? 0.0933 0.1722 0.1730 -0.0260 0.0550  -0.0001 14   A   B "O3'" 
281 C  "C2'" . A   B 7 ? 0.1261 0.1468 0.1136 -0.0010 0.0309  0.0186  14   A   B "C2'" 
282 O  "O2'" . A   B 7 ? 0.1328 0.1472 0.1346 -0.0460 0.0379  -0.0403 14   A   B "O2'" 
283 C  "C1'" . A   B 7 ? 0.1109 0.1511 0.1272 0.0061  0.0211  0.0155  14   A   B "C1'" 
284 N  N9    . A   B 7 ? 0.0998 0.1484 0.1691 0.0052  0.0182  0.0030  14   A   B N9    
285 C  C8    . A   B 7 ? 0.1026 0.1408 0.1812 0.0033  0.0392  0.0093  14   A   B C8    
286 N  N7    . A   B 7 ? 0.0969 0.1421 0.1968 0.0012  0.0309  -0.0086 14   A   B N7    
287 C  C5    . A   B 7 ? 0.1078 0.1548 0.1795 0.0143  0.0266  -0.0079 14   A   B C5    
288 C  C6    . A   B 7 ? 0.1048 0.1598 0.2400 0.0207  0.0240  -0.0282 14   A   B C6    
289 N  N6    . A   B 7 ? 0.1150 0.2237 0.3136 0.0391  0.0409  -0.1081 14   A   B N6    
290 N  N1    . A   B 7 ? 0.1123 0.1527 0.2431 0.0207  0.0297  -0.0207 14   A   B N1    
291 C  C2    . A   B 7 ? 0.1175 0.1454 0.2205 0.0140  0.0288  -0.0035 14   A   B C2    
292 N  N3    . A   B 7 ? 0.1175 0.1491 0.2048 0.0088  0.0357  0.0021  14   A   B N3    
293 C  C4    . A   B 7 ? 0.1113 0.1392 0.1828 0.0046  0.0367  0.0094  14   A   B C4    
294 O  "O5'" . U   C 1 ? 0.1933 0.2302 0.2480 0.0203  -0.0652 0.0338  1    U   C "O5'" 
295 C  "C5'" . U   C 1 ? 0.1921 0.2354 0.2274 0.0313  -0.0381 0.0222  1    U   C "C5'" 
296 C  "C4'" . U   C 1 ? 0.1903 0.2400 0.2032 0.0385  -0.0317 0.0298  1    U   C "C4'" 
297 O  "O4'" . U   C 1 ? 0.1932 0.2285 0.1992 0.0354  -0.0259 0.0367  1    U   C "O4'" 
298 C  "C3'" . U   C 1 ? 0.1912 0.2453 0.2004 0.0443  -0.0276 0.0309  1    U   C "C3'" 
299 O  "O3'" . U   C 1 ? 0.2014 0.2609 0.1836 0.0611  -0.0250 0.0382  1    U   C "O3'" 
300 C  "C2'" . U   C 1 ? 0.1826 0.2322 0.2123 0.0387  -0.0302 0.0279  1    U   C "C2'" 
301 O  "O2'" . U   C 1 ? 0.1211 0.2125 0.1534 0.0496  -0.0371 0.0395  1    U   C "O2'" 
302 C  "C1'" . U   C 1 ? 0.1865 0.2234 0.2284 0.0345  -0.0290 0.0273  1    U   C "C1'" 
303 N  N1    . U   C 1 ? 0.1825 0.2168 0.2544 0.0334  -0.0344 0.0188  1    U   C N1    
304 C  C2    . U   C 1 ? 0.1707 0.2166 0.2661 0.0244  -0.0368 0.0078  1    U   C C2    
305 O  O2    . U   C 1 ? 0.1421 0.2515 0.3516 -0.0251 -0.0394 -0.0583 1    U   C O2    
306 N  N3    . U   C 1 ? 0.1681 0.1809 0.2792 0.0129  -0.0427 0.0143  1    U   C N3    
307 C  C4    . U   C 1 ? 0.1842 0.1943 0.2862 0.0235  -0.0307 0.0206  1    U   C C4    
308 O  O4    . U   C 1 ? 0.2316 0.1576 0.3698 0.0121  -0.0076 0.0135  1    U   C O4    
309 C  C5    . U   C 1 ? 0.1794 0.2093 0.2562 0.0364  -0.0395 0.0302  1    U   C C5    
310 C  C6    . U   C 1 ? 0.1765 0.2183 0.2489 0.0342  -0.0474 0.0256  1    U   C C6    
311 P  P     . A   C 2 ? 0.2084 0.2576 0.1798 0.0561  -0.0067 0.0423  2    A   C P     
312 O  OP1   . A   C 2 ? 0.1681 0.2471 0.2076 0.0477  0.0077  0.0490  2    A   C OP1   
313 O  OP2   . A   C 2 ? 0.2465 0.2566 0.1421 0.0732  -0.0310 -0.0055 2    A   C OP2   
314 O  "O5'" . A   C 2 ? 0.2077 0.2416 0.1467 0.0419  0.0058  0.0691  2    A   C "O5'" 
315 C  "C5'" . A   C 2 ? 0.2043 0.2489 0.1408 0.0407  0.0239  0.0751  2    A   C "C5'" 
316 C  "C4'" . A   C 2 ? 0.1966 0.2468 0.1655 0.0423  0.0366  0.0718  2    A   C "C4'" 
317 O  "O4'" . A   C 2 ? 0.1880 0.2440 0.1699 0.0445  0.0505  0.0829  2    A   C "O4'" 
318 C  "C3'" . A   C 2 ? 0.1858 0.2514 0.1547 0.0409  0.0309  0.0685  2    A   C "C3'" 
319 O  "O3'" . A   C 2 ? 0.1741 0.2658 0.1687 0.0314  0.0203  0.0483  2    A   C "O3'" 
320 C  "C2'" . A   C 2 ? 0.1858 0.2433 0.1907 0.0421  0.0306  0.0584  2    A   C "C2'" 
321 O  "O2'" . A   C 2 ? 0.2130 0.1963 0.2314 0.0546  0.0138  0.0290  2    A   C "O2'" 
322 C  "C1'" . A   C 2 ? 0.1838 0.2417 0.2033 0.0397  0.0363  0.0636  2    A   C "C1'" 
323 N  N9    . A   C 2 ? 0.1804 0.2418 0.2013 0.0348  0.0365  0.0688  2    A   C N9    
324 C  C8    . A   C 2 ? 0.1783 0.2540 0.1954 0.0380  0.0347  0.0606  2    A   C C8    
325 N  N7    . A   C 2 ? 0.1634 0.2779 0.1989 0.0491  0.0311  0.0487  2    A   C N7    
326 C  C5    . A   C 2 ? 0.1640 0.2531 0.2096 0.0405  0.0407  0.0520  2    A   C C5    
327 C  C6    . A   C 2 ? 0.1659 0.2388 0.2152 0.0424  0.0476  0.0447  2    A   C C6    
328 N  N6    . A   C 2 ? 0.1569 0.1852 0.2402 0.0405  0.0523  0.0547  2    A   C N6    
329 N  N1    . A   C 2 ? 0.1641 0.2565 0.2024 0.0435  0.0490  0.0330  2    A   C N1    
330 C  C2    . A   C 2 ? 0.1720 0.2541 0.2053 0.0396  0.0629  0.0377  2    A   C C2    
331 N  N3    . A   C 2 ? 0.1684 0.2448 0.2011 0.0365  0.0552  0.0484  2    A   C N3    
332 C  C4    . A   C 2 ? 0.1705 0.2497 0.2029 0.0361  0.0403  0.0566  2    A   C C4    
333 P  P     . G   C 3 ? 0.1704 0.3093 0.1632 0.0413  0.0391  0.0297  3    G   C P     
334 O  OP1   . G   C 3 ? 0.1346 0.3491 0.1499 -0.0025 0.0311  0.0482  3    G   C OP1   
335 O  OP2   . G   C 3 ? 0.1966 0.2833 0.1592 0.0113  0.0259  -0.0535 3    G   C OP2   
336 O  "O5'" . G   C 3 ? 0.1750 0.2384 0.1200 0.0142  0.0401  0.0671  3    G   C "O5'" 
337 C  "C5'" . G   C 3 ? 0.1841 0.2039 0.1282 0.0077  0.0492  0.0587  3    G   C "C5'" 
338 C  "C4'" . G   C 3 ? 0.1956 0.1620 0.1475 0.0027  0.0526  0.0510  3    G   C "C4'" 
339 O  "O4'" . G   C 3 ? 0.1999 0.1416 0.1545 -0.0050 0.0526  0.0455  3    G   C "O4'" 
340 C  "C3'" . G   C 3 ? 0.2012 0.1616 0.1553 0.0063  0.0413  0.0271  3    G   C "C3'" 
341 O  "O3'" . G   C 3 ? 0.2016 0.1791 0.1734 0.0114  0.0450  -0.0041 3    G   C "O3'" 
342 C  "C2'" . G   C 3 ? 0.2004 0.1625 0.1544 0.0045  0.0310  0.0306  3    G   C "C2'" 
343 O  "O2'" . G   C 3 ? 0.2408 0.2385 0.1547 0.0376  0.0164  0.0338  3    G   C "O2'" 
344 C  "C1'" . G   C 3 ? 0.1950 0.1636 0.1566 0.0008  0.0297  0.0288  3    G   C "C1'" 
345 N  N9    . G   C 3 ? 0.1999 0.1624 0.1425 -0.0045 0.0211  0.0340  3    G   C N9    
346 C  C8    . G   C 3 ? 0.1986 0.1622 0.1417 -0.0052 0.0197  0.0314  3    G   C C8    
347 N  N7    . G   C 3 ? 0.1998 0.1784 0.1230 0.0002  0.0110  0.0342  3    G   C N7    
348 C  C5    . G   C 3 ? 0.1980 0.1754 0.1206 -0.0038 0.0116  0.0405  3    G   C C5    
349 C  C6    . G   C 3 ? 0.2018 0.1809 0.1180 -0.0046 0.0060  0.0463  3    G   C C6    
350 O  O6    . G   C 3 ? 0.1989 0.1688 0.1464 -0.0036 -0.0143 0.0592  3    G   C O6    
351 N  N1    . G   C 3 ? 0.2038 0.2048 0.1094 -0.0036 0.0037  0.0367  3    G   C N1    
352 C  C2    . G   C 3 ? 0.2193 0.1953 0.1109 -0.0061 0.0183  0.0538  3    G   C C2    
353 N  N2    . G   C 3 ? 0.2280 0.2162 0.1044 -0.0074 0.0205  0.0791  3    G   C N2    
354 N  N3    . G   C 3 ? 0.2083 0.1652 0.1122 -0.0186 0.0218  0.0532  3    G   C N3    
355 C  C4    . G   C 3 ? 0.1981 0.1692 0.1189 -0.0094 0.0158  0.0400  3    G   C C4    
356 P  P     . C   C 4 ? 0.2127 0.1818 0.1818 0.0171  0.0357  -0.0058 4    C   C P     
357 O  OP1   . C   C 4 ? 0.2314 0.1804 0.2131 0.0341  0.0186  -0.0252 4    C   C OP1   
358 O  OP2   . C   C 4 ? 0.1763 0.2094 0.1700 0.0120  -0.0155 -0.0499 4    C   C OP2   
359 O  "O5'" . C   C 4 ? 0.2080 0.2015 0.1498 0.0242  0.0319  0.0198  4    C   C "O5'" 
360 C  "C5'" . C   C 4 ? 0.1977 0.1796 0.1754 0.0095  0.0180  0.0262  4    C   C "C5'" 
361 C  "C4'" . C   C 4 ? 0.1911 0.1537 0.2155 -0.0048 0.0057  0.0278  4    C   C "C4'" 
362 O  "O4'" . C   C 4 ? 0.1848 0.1478 0.1937 -0.0023 -0.0089 0.0444  4    C   C "O4'" 
363 C  "C3'" . C   C 4 ? 0.1723 0.1634 0.2337 -0.0065 -0.0134 0.0132  4    C   C "C3'" 
364 O  "O3'" . C   C 4 ? 0.1326 0.1639 0.2802 -0.0166 -0.0333 0.0041  4    C   C "O3'" 
365 C  "C2'" . C   C 4 ? 0.1849 0.1619 0.2038 -0.0002 -0.0090 0.0209  4    C   C "C2'" 
366 O  "O2'" . C   C 4 ? 0.2711 0.2004 0.1835 0.0099  0.0445  0.0307  4    C   C "O2'" 
367 C  "C1'" . C   C 4 ? 0.1750 0.1586 0.1773 0.0120  -0.0205 0.0258  4    C   C "C1'" 
368 N  N1    . C   C 4 ? 0.1583 0.1610 0.1752 0.0321  -0.0213 0.0049  4    C   C N1    
369 C  C2    . C   C 4 ? 0.1657 0.1382 0.1881 0.0238  -0.0087 0.0069  4    C   C C2    
370 O  O2    . C   C 4 ? 0.2004 0.1212 0.2410 0.0327  -0.0012 0.0407  4    C   C O2    
371 N  N3    . C   C 4 ? 0.1534 0.1463 0.1855 0.0207  -0.0149 -0.0019 4    C   C N3    
372 C  C4    . C   C 4 ? 0.1487 0.1816 0.1508 0.0406  -0.0189 -0.0012 4    C   C C4    
373 N  N4    . C   C 4 ? 0.1423 0.1923 0.1892 0.0975  -0.0395 0.0180  4    C   C N4    
374 C  C5    . C   C 4 ? 0.1415 0.1942 0.1399 0.0412  -0.0183 -0.0068 4    C   C C5    
375 C  C6    . C   C 4 ? 0.1447 0.1844 0.1458 0.0389  -0.0218 0.0039  4    C   C C6    
376 P  P     . C   C 5 ? 0.1097 0.1514 0.3092 -0.0280 -0.0306 0.0239  5    C   C P     
377 O  OP1   . C   C 5 ? 0.1481 0.1837 0.3913 -0.0285 -0.0716 0.0329  5    C   C OP1   
378 O  OP2   . C   C 5 ? 0.1435 0.1911 0.2708 0.0061  0.0038  0.0612  5    C   C OP2   
379 O  "O5'" . C   C 5 ? 0.1248 0.1242 0.2356 -0.0419 -0.0268 0.0437  5    C   C "O5'" 
380 C  "C5'" . C   C 5 ? 0.1194 0.1290 0.2001 -0.0387 -0.0346 0.0331  5    C   C "C5'" 
381 C  "C4'" . C   C 5 ? 0.1063 0.1184 0.1572 -0.0372 -0.0322 0.0314  5    C   C "C4'" 
382 O  "O4'" . C   C 5 ? 0.0972 0.1580 0.1424 -0.0206 -0.0581 0.0082  5    C   C "O4'" 
383 C  "C3'" . C   C 5 ? 0.1107 0.1125 0.1416 -0.0319 -0.0126 0.0296  5    C   C "C3'" 
384 O  "O3'" . C   C 5 ? 0.1313 0.1332 0.1375 -0.0124 0.0023  0.0197  5    C   C "O3'" 
385 C  "C2'" . C   C 5 ? 0.1018 0.1058 0.1443 -0.0417 -0.0278 0.0176  5    C   C "C2'" 
386 O  "O2'" . C   C 5 ? 0.0985 0.0968 0.1438 -0.0737 0.0199  -0.0197 5    C   C "O2'" 
387 C  "C1'" . C   C 5 ? 0.0969 0.1288 0.1350 -0.0334 -0.0480 0.0116  5    C   C "C1'" 
388 N  N1    . C   C 5 ? 0.0937 0.1159 0.1536 -0.0350 -0.0465 -0.0041 5    C   C N1    
389 C  C2    . C   C 5 ? 0.0992 0.1247 0.1172 -0.0263 -0.0433 -0.0112 5    C   C C2    
390 O  O2    . C   C 5 ? 0.1075 0.1375 0.1040 -0.0545 -0.0197 -0.0585 5    C   C O2    
391 N  N3    . C   C 5 ? 0.1018 0.1161 0.1362 -0.0292 -0.0314 -0.0141 5    C   C N3    
392 C  C4    . C   C 5 ? 0.0892 0.1317 0.1345 -0.0382 -0.0446 -0.0152 5    C   C C4    
393 N  N4    . C   C 5 ? 0.0906 0.1636 0.0563 -0.0681 -0.0551 0.0269  5    C   C N4    
394 C  C5    . C   C 5 ? 0.0789 0.1352 0.1447 -0.0325 -0.0583 -0.0168 5    C   C C5    
395 C  C6    . C   C 5 ? 0.0811 0.1118 0.1681 -0.0398 -0.0452 -0.0087 5    C   C C6    
396 P  P     . C   C 6 ? 0.1674 0.1553 0.1225 0.0153  0.0089  0.0089  6    C   C P     
397 O  OP1   . C   C 6 ? 0.1626 0.1164 0.1452 0.0091  -0.0150 -0.0143 6    C   C OP1   
398 O  OP2   . C   C 6 ? 0.1707 0.1884 0.2007 0.0431  0.0312  0.0153  6    C   C OP2   
399 O  "O5'" . C   C 6 ? 0.1761 0.1360 0.1071 0.0094  0.0045  -0.0092 6    C   C "O5'" 
400 C  "C5'" . C   C 6 ? 0.1863 0.1190 0.1075 0.0085  0.0010  -0.0199 6    C   C "C5'" 
401 C  "C4'" . C   C 6 ? 0.1906 0.1314 0.1326 0.0274  -0.0153 -0.0477 6    C   C "C4'" 
402 O  "O4'" . C   C 6 ? 0.1920 0.1427 0.1304 0.0298  -0.0318 -0.0669 6    C   C "O4'" 
403 C  "C3'" . C   C 6 ? 0.1902 0.1347 0.1543 0.0342  -0.0373 -0.0690 6    C   C "C3'" 
404 O  "O3'" . C   C 6 ? 0.1977 0.1288 0.1921 0.0357  -0.0383 -0.0775 6    C   C "O3'" 
405 C  "C2'" . C   C 6 ? 0.2014 0.1465 0.1775 0.0332  -0.0295 -0.0895 6    C   C "C2'" 
406 O  "O2'" . C   C 6 ? 0.2016 0.1919 0.2363 -0.0061 -0.0111 -0.1153 6    C   C "O2'" 
407 C  "C1'" . C   C 6 ? 0.2098 0.1513 0.1375 0.0447  -0.0292 -0.0748 6    C   C "C1'" 
408 N  N1    . C   C 6 ? 0.2238 0.1600 0.1102 0.0619  -0.0395 -0.0847 6    C   C N1    
409 C  C2    . C   C 6 ? 0.2273 0.1750 0.1309 0.0769  -0.0432 -0.0859 6    C   C C2    
410 O  O2    . C   C 6 ? 0.2459 0.2620 0.1236 0.1050  -0.0471 -0.0748 6    C   C O2    
411 N  N3    . C   C 6 ? 0.2440 0.1627 0.1031 0.0805  -0.0328 -0.0720 6    C   C N3    
412 C  C4    . C   C 6 ? 0.2469 0.1575 0.1013 0.0734  -0.0333 -0.0757 6    C   C C4    
413 N  N4    . C   C 6 ? 0.2932 0.1551 0.1885 0.0651  -0.0286 -0.0938 6    C   C N4    
414 C  C5    . C   C 6 ? 0.2437 0.1569 0.1044 0.0659  -0.0343 -0.0823 6    C   C C5    
415 C  C6    . C   C 6 ? 0.2299 0.1495 0.1083 0.0595  -0.0382 -0.0897 6    C   C C6    
416 P  P     . C   C 7 ? 0.1901 0.1337 0.2023 0.0476  -0.0368 -0.0717 7    C   C P     
417 O  OP1   . C   C 7 ? 0.2305 0.1967 0.2147 0.0825  -0.0609 -0.0644 7    C   C OP1   
418 O  OP2   . C   C 7 ? 0.1385 0.1875 0.2770 0.0426  -0.0205 -0.1145 7    C   C OP2   
419 O  "O5'" . C   C 7 ? 0.1720 0.1033 0.1324 0.0364  -0.0196 -0.0380 7    C   C "O5'" 
420 C  "C5'" . C   C 7 ? 0.1565 0.0914 0.1389 0.0274  -0.0189 -0.0353 7    C   C "C5'" 
421 C  "C4'" . C   C 7 ? 0.1524 0.0941 0.1224 0.0133  0.0037  -0.0196 7    C   C "C4'" 
422 O  "O4'" . C   C 7 ? 0.1234 0.1114 0.1160 0.0163  0.0123  -0.0130 7    C   C "O4'" 
423 C  "C3'" . C   C 7 ? 0.1529 0.1096 0.1339 0.0130  0.0110  -0.0194 7    C   C "C3'" 
424 O  "O3'" . C   C 7 ? 0.1969 0.1218 0.1706 -0.0068 0.0127  -0.0143 7    C   C "O3'" 
425 C  "C2'" . C   C 7 ? 0.1399 0.1138 0.1157 0.0075  0.0042  -0.0168 7    C   C "C2'" 
426 O  "O2'" . C   C 7 ? 0.1339 0.0959 0.1071 -0.0350 0.0078  0.0015  7    C   C "O2'" 
427 C  "C1'" . C   C 7 ? 0.1228 0.1158 0.1109 0.0020  -0.0028 -0.0197 7    C   C "C1'" 
428 N  N1    . C   C 7 ? 0.1339 0.1056 0.0891 -0.0119 0.0020  -0.0152 7    C   C N1    
429 C  C2    . C   C 7 ? 0.1327 0.1179 0.1230 -0.0075 -0.0006 -0.0319 7    C   C C2    
430 O  O2    . C   C 7 ? 0.1300 0.1453 0.1177 0.0015  -0.0015 -0.0509 7    C   C O2    
431 N  N3    . C   C 7 ? 0.1377 0.1225 0.1641 -0.0114 0.0052  -0.0425 7    C   C N3    
432 C  C4    . C   C 7 ? 0.1348 0.1139 0.1514 -0.0258 0.0057  -0.0398 7    C   C C4    
433 N  N4    . C   C 7 ? 0.1832 0.1270 0.1667 -0.0354 0.0431  -0.0378 7    C   C N4    
434 C  C5    . C   C 7 ? 0.1246 0.1142 0.1086 -0.0263 0.0054  -0.0220 7    C   C C5    
435 C  C6    . C   C 7 ? 0.1335 0.1275 0.1007 -0.0135 -0.0019 -0.0232 7    C   C C6    
436 O  "O5'" . G   D 1 ? 0.1806 0.2621 0.2918 0.0401  -0.0342 -0.0182 8    G   D "O5'" 
437 C  "C5'" . G   D 1 ? 0.1721 0.2316 0.2012 0.0266  -0.0046 -0.0088 8    G   D "C5'" 
438 C  "C4'" . G   D 1 ? 0.1625 0.2239 0.1621 0.0252  0.0054  0.0078  8    G   D "C4'" 
439 O  "O4'" . G   D 1 ? 0.1412 0.2239 0.1439 0.0154  0.0173  0.0247  8    G   D "O4'" 
440 C  "C3'" . G   D 1 ? 0.1654 0.2265 0.1739 0.0349  0.0129  -0.0110 8    G   D "C3'" 
441 O  "O3'" . G   D 1 ? 0.1837 0.2247 0.2100 0.0505  0.0155  -0.0466 8    G   D "O3'" 
442 C  "C2'" . G   D 1 ? 0.1511 0.2154 0.1660 0.0245  0.0172  0.0029  8    G   D "C2'" 
443 O  "O2'" . G   D 1 ? 0.1351 0.2674 0.2020 0.0615  -0.0220 -0.0386 8    G   D "O2'" 
444 C  "C1'" . G   D 1 ? 0.1491 0.2001 0.1489 0.0118  0.0245  0.0291  8    G   D "C1'" 
445 N  N9    . G   D 1 ? 0.1483 0.1933 0.1450 0.0122  0.0259  0.0376  8    G   D N9    
446 C  C8    . G   D 1 ? 0.1431 0.2203 0.1384 0.0213  0.0316  0.0299  8    G   D C8    
447 N  N7    . G   D 1 ? 0.1340 0.2310 0.1468 0.0307  0.0149  0.0233  8    G   D N7    
448 C  C5    . G   D 1 ? 0.1258 0.1981 0.1244 0.0135  0.0424  0.0346  8    G   D C5    
449 C  C6    . G   D 1 ? 0.1129 0.2030 0.1986 0.0070  0.0384  -0.0065 8    G   D C6    
450 O  O6    . G   D 1 ? 0.1130 0.2748 0.2368 0.0174  0.0176  -0.0535 8    G   D O6    
451 N  N1    . G   D 1 ? 0.1111 0.1906 0.1990 -0.0065 0.0308  0.0018  8    G   D N1    
452 C  C2    . G   D 1 ? 0.1321 0.1720 0.1764 -0.0156 0.0399  0.0199  8    G   D C2    
453 N  N2    . G   D 1 ? 0.1609 0.1094 0.2380 -0.0161 0.0226  -0.0134 8    G   D N2    
454 N  N3    . G   D 1 ? 0.1315 0.1799 0.1463 -0.0055 0.0445  0.0407  8    G   D N3    
455 C  C4    . G   D 1 ? 0.1433 0.1795 0.1406 0.0052  0.0509  0.0408  8    G   D C4    
456 P  P     . G   D 2 ? 0.1823 0.2221 0.2598 0.0525  -0.0104 -0.0858 9    G   D P     
457 O  OP1   . G   D 2 ? 0.2061 0.2898 0.2731 0.0769  -0.0187 -0.0945 9    G   D OP1   
458 O  OP2   . G   D 2 ? 0.2151 0.2124 0.2653 0.1009  -0.0316 -0.1750 9    G   D OP2   
459 O  "O5'" . G   D 2 ? 0.1862 0.2318 0.1924 0.0444  -0.0145 -0.0639 9    G   D "O5'" 
460 C  "C5'" . G   D 2 ? 0.1881 0.2363 0.1570 0.0498  -0.0181 -0.0462 9    G   D "C5'" 
461 C  "C4'" . G   D 2 ? 0.1832 0.2381 0.1315 0.0549  -0.0068 -0.0364 9    G   D "C4'" 
462 O  "O4'" . G   D 2 ? 0.1647 0.2445 0.1246 0.0566  -0.0235 -0.0439 9    G   D "O4'" 
463 C  "C3'" . G   D 2 ? 0.1808 0.2451 0.1150 0.0623  0.0032  -0.0240 9    G   D "C3'" 
464 O  "O3'" . G   D 2 ? 0.1819 0.2477 0.1655 0.0708  0.0121  -0.0261 9    G   D "O3'" 
465 C  "C2'" . G   D 2 ? 0.1756 0.2399 0.0965 0.0642  -0.0061 -0.0251 9    G   D "C2'" 
466 O  "O2'" . G   D 2 ? 0.2191 0.1895 0.1729 0.0503  0.0255  0.0133  9    G   D "O2'" 
467 C  "C1'" . G   D 2 ? 0.1734 0.2444 0.0939 0.0690  -0.0141 -0.0295 9    G   D "C1'" 
468 N  N9    . G   D 2 ? 0.1710 0.2390 0.0955 0.0831  -0.0065 -0.0318 9    G   D N9    
469 C  C8    . G   D 2 ? 0.1682 0.2407 0.1100 0.0893  -0.0083 -0.0316 9    G   D C8    
470 N  N7    . G   D 2 ? 0.1763 0.2530 0.0957 0.0907  -0.0052 -0.0406 9    G   D N7    
471 C  C5    . G   D 2 ? 0.1703 0.2649 0.0775 0.1039  -0.0105 -0.0450 9    G   D C5    
472 C  C6    . G   D 2 ? 0.1869 0.2732 0.0798 0.1074  -0.0019 -0.0469 9    G   D C6    
473 O  O6    . G   D 2 ? 0.1772 0.3210 0.1639 0.0894  -0.0280 -0.1075 9    G   D O6    
474 N  N1    . G   D 2 ? 0.1822 0.2791 0.0681 0.1171  -0.0281 -0.0458 9    G   D N1    
475 C  C2    . G   D 2 ? 0.1955 0.2712 0.0776 0.1226  -0.0159 -0.0339 9    G   D C2    
476 N  N2    . G   D 2 ? 0.2219 0.3095 0.0488 0.1645  -0.0706 -0.0111 9    G   D N2    
477 N  N3    . G   D 2 ? 0.2032 0.2659 0.0642 0.1160  -0.0006 -0.0243 9    G   D N3    
478 C  C4    . G   D 2 ? 0.1864 0.2456 0.0807 0.0999  0.0040  -0.0299 9    G   D C4    
479 P  P     . G   D 3 ? 0.1683 0.2509 0.1896 0.0705  0.0083  -0.0226 10   G   D P     
480 O  OP1   . G   D 3 ? 0.1647 0.3044 0.2025 0.1000  0.0190  -0.0123 10   G   D OP1   
481 O  OP2   . G   D 3 ? 0.1750 0.2000 0.2661 0.0697  0.0473  -0.0160 10   G   D OP2   
482 O  "O5'" . G   D 3 ? 0.1614 0.1905 0.1567 0.0438  0.0164  -0.0079 10   G   D "O5'" 
483 C  "C5'" . G   D 3 ? 0.1478 0.1570 0.1622 0.0272  0.0124  -0.0355 10   G   D "C5'" 
484 C  "C4'" . G   D 3 ? 0.1327 0.1406 0.1088 0.0173  0.0154  -0.0325 10   G   D "C4'" 
485 O  "O4'" . G   D 3 ? 0.1274 0.1176 0.1089 0.0084  0.0187  -0.0480 10   G   D "O4'" 
486 C  "C3'" . G   D 3 ? 0.1331 0.1367 0.1160 0.0138  0.0152  -0.0312 10   G   D "C3'" 
487 O  "O3'" . G   D 3 ? 0.1534 0.1592 0.1713 0.0226  0.0264  -0.0355 10   G   D "O3'" 
488 C  "C2'" . G   D 3 ? 0.1155 0.1268 0.1111 0.0065  0.0110  -0.0397 10   G   D "C2'" 
489 O  "O2'" . G   D 3 ? 0.1043 0.1264 0.1301 0.0063  0.0295  -0.0371 10   G   D "O2'" 
490 C  "C1'" . G   D 3 ? 0.1183 0.1247 0.1002 0.0021  0.0152  -0.0408 10   G   D "C1'" 
491 N  N9    . G   D 3 ? 0.1062 0.1212 0.0902 0.0030  0.0268  -0.0406 10   G   D N9    
492 C  C8    . G   D 3 ? 0.0989 0.0958 0.0957 0.0060  0.0350  -0.0461 10   G   D C8    
493 N  N7    . G   D 3 ? 0.1062 0.1152 0.0893 0.0185  0.0280  -0.0472 10   G   D N7    
494 C  C5    . G   D 3 ? 0.1123 0.1193 0.1027 0.0096  0.0341  -0.0434 10   G   D C5    
495 C  C6    . G   D 3 ? 0.1182 0.1203 0.0756 -0.0021 0.0343  -0.0324 10   G   D C6    
496 O  O6    . G   D 3 ? 0.1392 0.1684 0.0825 -0.0297 0.0344  -0.0152 10   G   D O6    
497 N  N1    . G   D 3 ? 0.1119 0.1268 0.0751 0.0049  0.0316  -0.0382 10   G   D N1    
498 C  C2    . G   D 3 ? 0.0971 0.1327 0.1001 0.0110  0.0041  -0.0470 10   G   D C2    
499 N  N2    . G   D 3 ? 0.0703 0.1643 0.0858 0.0052  -0.0713 0.0025  10   G   D N2    
500 N  N3    . G   D 3 ? 0.0808 0.1233 0.0923 0.0081  -0.0039 -0.0493 10   G   D N3    
501 C  C4    . G   D 3 ? 0.1003 0.1160 0.1040 0.0002  0.0281  -0.0387 10   G   D C4    
502 P  P     . G   D 4 ? 0.1571 0.1799 0.2151 0.0272  0.0599  -0.0292 11   G   D P     
503 O  OP1   . G   D 4 ? 0.0488 0.2237 0.2955 0.0260  0.0228  -0.0802 11   G   D OP1   
504 O  OP2   . G   D 4 ? 0.2247 0.1107 0.2690 0.0505  0.0696  0.0362  11   G   D OP2   
505 O  "O5'" . G   D 4 ? 0.1653 0.1696 0.1533 0.0074  0.0566  -0.0116 11   G   D "O5'" 
506 C  "C5'" . G   D 4 ? 0.1660 0.1516 0.1460 -0.0115 0.0537  -0.0022 11   G   D "C5'" 
507 C  "C4'" . G   D 4 ? 0.1691 0.1653 0.1612 -0.0200 0.0546  -0.0183 11   G   D "C4'" 
508 O  "O4'" . G   D 4 ? 0.1539 0.1792 0.1825 -0.0159 0.0366  -0.0352 11   G   D "O4'" 
509 C  "C3'" . G   D 4 ? 0.1709 0.1854 0.1593 -0.0199 0.0530  -0.0267 11   G   D "C3'" 
510 O  "O3'" . G   D 4 ? 0.1730 0.1860 0.1927 -0.0295 0.0618  -0.0353 11   G   D "O3'" 
511 C  "C2'" . G   D 4 ? 0.1826 0.1941 0.1523 -0.0102 0.0438  -0.0293 11   G   D "C2'" 
512 O  "O2'" . G   D 4 ? 0.2148 0.2672 0.1518 0.0076  -0.0771 -0.0746 11   G   D "O2'" 
513 C  "C1'" . G   D 4 ? 0.1697 0.1718 0.1806 -0.0133 0.0530  -0.0333 11   G   D "C1'" 
514 N  N9    . G   D 4 ? 0.1711 0.1575 0.1380 -0.0077 0.0799  -0.0132 11   G   D N9    
515 C  C8    . G   D 4 ? 0.1730 0.1557 0.1337 -0.0051 0.0797  -0.0165 11   G   D C8    
516 N  N7    . G   D 4 ? 0.1816 0.1438 0.1499 -0.0022 0.0680  -0.0232 11   G   D N7    
517 C  C5    . G   D 4 ? 0.1799 0.1432 0.1617 -0.0109 0.0723  -0.0159 11   G   D C5    
518 C  C6    . G   D 4 ? 0.1875 0.1624 0.1499 -0.0066 0.0737  0.0036  11   G   D C6    
519 O  O6    . G   D 4 ? 0.1953 0.1654 0.2482 -0.0259 0.0734  0.0252  11   G   D O6    
520 N  N1    . G   D 4 ? 0.1937 0.1557 0.1206 -0.0052 0.0820  0.0157  11   G   D N1    
521 C  C2    . G   D 4 ? 0.1779 0.1644 0.1599 -0.0092 0.0787  -0.0003 11   G   D C2    
522 N  N2    . G   D 4 ? 0.1085 0.1608 0.1689 -0.0266 0.0435  -0.0316 11   G   D N2    
523 N  N3    . G   D 4 ? 0.1743 0.1743 0.1557 -0.0107 0.0849  -0.0016 11   G   D N3    
524 C  C4    . G   D 4 ? 0.1706 0.1650 0.1434 -0.0065 0.0751  -0.0145 11   G   D C4    
525 P  P     . C   D 5 ? 0.1611 0.1970 0.1684 -0.0229 0.0578  -0.0259 12   C   D P     
526 O  OP1   . C   D 5 ? 0.1665 0.2013 0.2074 -0.0551 0.0525  -0.0138 12   C   D OP1   
527 O  OP2   . C   D 5 ? 0.1433 0.2436 0.2040 0.0594  0.0426  -0.0253 12   C   D OP2   
528 O  "O5'" . C   D 5 ? 0.1456 0.1385 0.1338 -0.0461 0.0502  0.0035  12   C   D "O5'" 
529 C  "C5'" . C   D 5 ? 0.1509 0.1482 0.1374 -0.0226 0.0351  -0.0021 12   C   D "C5'" 
530 C  "C4'" . C   D 5 ? 0.1630 0.1446 0.1238 -0.0055 0.0398  0.0114  12   C   D "C4'" 
531 O  "O4'" . C   D 5 ? 0.1723 0.1435 0.1417 0.0003  0.0386  0.0204  12   C   D "O4'" 
532 C  "C3'" . C   D 5 ? 0.1634 0.1602 0.1250 0.0065  0.0377  0.0029  12   C   D "C3'" 
533 O  "O3'" . C   D 5 ? 0.1539 0.1450 0.1554 -0.0026 0.0384  -0.0109 12   C   D "O3'" 
534 C  "C2'" . C   D 5 ? 0.1726 0.1854 0.1131 0.0210  0.0359  0.0173  12   C   D "C2'" 
535 O  "O2'" . C   D 5 ? 0.1987 0.1967 0.0845 0.0565  0.0376  0.0790  12   C   D "O2'" 
536 C  "C1'" . C   D 5 ? 0.1727 0.1808 0.1430 0.0185  0.0340  0.0143  12   C   D "C1'" 
537 N  N1    . C   D 5 ? 0.1744 0.1871 0.1233 0.0209  0.0328  0.0273  12   C   D N1    
538 C  C2    . C   D 5 ? 0.1757 0.1761 0.1281 0.0162  0.0276  0.0364  12   C   D C2    
539 O  O2    . C   D 5 ? 0.1724 0.1676 0.1467 -0.0118 -0.0046 0.0176  12   C   D O2    
540 N  N3    . C   D 5 ? 0.1793 0.1739 0.1554 0.0190  0.0325  0.0320  12   C   D N3    
541 C  C4    . C   D 5 ? 0.1825 0.1783 0.1506 0.0238  0.0332  0.0286  12   C   D C4    
542 N  N4    . C   D 5 ? 0.2027 0.1820 0.2159 0.0375  0.0035  0.0265  12   C   D N4    
543 C  C5    . C   D 5 ? 0.1780 0.1835 0.1682 0.0230  0.0332  0.0174  12   C   D C5    
544 C  C6    . C   D 5 ? 0.1717 0.1945 0.1501 0.0213  0.0307  0.0159  12   C   D C6    
545 P  P     . U   D 6 ? 0.1460 0.1498 0.1458 0.0008  0.0406  -0.0170 13   U   D P     
546 O  OP1   . U   D 6 ? 0.1964 0.1428 0.1814 0.0062  0.0648  -0.0406 13   U   D OP1   
547 O  OP2   . U   D 6 ? 0.1639 0.1638 0.1100 0.0163  0.0503  0.0133  13   U   D OP2   
548 O  "O5'" . U   D 6 ? 0.1466 0.1152 0.1731 -0.0228 0.0493  -0.0223 13   U   D "O5'" 
549 C  "C5'" . U   D 6 ? 0.1443 0.1207 0.1535 -0.0367 0.0560  -0.0059 13   U   D "C5'" 
550 C  "C4'" . U   D 6 ? 0.1486 0.1131 0.1620 -0.0445 0.0498  -0.0045 13   U   D "C4'" 
551 O  "O4'" . U   D 6 ? 0.1497 0.0975 0.1594 -0.0570 0.0661  0.0073  13   U   D "O4'" 
552 C  "C3'" . U   D 6 ? 0.1725 0.1202 0.1675 -0.0360 0.0538  -0.0083 13   U   D "C3'" 
553 O  "O3'" . U   D 6 ? 0.2066 0.1222 0.1927 -0.0166 0.0624  -0.0034 13   U   D "O3'" 
554 C  "C2'" . U   D 6 ? 0.1667 0.1185 0.1679 -0.0410 0.0535  -0.0162 13   U   D "C2'" 
555 O  "O2'" . U   D 6 ? 0.1511 0.1378 0.2476 -0.0075 0.0442  -0.0430 13   U   D "O2'" 
556 C  "C1'" . U   D 6 ? 0.1687 0.1102 0.1758 -0.0477 0.0616  -0.0108 13   U   D "C1'" 
557 N  N1    . U   D 6 ? 0.1788 0.1104 0.1784 -0.0490 0.0710  -0.0192 13   U   D N1    
558 C  C2    . U   D 6 ? 0.1823 0.1015 0.1912 -0.0579 0.0642  -0.0231 13   U   D C2    
559 O  O2    . U   D 6 ? 0.1873 0.1498 0.2389 -0.0459 -0.0270 -0.0767 13   U   D O2    
560 N  N3    . U   D 6 ? 0.1828 0.0994 0.1938 -0.0575 0.0622  -0.0321 13   U   D N3    
561 C  C4    . U   D 6 ? 0.1870 0.1187 0.1885 -0.0427 0.0734  -0.0282 13   U   D C4    
562 O  O4    . U   D 6 ? 0.2213 0.1260 0.2046 0.0245  0.0882  -0.0253 13   U   D O4    
563 C  C5    . U   D 6 ? 0.1805 0.1134 0.1921 -0.0541 0.0705  -0.0258 13   U   D C5    
564 C  C6    . U   D 6 ? 0.1825 0.0987 0.1746 -0.0580 0.0839  -0.0173 13   U   D C6    
565 P  P     . A   D 7 ? 0.2414 0.1354 0.2259 -0.0091 0.0579  -0.0074 14   A   D P     
566 O  OP1   . A   D 7 ? 0.2746 0.1635 0.2481 0.0010  0.0885  -0.0575 14   A   D OP1   
567 O  OP2   . A   D 7 ? 0.2482 0.1517 0.2410 -0.0039 0.0172  0.0056  14   A   D OP2   
568 O  "O5'" . A   D 7 ? 0.2414 0.1361 0.2419 -0.0221 0.0432  -0.0091 14   A   D "O5'" 
569 C  "C5'" . A   D 7 ? 0.2378 0.1474 0.2523 -0.0219 0.0311  -0.0097 14   A   D "C5'" 
570 C  "C4'" . A   D 7 ? 0.2384 0.1504 0.2338 -0.0215 0.0215  0.0031  14   A   D "C4'" 
571 O  "O4'" . A   D 7 ? 0.2247 0.1482 0.2277 -0.0292 0.0033  0.0111  14   A   D "O4'" 
572 C  "C3'" . A   D 7 ? 0.2409 0.1602 0.2488 -0.0175 0.0165  -0.0028 14   A   D "C3'" 
573 O  "O3'" . A   D 7 ? 0.2739 0.1602 0.3058 -0.0027 0.0231  -0.0247 14   A   D "O3'" 
574 C  "C2'" . A   D 7 ? 0.2318 0.1489 0.2672 -0.0339 0.0154  -0.0069 14   A   D "C2'" 
575 O  "O2'" . A   D 7 ? 0.2830 0.1532 0.2943 -0.0572 0.0411  -0.0061 14   A   D "O2'" 
576 C  "C1'" . A   D 7 ? 0.2212 0.1514 0.2429 -0.0366 0.0142  0.0006  14   A   D "C1'" 
577 N  N9    . A   D 7 ? 0.2137 0.1736 0.2334 -0.0285 0.0156  -0.0100 14   A   D N9    
578 C  C8    . A   D 7 ? 0.2085 0.1825 0.2502 -0.0298 0.0063  -0.0254 14   A   D C8    
579 N  N7    . A   D 7 ? 0.2000 0.1888 0.3032 -0.0248 -0.0053 -0.0495 14   A   D N7    
580 C  C5    . A   D 7 ? 0.1987 0.1878 0.2898 -0.0204 0.0017  -0.0424 14   A   D C5    
581 C  C6    . A   D 7 ? 0.1924 0.1997 0.3221 -0.0151 0.0009  -0.0681 14   A   D C6    
582 N  N6    . A   D 7 ? 0.2023 0.2037 0.3529 -0.0274 -0.0157 -0.1096 14   A   D N6    
583 N  N1    . A   D 7 ? 0.1803 0.2119 0.3411 -0.0097 0.0062  -0.0799 14   A   D N1    
584 C  C2    . A   D 7 ? 0.1951 0.2006 0.3091 -0.0131 0.0133  -0.0585 14   A   D C2    
585 N  N3    . A   D 7 ? 0.2041 0.1908 0.2832 -0.0145 0.0164  -0.0331 14   A   D N3    
586 C  C4    . A   D 7 ? 0.2063 0.1845 0.2754 -0.0214 0.0107  -0.0287 14   A   D C4    
587 NA NA    . NA  E . ? 0.1850 0.2290 0.2023 -0.0059 0.0146  0.0141  8    NA  A NA    
588 NA NA    . NA  F . ? 0.3157 0.2201 0.2180 0.0107  -0.0100 0.0265  1    NA  D NA    
589 O  O     . HOH G . ? 0.1657 0.2158 0.2287 0.0366  -0.0599 -0.0404 996  HOH A O     
590 O  O     . HOH G . ? 0.2689 0.1748 0.2370 -0.0577 -0.0149 -0.0621 999  HOH A O     
591 O  O     . HOH G . ? 0.2562 0.2684 0.4292 -0.0120 -0.0326 -0.0689 1000 HOH A O     
592 O  O     . HOH G . ? 0.2446 0.2103 0.1498 -0.0309 0.0212  0.0335  1001 HOH A O     
593 O  O     . HOH G . ? 0.1657 0.2917 0.1641 -0.0029 -0.0147 0.0047  1004 HOH A O     
594 O  O     . HOH G . ? 0.3179 0.2538 0.1486 0.0439  0.0194  0.0012  1012 HOH A O     
595 O  O     . HOH G . ? 0.2847 0.2980 0.1761 -0.0368 0.0762  0.0810  1014 HOH A O     
596 O  O     . HOH G . ? 0.3125 0.4049 0.3436 0.0388  0.0256  -0.0510 1019 HOH A O     
597 O  O     . HOH G . ? 0.3297 0.2219 0.3615 -0.1088 0.0668  -0.0422 1021 HOH A O     
598 O  O     . HOH G . ? 0.2765 0.3829 0.1875 0.0111  -0.0485 -0.0394 1023 HOH A O     
599 O  O     . HOH G . ? 0.3412 0.2859 0.2472 0.0121  -0.0944 -0.0813 1024 HOH A O     
600 O  O     . HOH G . ? 0.3328 0.3486 0.2465 0.0071  0.0138  0.0140  1028 HOH A O     
601 O  O     . HOH G . ? 0.2309 0.3451 0.1936 0.0470  -0.0845 -0.0398 1029 HOH A O     
602 O  O     . HOH G . ? 0.3708 0.3042 0.4850 -0.0816 0.0473  -0.0011 1032 HOH A O     
603 O  O     . HOH G . ? 0.2160 0.2653 0.3219 0.0214  -0.0155 -0.0791 1033 HOH A O     
604 O  O     . HOH G . ? 0.4920 0.5171 0.4129 0.0075  -0.0102 0.0056  1047 HOH A O     
605 O  O     . HOH G . ? 0.3107 0.2204 0.2067 -0.0725 0.0510  0.0453  1051 HOH A O     
606 O  O     . HOH G . ? 0.1504 0.3016 0.1452 0.0086  -0.0576 -0.0003 1052 HOH A O     
607 O  O     . HOH G . ? 0.1863 0.2034 0.2343 0.0607  -0.0492 -0.0022 1057 HOH A O     
608 O  O     . HOH G . ? 0.3389 0.4867 0.2123 0.0448  -0.0782 0.0059  1064 HOH A O     
609 O  O     . HOH G . ? 0.2471 0.3110 0.4099 0.0103  -0.0222 -0.0846 1075 HOH A O     
610 O  O     . HOH G . ? 0.3484 0.2719 0.1781 0.0386  0.0963  0.1151  1090 HOH A O     
611 O  O     . HOH G . ? 0.2102 0.3618 0.2466 -0.0286 -0.0490 -0.0612 1091 HOH A O     
612 O  O     . HOH G . ? 0.5271 0.5211 0.4126 -0.0047 0.0170  0.0342  1096 HOH A O     
613 O  O     . HOH G . ? 0.4617 0.3267 0.4445 -0.0193 0.0329  0.0027  1103 HOH A O     
614 O  O     . HOH G . ? 0.2872 0.4241 0.4935 -0.0236 -0.0323 -0.0395 1104 HOH A O     
615 O  O     . HOH G . ? 0.2968 0.3140 0.2158 -0.0401 -0.0002 0.0245  1113 HOH A O     
616 O  O     . HOH G . ? 0.2180 0.2136 0.1326 0.0234  -0.0129 0.0619  1119 HOH A O     
617 O  O     . HOH G . ? 0.2036 0.2813 0.0817 0.1706  0.0056  -0.0513 1120 HOH A O     
618 O  O     . HOH G . ? 0.5218 0.5448 0.3735 0.0318  0.0115  0.0046  1130 HOH A O     
619 O  O     . HOH G . ? 0.3289 0.2084 0.5204 -0.0509 0.0150  -0.0834 1132 HOH A O     
620 O  O     . HOH G . ? 0.6215 0.6440 0.6362 -0.0103 0.0072  0.0044  1136 HOH A O     
621 O  O     . HOH G . ? 0.2723 0.1158 0.3112 -0.0085 0.0394  0.0335  1137 HOH A O     
622 O  O     . HOH H . ? 0.1544 0.2580 0.1858 -0.0546 -0.0421 -0.0166 1002 HOH B O     
623 O  O     . HOH H . ? 0.2124 0.0877 0.1784 0.0063  0.0350  0.0261  1006 HOH B O     
624 O  O     . HOH H . ? 0.2509 0.2500 0.1790 -0.0198 0.0332  0.0197  1013 HOH B O     
625 O  O     . HOH H . ? 0.2937 0.3266 0.1411 0.0129  -0.0673 0.0021  1016 HOH B O     
626 O  O     . HOH H . ? 0.3744 0.2434 0.3630 -0.0301 0.0199  0.0586  1018 HOH B O     
627 O  O     . HOH H . ? 0.2372 0.2038 0.2534 -0.0781 -0.0270 0.0546  1025 HOH B O     
628 O  O     . HOH H . ? 0.3017 0.2422 0.1903 -0.0493 -0.0013 0.1076  1030 HOH B O     
629 O  O     . HOH H . ? 0.3063 0.3849 0.3544 0.0011  -0.0402 -0.0701 1034 HOH B O     
630 O  O     . HOH H . ? 0.4437 0.4168 0.4035 0.0217  0.0590  -0.0166 1037 HOH B O     
631 O  O     . HOH H . ? 0.5228 0.4947 0.5456 0.0002  0.0211  0.0230  1049 HOH B O     
632 O  O     . HOH H . ? 0.1954 0.2729 0.1520 -0.0447 -0.0200 0.0089  1054 HOH B O     
633 O  O     . HOH H . ? 0.3952 0.3524 0.3678 -0.0377 0.0280  0.0775  1061 HOH B O     
634 O  O     . HOH H . ? 0.1743 0.2311 0.4167 -0.0807 -0.0020 -0.0719 1065 HOH B O     
635 O  O     . HOH H . ? 0.4024 0.2835 0.4560 0.0016  0.0020  0.0206  1066 HOH B O     
636 O  O     . HOH H . ? 0.6294 0.6073 0.6628 0.0133  -0.0212 -0.0041 1070 HOH B O     
637 O  O     . HOH H . ? 0.2519 0.2433 0.3883 0.0460  -0.0061 -0.0269 1072 HOH B O     
638 O  O     . HOH H . ? 0.3926 0.3022 0.4448 -0.0265 0.0160  0.0189  1077 HOH B O     
639 O  O     . HOH H . ? 0.3567 0.2513 0.2003 -0.0306 -0.0039 0.0404  1078 HOH B O     
640 O  O     . HOH H . ? 0.4815 0.4383 0.3425 0.0241  0.0158  0.0540  1082 HOH B O     
641 O  O     . HOH H . ? 0.3123 0.2803 0.1893 0.0318  0.0350  0.0247  1088 HOH B O     
642 O  O     . HOH H . ? 0.2470 0.2444 0.2264 0.0423  0.0142  0.0040  1093 HOH B O     
643 O  O     . HOH H . ? 0.3462 0.3119 0.2698 -0.0505 -0.0861 -0.0443 1098 HOH B O     
644 O  O     . HOH H . ? 0.4143 0.4045 0.4758 0.0225  -0.0498 -0.0130 1099 HOH B O     
645 O  O     . HOH H . ? 0.2188 0.2119 0.1140 -0.0520 0.0343  0.0070  1111 HOH B O     
646 O  O     . HOH H . ? 0.1231 0.1024 0.0756 0.0266  -0.0050 0.0697  1114 HOH B O     
647 O  O     . HOH H . ? 0.3813 0.2440 0.1099 0.0187  0.0713  0.1271  1125 HOH B O     
648 O  O     . HOH H . ? 0.4250 0.3462 0.2066 0.0401  0.0499  0.0178  1127 HOH B O     
649 O  O     . HOH H . ? 0.3686 0.3689 0.3121 0.0560  -0.0094 -0.0136 1128 HOH B O     
650 O  O     . HOH H . ? 0.4553 0.4234 0.4550 -0.0184 0.1297  0.0255  1133 HOH B O     
651 O  O     . HOH H . ? 0.0492 0.1201 0.1610 0.0191  -0.0123 -0.0298 1138 HOH B O     
652 O  O     . HOH H . ? 0.5484 0.5680 0.4532 -0.0105 0.0090  -0.0169 1139 HOH B O     
653 O  O     . HOH I . ? 0.0355 0.2991 0.1006 -0.0246 0.0373  -0.0091 1005 HOH C O     
654 O  O     . HOH I . ? 0.1874 0.1523 0.2711 -0.0869 0.0751  0.0302  1008 HOH C O     
655 O  O     . HOH I . ? 0.1678 0.2030 0.1226 -0.0346 -0.0567 -0.0341 1010 HOH C O     
656 O  O     . HOH I . ? 0.1710 0.3695 0.2297 0.0170  -0.1179 -0.0551 1020 HOH C O     
657 O  O     . HOH I . ? 0.3001 0.2108 0.2709 -0.0206 -0.0257 0.0023  1026 HOH C O     
658 O  O     . HOH I . ? 0.2774 0.3968 0.3972 -0.0131 -0.1047 -0.0439 1031 HOH C O     
659 O  O     . HOH I . ? 0.2870 0.3245 0.2428 -0.0050 -0.0622 -0.0368 1035 HOH C O     
660 O  O     . HOH I . ? 0.2153 0.3209 0.1968 0.0963  -0.0405 0.0516  1038 HOH C O     
661 O  O     . HOH I . ? 0.3941 0.3147 0.2054 0.0420  0.0096  0.0641  1039 HOH C O     
662 O  O     . HOH I . ? 0.3814 0.3215 0.4046 -0.0261 0.0440  -0.0087 1042 HOH C O     
663 O  O     . HOH I . ? 0.3257 0.3336 0.3862 -0.0463 -0.0152 -0.0721 1055 HOH C O     
664 O  O     . HOH I . ? 0.4324 0.4227 0.1494 0.0297  0.0353  0.0730  1056 HOH C O     
665 O  O     . HOH I . ? 0.4650 0.5189 0.4824 0.0146  -0.0574 -0.0246 1063 HOH C O     
666 O  O     . HOH I . ? 0.1927 0.3099 0.3116 -0.0202 -0.1062 -0.0074 1069 HOH C O     
667 O  O     . HOH I . ? 0.5214 0.4614 0.3688 0.0026  0.0071  0.0535  1076 HOH C O     
668 O  O     . HOH I . ? 0.3471 0.4572 0.3437 0.0570  -0.0478 -0.0149 1081 HOH C O     
669 O  O     . HOH I . ? 0.4909 0.4467 0.4997 -0.0208 -0.0037 0.0612  1084 HOH C O     
670 O  O     . HOH I . ? 0.2258 0.2832 0.2186 0.0431  -0.0319 0.0550  1085 HOH C O     
671 O  O     . HOH I . ? 0.2630 0.3880 0.1780 0.0549  -0.1076 0.0185  1086 HOH C O     
672 O  O     . HOH I . ? 0.2741 0.2236 0.3028 0.0017  0.0201  -0.0337 1087 HOH C O     
673 O  O     . HOH I . ? 0.3204 0.2501 0.4268 0.0247  -0.0212 -0.0474 1089 HOH C O     
674 O  O     . HOH I . ? 0.3182 0.3158 0.4309 -0.0871 -0.0552 -0.0406 1094 HOH C O     
675 O  O     . HOH I . ? 0.3031 0.3270 0.2541 -0.0021 -0.0518 0.0206  1097 HOH C O     
676 O  O     . HOH I . ? 0.2537 0.3479 0.3188 -0.0130 -0.0082 -0.0462 1100 HOH C O     
677 O  O     . HOH I . ? 0.2441 0.2714 0.3410 -0.0552 0.0066  -0.0659 1101 HOH C O     
678 O  O     . HOH I . ? 0.3457 0.3522 0.2156 -0.0082 0.0102  -0.0147 1106 HOH C O     
679 O  O     . HOH I . ? 0.2905 0.3140 0.3473 -0.0049 -0.0095 -0.0146 1109 HOH C O     
680 O  O     . HOH I . ? 0.4207 0.3648 0.3275 0.0010  -0.0040 0.0238  1116 HOH C O     
681 O  O     . HOH I . ? 0.4482 0.4890 0.2535 0.0126  0.1108  0.0375  1117 HOH C O     
682 O  O     . HOH I . ? 0.5178 0.5457 0.5345 -0.0067 -0.0436 -0.0543 1126 HOH C O     
683 O  O     . HOH I . ? 0.3080 0.3532 0.2249 0.0748  -0.0118 -0.0219 1129 HOH C O     
684 O  O     . HOH J . ? 0.2483 0.2990 0.1990 0.0180  -0.0976 -0.0381 997  HOH D O     
685 O  O     . HOH J . ? 0.1472 0.1039 0.1693 0.0515  0.0101  0.0553  998  HOH D O     
686 O  O     . HOH J . ? 0.2697 0.2995 0.3262 -0.0862 -0.0416 0.0040  1003 HOH D O     
687 O  O     . HOH J . ? 0.3030 0.2345 0.0846 -0.0357 -0.0243 0.0380  1007 HOH D O     
688 O  O     . HOH J . ? 0.3822 0.3187 0.3631 -0.0475 0.0001  0.0209  1009 HOH D O     
689 O  O     . HOH J . ? 0.4456 0.4437 0.4475 0.0345  -0.0011 0.0357  1015 HOH D O     
690 O  O     . HOH J . ? 0.1668 0.1790 0.1829 -0.0480 0.0308  0.0673  1017 HOH D O     
691 O  O     . HOH J . ? 0.1884 0.4146 0.1850 0.0111  -0.0744 -0.0171 1036 HOH D O     
692 O  O     . HOH J . ? 0.3869 0.4742 0.3990 0.0182  -0.0151 -0.0071 1040 HOH D O     
693 O  O     . HOH J . ? 0.2697 0.1958 0.2007 0.0276  0.0280  0.0315  1041 HOH D O     
694 O  O     . HOH J . ? 0.3096 0.2073 0.2747 0.0307  0.0328  0.0241  1043 HOH D O     
695 O  O     . HOH J . ? 0.3881 0.3525 0.3830 -0.0188 0.0140  -0.0330 1045 HOH D O     
696 O  O     . HOH J . ? 0.3196 0.3068 0.4147 -0.0233 0.0208  -0.0220 1046 HOH D O     
697 O  O     . HOH J . ? 0.5247 0.4395 0.3282 -0.0063 0.0383  0.0934  1048 HOH D O     
698 O  O     . HOH J . ? 0.2806 0.2401 0.3012 0.0509  -0.0145 0.0225  1050 HOH D O     
699 O  O     . HOH J . ? 0.3096 0.3296 0.3225 0.0075  -0.0198 0.0490  1053 HOH D O     
700 O  O     . HOH J . ? 0.2987 0.3691 0.2537 -0.0127 0.0326  -0.0067 1058 HOH D O     
701 O  O     . HOH J . ? 0.3258 0.3877 0.3858 0.0155  -0.0005 -0.0444 1059 HOH D O     
702 O  O     . HOH J . ? 0.4190 0.4735 0.4118 0.0223  -0.0299 0.0123  1060 HOH D O     
703 O  O     . HOH J . ? 0.2154 0.3024 0.3509 0.0171  0.0234  0.0347  1062 HOH D O     
704 O  O     . HOH J . ? 0.3817 0.4173 0.4008 -0.0297 0.0093  0.0116  1067 HOH D O     
705 O  O     . HOH J . ? 0.3504 0.3603 0.4692 -0.0302 0.0332  0.0155  1071 HOH D O     
706 O  O     . HOH J . ? 0.2891 0.2024 0.3053 0.0351  -0.0077 -0.0151 1074 HOH D O     
707 O  O     . HOH J . ? 0.4477 0.4305 0.3978 0.0112  0.0263  -0.0054 1079 HOH D O     
708 O  O     . HOH J . ? 0.3869 0.3660 0.4724 0.0150  -0.0469 0.0059  1080 HOH D O     
709 O  O     . HOH J . ? 0.4793 0.4451 0.4672 -0.0098 0.0104  -0.0083 1083 HOH D O     
710 O  O     . HOH J . ? 0.3608 0.2581 0.3604 0.0039  0.0235  0.0099  1092 HOH D O     
711 O  O     . HOH J . ? 0.4447 0.4241 0.4357 -0.0153 0.0404  0.0053  1095 HOH D O     
712 O  O     . HOH J . ? 0.3276 0.2304 0.2798 0.0089  0.0712  0.0383  1105 HOH D O     
713 O  O     . HOH J . ? 0.3862 0.2696 0.4837 -0.0217 -0.0011 -0.0094 1107 HOH D O     
714 O  O     . HOH J . ? 0.3152 0.4415 0.4303 -0.0298 -0.0872 -0.0770 1108 HOH D O     
715 O  O     . HOH J . ? 0.3523 0.2639 0.5190 -0.1088 0.0186  -0.0310 1110 HOH D O     
716 O  O     . HOH J . ? 0.2458 0.1739 0.2898 0.0260  0.0517  0.0330  1115 HOH D O     
717 O  O     . HOH J . ? 0.2688 0.3752 0.2360 0.0103  -0.0128 -0.0452 1118 HOH D O     
718 O  O     . HOH J . ? 0.2350 0.1966 0.3005 -0.0106 0.2009  0.0546  1121 HOH D O     
719 O  O     . HOH J . ? 0.1782 0.1790 0.1030 -0.0423 -0.0254 0.0223  1131 HOH D O     
720 O  O     . HOH J . ? 0.1832 0.1520 0.2231 -0.0515 0.0899  -0.0171 1134 HOH D O     
721 O  O     . HOH J . ? 0.4323 0.3537 0.1759 0.0035  0.0537  0.1268  1135 HOH D O     
# 
